data_9I4F
#
_entry.id   9I4F
#
_cell.length_a   107.130
_cell.length_b   129.026
_cell.length_c   108.296
_cell.angle_alpha   90.000
_cell.angle_beta   90.177
_cell.angle_gamma   90.000
#
_symmetry.space_group_name_H-M   'P 1 21 1'
#
loop_
_entity.id
_entity.type
_entity.pdbx_description
1 polymer 'Alpha-1,3-galactosidase PpaGal'
2 non-polymer 1,2-ETHANEDIOL
3 water water
#
_entity_poly.entity_id   1
_entity_poly.type   'polypeptide(L)'
_entity_poly.pdbx_seq_one_letter_code
;SEFNVKIYKLSAYGIKPNSGKNTTPLLTSLLKEIKSKTSDLDKVIIQFEKGRYDFYPEGAIKREYYISNHDQDNPKTVGI
GIEKFNNITLIGKGTDLMFHGRMLPLALIESSNVKIKDLNIDFEKPQITQVKIISNDTTAGNIVFETAPWVKYKLKDSTF
YNTGEGWEMQPTSGIAFENGTKHIIFNSGDIGVGTKSVSEVSPGKIMAHHWKNKKLVPGTVIAMRSWQRPAPGIFVHKGK
NISFENVKVHYAEGMGLLAQLTENIYMDGFGVCLRGKNDPRYFTTQADATHFSGCKGEIVSKNGLYEGMMDDAINIHGTY
LKITKKLDDHTVIANYMHEQSYGFDWGNIRDTVQFIQSKTMELWDAKNTIASIKPILRNSTDPIKEFRIEFTKALDPVID
PSKQDIGIENLSWTPSVVFTGNTIRNNRARGALFSTPKPTLVANNLFDHTSGCAILLCGDSNGWYETGSCRDITIRDNKF
VNALTSMYQFTSAIISIYPEIPDLTNQKKYFHSGIRILNNQFDTFDQPILYAKSVDGLVFTGNKIQTNKEYPAFHSNKKR
FLFERVIGVDFSDNKVDGKPIEML
;
_entity_poly.pdbx_strand_id   A,B,C,D
#
loop_
_chem_comp.id
_chem_comp.type
_chem_comp.name
_chem_comp.formula
EDO non-polymer 1,2-ETHANEDIOL 'C2 H6 O2'
#
# COMPACT_ATOMS: atom_id res chain seq x y z
N SER A 1 -59.19 -18.93 -19.72
CA SER A 1 -60.17 -19.92 -20.31
C SER A 1 -61.52 -19.26 -20.66
N GLU A 2 -62.36 -18.97 -19.67
CA GLU A 2 -63.55 -18.09 -19.78
C GLU A 2 -63.07 -16.64 -19.73
N PHE A 3 -61.76 -16.41 -19.76
CA PHE A 3 -61.09 -15.08 -19.70
C PHE A 3 -60.21 -14.89 -20.93
N ASN A 4 -60.20 -13.71 -21.54
CA ASN A 4 -59.28 -13.49 -22.68
C ASN A 4 -57.83 -13.55 -22.16
N VAL A 5 -57.56 -12.83 -21.08
CA VAL A 5 -56.25 -12.86 -20.35
C VAL A 5 -56.53 -13.27 -18.90
N LYS A 6 -55.72 -14.13 -18.32
CA LYS A 6 -55.76 -14.35 -16.86
C LYS A 6 -54.78 -13.39 -16.18
N ILE A 7 -55.22 -12.48 -15.33
CA ILE A 7 -54.32 -11.48 -14.71
C ILE A 7 -54.09 -11.87 -13.25
N TYR A 8 -52.86 -12.11 -12.83
CA TYR A 8 -52.55 -12.42 -11.41
C TYR A 8 -51.97 -11.14 -10.79
N LYS A 9 -52.78 -10.44 -10.01
CA LYS A 9 -52.24 -9.38 -9.12
C LYS A 9 -51.41 -10.10 -8.05
N LEU A 10 -50.14 -9.78 -7.89
CA LEU A 10 -49.23 -10.68 -7.13
C LEU A 10 -49.63 -10.66 -5.66
N SER A 11 -50.07 -9.51 -5.17
CA SER A 11 -50.51 -9.31 -3.77
C SER A 11 -51.69 -10.24 -3.40
N ALA A 12 -52.50 -10.67 -4.34
CA ALA A 12 -53.58 -11.63 -4.04
C ALA A 12 -52.98 -13.03 -3.85
N TYR A 13 -51.71 -13.23 -4.18
CA TYR A 13 -51.05 -14.56 -4.18
C TYR A 13 -49.84 -14.49 -3.25
N GLY A 14 -49.92 -13.67 -2.19
CA GLY A 14 -48.98 -13.70 -1.07
C GLY A 14 -47.68 -12.99 -1.38
N ILE A 15 -47.67 -12.08 -2.36
CA ILE A 15 -46.41 -11.40 -2.76
C ILE A 15 -46.61 -9.89 -2.84
N LYS A 16 -46.21 -9.26 -1.72
CA LYS A 16 -46.54 -7.86 -1.41
C LYS A 16 -45.30 -7.00 -1.51
N PRO A 17 -45.46 -5.69 -1.81
CA PRO A 17 -44.33 -4.76 -1.86
C PRO A 17 -43.94 -4.25 -0.46
N ASN A 18 -42.65 -3.94 -0.28
CA ASN A 18 -42.14 -3.24 0.91
C ASN A 18 -42.21 -4.19 2.11
N SER A 19 -42.31 -5.50 1.87
CA SER A 19 -42.40 -6.47 2.99
C SER A 19 -41.00 -6.67 3.53
N GLY A 20 -40.00 -6.37 2.71
CA GLY A 20 -38.60 -6.72 3.01
C GLY A 20 -38.36 -8.22 3.10
N LYS A 21 -39.30 -9.07 2.68
CA LYS A 21 -39.03 -10.53 2.66
C LYS A 21 -38.40 -10.96 1.34
N ASN A 22 -37.87 -12.16 1.35
CA ASN A 22 -37.23 -12.80 0.18
C ASN A 22 -38.36 -13.18 -0.77
N THR A 23 -38.49 -12.48 -1.89
CA THR A 23 -39.59 -12.68 -2.86
C THR A 23 -39.24 -13.87 -3.76
N THR A 24 -37.99 -14.32 -3.74
CA THR A 24 -37.47 -15.26 -4.75
C THR A 24 -38.23 -16.57 -4.67
N PRO A 25 -38.27 -17.26 -3.51
CA PRO A 25 -38.84 -18.61 -3.44
C PRO A 25 -40.35 -18.63 -3.74
N LEU A 26 -41.01 -17.50 -3.44
CA LEU A 26 -42.47 -17.26 -3.61
C LEU A 26 -42.81 -17.09 -5.09
N LEU A 27 -42.18 -16.13 -5.80
CA LEU A 27 -42.48 -15.87 -7.22
C LEU A 27 -42.12 -17.10 -8.03
N THR A 28 -41.01 -17.74 -7.72
CA THR A 28 -40.60 -19.05 -8.30
C THR A 28 -41.68 -20.09 -8.08
N SER A 29 -42.12 -20.40 -6.88
CA SER A 29 -43.18 -21.41 -6.66
C SER A 29 -44.48 -21.03 -7.42
N LEU A 30 -44.82 -19.73 -7.45
CA LEU A 30 -46.09 -19.25 -8.04
C LEU A 30 -46.07 -19.38 -9.57
N LEU A 31 -45.03 -18.86 -10.25
CA LEU A 31 -44.85 -19.01 -11.73
C LEU A 31 -44.83 -20.49 -12.09
N LYS A 32 -44.23 -21.35 -11.30
CA LYS A 32 -44.21 -22.80 -11.61
C LYS A 32 -45.64 -23.32 -11.69
N GLU A 33 -46.49 -22.92 -10.73
CA GLU A 33 -47.91 -23.33 -10.71
C GLU A 33 -48.69 -22.71 -11.88
N ILE A 34 -48.58 -21.40 -12.11
CA ILE A 34 -49.31 -20.72 -13.20
C ILE A 34 -48.96 -21.41 -14.53
N LYS A 35 -47.70 -21.80 -14.70
CA LYS A 35 -47.23 -22.46 -15.92
C LYS A 35 -47.87 -23.87 -16.01
N SER A 36 -47.86 -24.64 -14.92
CA SER A 36 -48.31 -26.04 -14.95
C SER A 36 -49.79 -26.10 -15.31
N LYS A 37 -50.51 -24.97 -15.30
CA LYS A 37 -51.94 -24.90 -15.69
C LYS A 37 -52.03 -24.27 -17.08
N THR A 38 -51.54 -23.05 -17.24
CA THR A 38 -51.71 -22.30 -18.51
C THR A 38 -51.16 -23.09 -19.70
N SER A 39 -52.02 -23.25 -20.71
CA SER A 39 -51.73 -23.90 -22.01
C SER A 39 -50.95 -22.93 -22.87
N ASP A 40 -50.47 -23.39 -24.01
CA ASP A 40 -49.63 -22.51 -24.85
C ASP A 40 -50.56 -21.42 -25.43
N LEU A 41 -51.82 -21.74 -25.69
CA LEU A 41 -52.78 -20.79 -26.28
C LEU A 41 -53.13 -19.69 -25.27
N ASP A 42 -53.09 -20.08 -23.99
CA ASP A 42 -53.52 -19.26 -22.82
C ASP A 42 -52.61 -18.03 -22.70
N LYS A 43 -53.19 -16.85 -22.53
CA LYS A 43 -52.47 -15.57 -22.25
C LYS A 43 -52.49 -15.29 -20.74
N VAL A 44 -51.34 -14.89 -20.19
CA VAL A 44 -51.08 -14.70 -18.74
C VAL A 44 -50.53 -13.29 -18.53
N ILE A 45 -50.88 -12.63 -17.43
CA ILE A 45 -50.20 -11.38 -16.94
C ILE A 45 -49.87 -11.60 -15.45
N ILE A 46 -48.65 -11.25 -15.04
CA ILE A 46 -48.15 -11.21 -13.63
C ILE A 46 -48.01 -9.74 -13.24
N GLN A 47 -48.75 -9.28 -12.22
CA GLN A 47 -48.80 -7.83 -11.88
C GLN A 47 -48.27 -7.50 -10.47
N PHE A 48 -47.19 -6.72 -10.49
CA PHE A 48 -46.47 -6.10 -9.33
C PHE A 48 -47.10 -4.74 -9.03
N GLU A 49 -47.06 -4.33 -7.77
CA GLU A 49 -47.64 -3.03 -7.31
C GLU A 49 -46.52 -2.02 -7.09
N LYS A 50 -46.91 -0.76 -6.92
CA LYS A 50 -46.03 0.33 -6.48
C LYS A 50 -45.28 -0.14 -5.23
N GLY A 51 -43.95 0.00 -5.27
CA GLY A 51 -43.07 -0.30 -4.12
C GLY A 51 -41.95 -1.27 -4.48
N ARG A 52 -41.33 -1.81 -3.45
CA ARG A 52 -40.05 -2.53 -3.54
C ARG A 52 -40.23 -4.01 -3.22
N TYR A 53 -39.68 -4.88 -4.05
CA TYR A 53 -39.66 -6.35 -3.84
C TYR A 53 -38.18 -6.74 -3.78
N ASP A 54 -37.77 -7.44 -2.75
CA ASP A 54 -36.34 -7.81 -2.61
C ASP A 54 -36.24 -9.29 -2.95
N PHE A 55 -35.21 -9.63 -3.71
CA PHE A 55 -34.88 -11.01 -4.12
C PHE A 55 -33.50 -11.32 -3.61
N TYR A 56 -33.35 -12.50 -3.02
CA TYR A 56 -32.04 -12.98 -2.54
C TYR A 56 -31.71 -14.29 -3.23
N PRO A 57 -30.45 -14.70 -3.22
CA PRO A 57 -30.08 -16.01 -3.72
C PRO A 57 -30.91 -17.17 -3.15
N GLU A 58 -31.39 -17.11 -1.92
CA GLU A 58 -32.03 -18.31 -1.30
C GLU A 58 -33.33 -18.59 -2.04
N GLY A 59 -33.48 -19.85 -2.46
CA GLY A 59 -34.67 -20.39 -3.15
C GLY A 59 -34.74 -20.00 -4.61
N ALA A 60 -33.70 -19.36 -5.15
CA ALA A 60 -33.56 -19.06 -6.60
C ALA A 60 -33.32 -20.35 -7.35
N ILE A 61 -33.67 -20.37 -8.62
CA ILE A 61 -33.34 -21.54 -9.47
C ILE A 61 -31.86 -21.42 -9.83
N LYS A 62 -31.17 -22.57 -9.89
CA LYS A 62 -29.79 -22.65 -10.44
C LYS A 62 -29.79 -23.23 -11.85
N ARG A 63 -29.62 -22.36 -12.83
CA ARG A 63 -29.50 -22.75 -14.27
C ARG A 63 -28.04 -22.65 -14.76
N GLU A 64 -27.60 -23.66 -15.52
CA GLU A 64 -26.35 -23.58 -16.30
C GLU A 64 -26.67 -22.84 -17.60
N TYR A 65 -26.25 -21.59 -17.75
CA TYR A 65 -26.51 -20.83 -18.98
C TYR A 65 -25.19 -20.45 -19.64
N TYR A 66 -25.15 -20.52 -20.95
CA TYR A 66 -24.03 -19.98 -21.73
C TYR A 66 -24.50 -18.68 -22.35
N ILE A 67 -23.79 -17.62 -22.01
CA ILE A 67 -24.24 -16.25 -22.32
C ILE A 67 -23.18 -15.58 -23.18
N SER A 68 -23.58 -15.17 -24.37
CA SER A 68 -22.67 -14.41 -25.25
C SER A 68 -22.11 -13.21 -24.49
N ASN A 69 -20.81 -13.00 -24.65
CA ASN A 69 -20.03 -11.77 -24.33
C ASN A 69 -19.97 -11.58 -22.81
N HIS A 70 -19.90 -12.67 -22.06
CA HIS A 70 -19.91 -12.70 -20.57
C HIS A 70 -19.00 -13.84 -20.06
N ASP A 71 -18.52 -13.74 -18.83
CA ASP A 71 -17.87 -14.88 -18.14
C ASP A 71 -18.83 -16.08 -18.09
N GLN A 72 -18.28 -17.27 -18.21
CA GLN A 72 -19.08 -18.51 -18.21
C GLN A 72 -18.94 -19.19 -16.87
N ASP A 73 -19.29 -18.47 -15.81
CA ASP A 73 -19.27 -19.05 -14.44
C ASP A 73 -20.60 -19.76 -14.24
N ASN A 74 -20.60 -21.05 -13.91
CA ASN A 74 -21.88 -21.77 -13.72
C ASN A 74 -21.89 -22.49 -12.37
N PRO A 75 -23.08 -22.75 -11.78
CA PRO A 75 -24.36 -22.34 -12.37
C PRO A 75 -24.61 -20.83 -12.22
N LYS A 76 -25.66 -20.29 -12.83
CA LYS A 76 -26.11 -18.90 -12.56
C LYS A 76 -27.22 -18.98 -11.53
N THR A 77 -27.24 -18.02 -10.61
CA THR A 77 -28.29 -17.82 -9.59
C THR A 77 -29.33 -16.88 -10.19
N VAL A 78 -30.48 -17.44 -10.52
CA VAL A 78 -31.50 -16.78 -11.36
C VAL A 78 -32.66 -16.41 -10.47
N GLY A 79 -32.93 -15.10 -10.44
CA GLY A 79 -34.01 -14.50 -9.65
C GLY A 79 -35.37 -14.87 -10.19
N ILE A 80 -35.64 -14.49 -11.43
CA ILE A 80 -36.92 -14.83 -12.10
C ILE A 80 -36.65 -15.59 -13.40
N GLY A 81 -37.00 -16.87 -13.43
CA GLY A 81 -36.86 -17.72 -14.63
C GLY A 81 -38.15 -17.87 -15.41
N ILE A 82 -38.29 -17.13 -16.50
CA ILE A 82 -39.37 -17.34 -17.51
C ILE A 82 -38.82 -18.34 -18.53
N GLU A 83 -39.09 -19.63 -18.36
CA GLU A 83 -38.52 -20.70 -19.23
C GLU A 83 -39.62 -21.48 -19.97
N LYS A 84 -39.67 -21.40 -21.30
CA LYS A 84 -40.60 -22.20 -22.12
C LYS A 84 -42.01 -21.88 -21.68
N PHE A 85 -42.31 -20.59 -21.66
CA PHE A 85 -43.54 -20.00 -21.08
C PHE A 85 -43.97 -18.89 -22.02
N ASN A 86 -45.11 -19.04 -22.71
CA ASN A 86 -45.46 -18.06 -23.76
C ASN A 86 -46.66 -17.21 -23.37
N ASN A 87 -46.72 -16.07 -24.04
CA ASN A 87 -47.85 -15.10 -24.02
C ASN A 87 -47.98 -14.51 -22.64
N ILE A 88 -46.85 -14.27 -22.00
CA ILE A 88 -46.80 -13.88 -20.57
C ILE A 88 -46.25 -12.46 -20.52
N THR A 89 -46.90 -11.60 -19.74
CA THR A 89 -46.46 -10.20 -19.54
C THR A 89 -46.16 -10.03 -18.07
N LEU A 90 -44.97 -9.55 -17.69
CA LEU A 90 -44.68 -9.08 -16.32
C LEU A 90 -44.82 -7.57 -16.32
N ILE A 91 -45.73 -7.05 -15.55
CA ILE A 91 -45.97 -5.60 -15.51
C ILE A 91 -45.84 -5.13 -14.06
N GLY A 92 -45.44 -3.88 -13.90
CA GLY A 92 -45.40 -3.23 -12.59
C GLY A 92 -46.02 -1.85 -12.66
N LYS A 93 -45.97 -1.11 -11.58
CA LYS A 93 -46.49 0.26 -11.55
C LYS A 93 -45.47 1.09 -10.77
N GLY A 94 -44.44 1.63 -11.45
CA GLY A 94 -43.20 2.09 -10.77
C GLY A 94 -42.72 1.07 -9.74
N THR A 95 -42.42 -0.14 -10.21
CA THR A 95 -42.04 -1.28 -9.34
C THR A 95 -40.52 -1.32 -9.30
N ASP A 96 -39.97 -1.58 -8.13
CA ASP A 96 -38.52 -1.67 -7.89
C ASP A 96 -38.18 -3.09 -7.47
N LEU A 97 -37.65 -3.90 -8.39
CA LEU A 97 -37.16 -5.26 -8.08
C LEU A 97 -35.72 -5.11 -7.65
N MET A 98 -35.43 -5.43 -6.40
CA MET A 98 -34.12 -5.14 -5.77
C MET A 98 -33.44 -6.47 -5.52
N PHE A 99 -32.23 -6.65 -6.09
CA PHE A 99 -31.54 -7.96 -5.96
C PHE A 99 -30.39 -7.84 -4.99
N HIS A 100 -30.05 -8.98 -4.44
CA HIS A 100 -28.97 -9.12 -3.45
C HIS A 100 -28.00 -10.17 -3.94
N GLY A 101 -26.71 -9.94 -3.74
CA GLY A 101 -25.67 -10.97 -3.95
C GLY A 101 -25.22 -11.01 -5.40
N ARG A 102 -24.79 -12.19 -5.85
CA ARG A 102 -24.52 -12.41 -7.29
C ARG A 102 -25.70 -13.17 -7.87
N MET A 103 -26.50 -12.46 -8.66
CA MET A 103 -27.72 -13.03 -9.26
C MET A 103 -27.82 -12.61 -10.72
N LEU A 104 -28.49 -13.47 -11.50
CA LEU A 104 -29.11 -13.12 -12.79
C LEU A 104 -30.54 -12.65 -12.53
N PRO A 105 -30.85 -11.34 -12.52
CA PRO A 105 -32.22 -10.88 -12.24
C PRO A 105 -33.30 -11.64 -13.02
N LEU A 106 -33.41 -11.42 -14.33
CA LEU A 106 -34.51 -11.91 -15.20
C LEU A 106 -33.94 -12.70 -16.38
N ALA A 107 -34.37 -13.94 -16.53
CA ALA A 107 -33.98 -14.85 -17.63
C ALA A 107 -35.20 -15.26 -18.44
N LEU A 108 -35.20 -14.94 -19.75
CA LEU A 108 -36.26 -15.34 -20.71
C LEU A 108 -35.71 -16.35 -21.70
N ILE A 109 -36.04 -17.62 -21.50
CA ILE A 109 -35.41 -18.79 -22.17
C ILE A 109 -36.46 -19.46 -23.05
N GLU A 110 -36.30 -19.46 -24.38
CA GLU A 110 -37.04 -20.38 -25.27
C GLU A 110 -38.53 -20.08 -25.05
N SER A 111 -38.86 -18.79 -25.06
CA SER A 111 -40.23 -18.28 -24.83
C SER A 111 -40.61 -17.33 -25.95
N SER A 112 -41.87 -17.39 -26.39
CA SER A 112 -42.41 -16.45 -27.39
C SER A 112 -43.49 -15.56 -26.82
N ASN A 113 -43.57 -14.36 -27.39
CA ASN A 113 -44.57 -13.30 -27.06
C ASN A 113 -44.52 -12.99 -25.58
N VAL A 114 -43.34 -12.62 -25.09
CA VAL A 114 -43.09 -12.19 -23.70
C VAL A 114 -42.93 -10.68 -23.70
N LYS A 115 -43.72 -10.00 -22.91
CA LYS A 115 -43.64 -8.54 -22.76
C LYS A 115 -43.24 -8.24 -21.30
N ILE A 116 -42.30 -7.33 -21.08
CA ILE A 116 -41.88 -6.88 -19.72
C ILE A 116 -42.11 -5.38 -19.64
N LYS A 117 -42.84 -4.88 -18.66
CA LYS A 117 -43.39 -3.50 -18.70
C LYS A 117 -43.35 -2.79 -17.34
N ASP A 118 -43.00 -1.50 -17.34
CA ASP A 118 -43.11 -0.57 -16.18
C ASP A 118 -42.49 -1.21 -14.93
N LEU A 119 -41.22 -1.58 -14.99
CA LEU A 119 -40.56 -2.35 -13.92
C LEU A 119 -39.09 -1.93 -13.93
N ASN A 120 -38.41 -1.98 -12.80
CA ASN A 120 -37.04 -1.46 -12.66
C ASN A 120 -36.22 -2.51 -11.96
N ILE A 121 -35.04 -2.78 -12.48
CA ILE A 121 -34.13 -3.78 -11.87
C ILE A 121 -32.89 -3.06 -11.31
N ASP A 122 -32.53 -3.39 -10.06
CA ASP A 122 -31.34 -2.80 -9.39
C ASP A 122 -30.80 -3.83 -8.39
N PHE A 123 -29.54 -3.69 -8.03
CA PHE A 123 -28.98 -4.39 -6.84
C PHE A 123 -28.73 -3.35 -5.75
N GLU A 124 -28.92 -3.80 -4.49
CA GLU A 124 -28.72 -2.92 -3.30
C GLU A 124 -27.23 -2.63 -3.19
N LYS A 125 -26.39 -3.66 -3.35
CA LYS A 125 -24.92 -3.53 -3.22
C LYS A 125 -24.23 -3.87 -4.54
N PRO A 126 -24.13 -2.88 -5.47
CA PRO A 126 -23.35 -3.05 -6.70
C PRO A 126 -21.90 -3.49 -6.44
N GLN A 127 -21.41 -4.43 -7.24
CA GLN A 127 -20.02 -4.91 -7.19
C GLN A 127 -19.10 -3.75 -7.57
N ILE A 128 -19.58 -2.84 -8.40
CA ILE A 128 -18.88 -1.55 -8.61
C ILE A 128 -18.88 -0.77 -7.30
N THR A 129 -17.72 -0.20 -6.96
CA THR A 129 -17.48 0.59 -5.74
C THR A 129 -17.33 2.07 -6.08
N GLN A 130 -18.25 2.89 -5.62
CA GLN A 130 -18.20 4.35 -5.82
C GLN A 130 -17.40 4.96 -4.65
N VAL A 131 -16.50 5.88 -4.98
CA VAL A 131 -15.61 6.56 -3.99
C VAL A 131 -15.43 8.02 -4.43
N LYS A 132 -15.06 8.89 -3.51
CA LYS A 132 -14.89 10.31 -3.83
C LYS A 132 -13.50 10.73 -3.38
N ILE A 133 -12.79 11.41 -4.25
CA ILE A 133 -11.45 11.94 -3.91
C ILE A 133 -11.65 13.04 -2.88
N ILE A 134 -10.97 12.88 -1.75
CA ILE A 134 -10.98 13.81 -0.59
C ILE A 134 -9.74 14.67 -0.70
N SER A 135 -8.59 14.01 -0.75
CA SER A 135 -7.28 14.69 -0.85
C SER A 135 -6.36 13.90 -1.76
N ASN A 136 -5.67 14.64 -2.62
CA ASN A 136 -4.68 14.08 -3.58
C ASN A 136 -3.40 14.92 -3.44
N ASP A 137 -2.38 14.26 -2.89
CA ASP A 137 -0.99 14.74 -2.75
C ASP A 137 -0.20 14.20 -3.95
N THR A 138 -0.05 15.04 -4.97
CA THR A 138 0.51 14.63 -6.28
C THR A 138 1.98 14.23 -6.07
N THR A 139 2.74 15.00 -5.33
CA THR A 139 4.16 14.74 -4.99
C THR A 139 4.36 13.38 -4.30
N ALA A 140 3.64 13.08 -3.23
CA ALA A 140 3.89 11.84 -2.45
C ALA A 140 3.13 10.68 -3.07
N GLY A 141 2.18 10.99 -3.95
CA GLY A 141 1.20 10.02 -4.41
C GLY A 141 0.40 9.43 -3.27
N ASN A 142 -0.17 10.29 -2.43
CA ASN A 142 -1.15 9.86 -1.39
C ASN A 142 -2.52 10.41 -1.75
N ILE A 143 -3.48 9.51 -1.84
CA ILE A 143 -4.89 9.85 -2.15
C ILE A 143 -5.74 9.34 -1.00
N VAL A 144 -6.57 10.20 -0.44
CA VAL A 144 -7.61 9.75 0.51
C VAL A 144 -8.94 9.74 -0.24
N PHE A 145 -9.64 8.61 -0.23
CA PHE A 145 -10.94 8.51 -0.95
C PHE A 145 -12.00 8.16 0.08
N GLU A 146 -13.22 8.63 -0.18
CA GLU A 146 -14.40 8.40 0.68
C GLU A 146 -15.28 7.38 -0.01
N THR A 147 -15.52 6.25 0.64
CA THR A 147 -16.53 5.29 0.15
C THR A 147 -17.88 5.98 0.29
N ALA A 148 -18.74 5.78 -0.71
CA ALA A 148 -20.14 6.21 -0.66
C ALA A 148 -20.93 5.44 0.43
N PRO A 149 -22.07 6.01 0.89
CA PRO A 149 -22.77 5.55 2.09
C PRO A 149 -23.15 4.06 2.09
N TRP A 150 -23.49 3.56 0.92
CA TRP A 150 -24.12 2.23 0.72
C TRP A 150 -23.04 1.15 0.64
N VAL A 151 -21.78 1.56 0.64
CA VAL A 151 -20.64 0.66 0.33
C VAL A 151 -20.18 0.04 1.62
N LYS A 152 -20.15 -1.28 1.66
CA LYS A 152 -19.55 -2.07 2.75
C LYS A 152 -18.25 -2.69 2.26
N TYR A 153 -17.12 -2.22 2.77
CA TYR A 153 -15.77 -2.68 2.36
C TYR A 153 -15.12 -3.49 3.47
N LYS A 154 -13.98 -4.05 3.14
CA LYS A 154 -13.19 -4.85 4.06
C LYS A 154 -11.73 -4.69 3.64
N LEU A 155 -10.84 -4.31 4.53
CA LEU A 155 -9.38 -4.32 4.26
C LEU A 155 -8.80 -5.65 4.74
N LYS A 156 -7.99 -6.33 3.92
CA LYS A 156 -7.14 -7.45 4.43
C LYS A 156 -5.80 -7.27 3.77
N ASP A 157 -4.71 -7.45 4.54
CA ASP A 157 -3.33 -7.32 4.04
C ASP A 157 -3.24 -6.05 3.18
N SER A 158 -3.75 -4.93 3.70
CA SER A 158 -3.60 -3.59 3.09
C SER A 158 -4.23 -3.57 1.69
N THR A 159 -5.22 -4.43 1.47
CA THR A 159 -5.91 -4.56 0.17
C THR A 159 -7.38 -4.22 0.38
N PHE A 160 -7.92 -3.41 -0.52
CA PHE A 160 -9.32 -2.94 -0.42
C PHE A 160 -10.26 -3.90 -1.12
N TYR A 161 -11.15 -4.52 -0.39
CA TYR A 161 -12.21 -5.39 -0.95
C TYR A 161 -13.58 -4.69 -0.85
N ASN A 162 -14.40 -4.78 -1.88
CA ASN A 162 -15.83 -4.41 -1.83
C ASN A 162 -16.62 -5.67 -1.51
N THR A 163 -17.69 -5.55 -0.75
CA THR A 163 -18.48 -6.72 -0.31
C THR A 163 -19.98 -6.51 -0.52
N GLY A 164 -20.63 -7.67 -0.70
CA GLY A 164 -22.08 -7.86 -0.64
C GLY A 164 -22.39 -9.25 -0.12
N GLU A 165 -23.66 -9.67 -0.30
CA GLU A 165 -24.24 -10.91 0.27
C GLU A 165 -23.50 -12.07 -0.43
N GLY A 166 -22.63 -12.77 0.28
CA GLY A 166 -21.92 -13.96 -0.24
C GLY A 166 -20.80 -13.61 -1.21
N TRP A 167 -20.42 -12.34 -1.37
CA TRP A 167 -19.35 -11.96 -2.33
C TRP A 167 -18.40 -10.92 -1.73
N GLU A 168 -17.19 -10.92 -2.27
CA GLU A 168 -16.06 -10.07 -1.86
C GLU A 168 -15.15 -9.90 -3.08
N MET A 169 -14.97 -8.69 -3.60
CA MET A 169 -14.20 -8.48 -4.85
C MET A 169 -13.24 -7.29 -4.72
N GLN A 170 -11.96 -7.51 -5.03
CA GLN A 170 -10.96 -6.43 -5.06
C GLN A 170 -11.01 -5.72 -6.41
N PRO A 171 -11.39 -4.43 -6.44
CA PRO A 171 -11.32 -3.64 -7.67
C PRO A 171 -9.89 -3.43 -8.17
N THR A 172 -9.73 -3.40 -9.49
CA THR A 172 -8.43 -3.38 -10.20
C THR A 172 -8.40 -2.22 -11.21
N SER A 173 -9.51 -1.67 -11.64
CA SER A 173 -9.48 -0.48 -12.51
C SER A 173 -10.62 0.47 -12.14
N GLY A 174 -10.72 1.60 -12.82
CA GLY A 174 -11.95 2.37 -12.64
C GLY A 174 -12.17 3.38 -13.72
N ILE A 175 -13.31 4.04 -13.59
CA ILE A 175 -13.68 5.19 -14.44
C ILE A 175 -13.83 6.37 -13.52
N ALA A 176 -13.18 7.47 -13.85
CA ALA A 176 -13.33 8.70 -13.04
C ALA A 176 -14.30 9.68 -13.71
N PHE A 177 -15.09 10.33 -12.88
CA PHE A 177 -16.15 11.24 -13.34
C PHE A 177 -15.92 12.62 -12.75
N GLU A 178 -16.13 13.64 -13.58
CA GLU A 178 -16.34 15.04 -13.14
C GLU A 178 -17.43 15.09 -12.05
N ASN A 179 -17.20 15.84 -11.00
CA ASN A 179 -18.28 16.12 -10.03
C ASN A 179 -19.38 16.89 -10.75
N GLY A 180 -20.64 16.58 -10.47
CA GLY A 180 -21.74 17.42 -10.95
C GLY A 180 -22.14 17.02 -12.34
N THR A 181 -21.39 17.41 -13.38
CA THR A 181 -21.72 17.06 -14.79
C THR A 181 -21.90 15.55 -14.91
N LYS A 182 -21.16 14.75 -14.15
CA LYS A 182 -21.12 13.26 -14.23
C LYS A 182 -20.46 12.82 -15.54
N HIS A 183 -19.80 13.75 -16.26
CA HIS A 183 -19.00 13.43 -17.48
C HIS A 183 -17.82 12.55 -17.07
N ILE A 184 -17.20 11.84 -17.99
CA ILE A 184 -15.94 11.11 -17.65
C ILE A 184 -14.76 12.06 -17.88
N ILE A 185 -13.86 12.11 -16.91
CA ILE A 185 -12.82 13.16 -16.94
C ILE A 185 -11.90 12.95 -18.16
N PHE A 186 -11.58 14.07 -18.76
CA PHE A 186 -10.87 14.24 -20.05
C PHE A 186 -9.57 13.43 -20.07
N ASN A 187 -9.37 12.63 -21.10
CA ASN A 187 -8.16 11.80 -21.32
C ASN A 187 -7.98 10.86 -20.14
N SER A 188 -9.01 10.25 -19.62
CA SER A 188 -8.85 9.35 -18.46
C SER A 188 -8.89 7.91 -18.98
N GLY A 189 -10.02 7.58 -19.57
CA GLY A 189 -10.43 6.20 -19.84
C GLY A 189 -10.27 5.33 -18.63
N ASP A 190 -9.96 4.09 -18.90
CA ASP A 190 -9.56 3.11 -17.87
C ASP A 190 -8.29 3.61 -17.20
N ILE A 191 -8.32 3.65 -15.89
CA ILE A 191 -7.18 4.11 -15.06
C ILE A 191 -6.95 3.04 -14.00
N GLY A 192 -5.74 3.04 -13.46
CA GLY A 192 -5.41 2.18 -12.33
C GLY A 192 -6.02 2.80 -11.11
N VAL A 193 -6.25 1.98 -10.10
CA VAL A 193 -6.84 2.46 -8.81
C VAL A 193 -5.99 1.97 -7.64
N GLY A 194 -6.04 2.71 -6.54
CA GLY A 194 -5.19 2.46 -5.38
C GLY A 194 -5.90 1.53 -4.45
N THR A 195 -6.00 0.27 -4.76
CA THR A 195 -6.72 -0.67 -3.89
C THR A 195 -5.70 -1.55 -3.20
N LYS A 196 -4.46 -1.37 -3.58
CA LYS A 196 -3.30 -2.06 -2.99
C LYS A 196 -2.56 -1.06 -2.11
N SER A 197 -1.86 -1.54 -1.07
CA SER A 197 -1.20 -0.61 -0.13
C SER A 197 -2.24 0.45 0.31
N VAL A 198 -3.19 0.05 1.16
CA VAL A 198 -4.24 0.94 1.74
C VAL A 198 -4.30 0.68 3.23
N SER A 199 -4.92 1.62 3.91
CA SER A 199 -5.11 1.64 5.39
C SER A 199 -6.24 2.63 5.73
N GLU A 200 -7.02 2.29 6.75
CA GLU A 200 -8.23 3.06 7.14
C GLU A 200 -7.80 4.25 8.01
N VAL A 201 -8.17 5.45 7.57
CA VAL A 201 -8.02 6.76 8.27
C VAL A 201 -9.07 6.85 9.36
N SER A 202 -10.32 6.67 8.92
CA SER A 202 -11.58 6.81 9.68
C SER A 202 -12.64 6.08 8.86
N PRO A 203 -13.78 5.66 9.45
CA PRO A 203 -14.72 4.81 8.70
C PRO A 203 -15.15 5.44 7.36
N GLY A 204 -14.96 4.69 6.28
CA GLY A 204 -15.25 5.14 4.90
C GLY A 204 -14.28 6.18 4.36
N LYS A 205 -13.12 6.36 5.00
CA LYS A 205 -12.01 7.18 4.47
C LYS A 205 -10.78 6.30 4.38
N ILE A 206 -10.31 6.06 3.17
CA ILE A 206 -9.24 5.06 2.92
C ILE A 206 -8.07 5.83 2.35
N MET A 207 -6.88 5.51 2.86
CA MET A 207 -5.65 6.14 2.41
C MET A 207 -4.94 5.18 1.45
N ALA A 208 -4.69 5.67 0.25
CA ALA A 208 -3.96 4.94 -0.82
C ALA A 208 -2.55 5.51 -0.86
N HIS A 209 -1.55 4.71 -0.45
CA HIS A 209 -0.17 5.20 -0.19
C HIS A 209 0.62 5.37 -1.51
N HIS A 210 0.26 4.64 -2.57
CA HIS A 210 1.06 4.64 -3.81
C HIS A 210 0.13 4.90 -4.98
N TRP A 211 -0.58 6.02 -5.00
CA TRP A 211 -1.51 6.28 -6.12
C TRP A 211 -1.19 7.64 -6.73
N LYS A 212 -0.71 7.69 -7.96
CA LYS A 212 -0.20 8.99 -8.49
C LYS A 212 -1.00 9.35 -9.73
N ASN A 213 -1.81 10.38 -9.64
CA ASN A 213 -2.62 10.77 -10.80
C ASN A 213 -3.06 12.21 -10.59
N LYS A 214 -2.41 13.15 -11.27
CA LYS A 214 -2.67 14.61 -11.20
C LYS A 214 -4.11 14.94 -11.60
N LYS A 215 -4.84 13.99 -12.16
CA LYS A 215 -6.14 14.28 -12.77
C LYS A 215 -7.30 14.10 -11.80
N LEU A 216 -7.13 13.16 -10.88
CA LEU A 216 -8.10 12.85 -9.82
C LEU A 216 -8.12 13.99 -8.80
N VAL A 217 -8.52 15.19 -9.23
CA VAL A 217 -8.63 16.39 -8.36
C VAL A 217 -9.65 16.08 -7.27
N PRO A 218 -9.56 16.70 -6.07
CA PRO A 218 -10.61 16.60 -5.05
C PRO A 218 -11.97 16.81 -5.68
N GLY A 219 -12.92 15.94 -5.33
CA GLY A 219 -14.30 16.01 -5.83
C GLY A 219 -14.58 14.95 -6.86
N THR A 220 -13.52 14.41 -7.45
CA THR A 220 -13.65 13.41 -8.52
C THR A 220 -14.30 12.18 -7.89
N VAL A 221 -15.23 11.60 -8.62
CA VAL A 221 -15.96 10.38 -8.20
C VAL A 221 -15.41 9.27 -9.03
N ILE A 222 -15.16 8.15 -8.40
CA ILE A 222 -14.50 7.06 -9.12
C ILE A 222 -15.31 5.80 -8.94
N ALA A 223 -15.59 5.17 -10.07
CA ALA A 223 -16.24 3.84 -10.12
C ALA A 223 -15.16 2.78 -10.20
N MET A 224 -14.81 2.23 -9.07
CA MET A 224 -13.80 1.17 -8.99
C MET A 224 -14.43 -0.18 -9.31
N ARG A 225 -13.76 -0.96 -10.14
CA ARG A 225 -14.34 -2.22 -10.63
C ARG A 225 -13.26 -3.25 -10.98
N SER A 226 -13.73 -4.43 -11.29
CA SER A 226 -12.90 -5.49 -11.90
C SER A 226 -13.41 -5.72 -13.30
N TRP A 227 -12.92 -6.77 -13.93
CA TRP A 227 -13.24 -7.03 -15.35
C TRP A 227 -14.33 -8.10 -15.40
N GLN A 228 -14.78 -8.53 -14.22
CA GLN A 228 -15.74 -9.65 -14.08
C GLN A 228 -17.12 -9.22 -14.58
N ARG A 229 -17.76 -10.11 -15.32
CA ARG A 229 -19.11 -9.85 -15.86
C ARG A 229 -19.82 -11.18 -15.95
N PRO A 230 -20.18 -11.85 -14.83
CA PRO A 230 -20.78 -13.18 -14.90
C PRO A 230 -22.28 -13.24 -15.27
N ALA A 231 -23.05 -12.17 -15.11
CA ALA A 231 -24.50 -12.23 -15.42
C ALA A 231 -25.07 -10.88 -15.81
N PRO A 232 -25.91 -10.84 -16.86
CA PRO A 232 -26.54 -9.60 -17.26
C PRO A 232 -27.77 -9.39 -16.38
N GLY A 233 -28.38 -8.22 -16.55
CA GLY A 233 -29.61 -7.86 -15.82
C GLY A 233 -30.81 -8.63 -16.36
N ILE A 234 -31.00 -8.58 -17.68
CA ILE A 234 -32.00 -9.39 -18.40
C ILE A 234 -31.26 -10.20 -19.48
N PHE A 235 -31.32 -11.52 -19.36
CA PHE A 235 -30.73 -12.46 -20.34
C PHE A 235 -31.88 -13.02 -21.17
N VAL A 236 -31.83 -12.96 -22.49
CA VAL A 236 -32.90 -13.49 -23.37
C VAL A 236 -32.25 -14.47 -24.34
N HIS A 237 -32.68 -15.72 -24.36
CA HIS A 237 -32.08 -16.78 -25.21
C HIS A 237 -33.20 -17.46 -25.99
N LYS A 238 -33.12 -17.43 -27.32
CA LYS A 238 -34.02 -18.19 -28.23
C LYS A 238 -35.46 -17.72 -28.02
N GLY A 239 -35.62 -16.40 -27.87
CA GLY A 239 -36.95 -15.78 -27.81
C GLY A 239 -37.47 -15.54 -29.20
N LYS A 240 -38.79 -15.54 -29.36
CA LYS A 240 -39.47 -14.92 -30.52
C LYS A 240 -40.44 -13.86 -29.99
N ASN A 241 -40.45 -12.67 -30.61
CA ASN A 241 -41.38 -11.54 -30.30
C ASN A 241 -41.29 -11.12 -28.84
N ILE A 242 -40.17 -10.53 -28.46
CA ILE A 242 -39.90 -10.09 -27.08
C ILE A 242 -40.06 -8.58 -27.04
N SER A 243 -40.70 -8.06 -25.98
CA SER A 243 -41.04 -6.63 -25.79
C SER A 243 -40.56 -6.15 -24.43
N PHE A 244 -40.07 -4.92 -24.37
CA PHE A 244 -39.67 -4.23 -23.13
C PHE A 244 -40.31 -2.85 -23.28
N GLU A 245 -41.23 -2.50 -22.40
CA GLU A 245 -41.79 -1.13 -22.43
C GLU A 245 -41.56 -0.48 -21.07
N ASN A 246 -40.87 0.66 -21.06
CA ASN A 246 -40.54 1.43 -19.85
C ASN A 246 -39.95 0.47 -18.81
N VAL A 247 -38.84 -0.17 -19.13
CA VAL A 247 -38.06 -1.01 -18.17
C VAL A 247 -36.67 -0.39 -18.01
N LYS A 248 -36.23 -0.18 -16.78
CA LYS A 248 -34.90 0.39 -16.50
C LYS A 248 -34.09 -0.68 -15.77
N VAL A 249 -32.86 -0.90 -16.22
CA VAL A 249 -31.86 -1.64 -15.43
C VAL A 249 -30.85 -0.64 -14.90
N HIS A 250 -30.79 -0.51 -13.58
CA HIS A 250 -29.93 0.50 -12.94
C HIS A 250 -28.57 -0.11 -12.66
N TYR A 251 -28.46 -1.41 -12.44
CA TYR A 251 -27.09 -1.98 -12.38
C TYR A 251 -27.17 -3.47 -12.52
N ALA A 252 -26.14 -4.09 -13.08
CA ALA A 252 -25.99 -5.56 -13.01
C ALA A 252 -24.54 -5.93 -13.24
N GLU A 253 -24.17 -7.17 -12.89
CA GLU A 253 -22.74 -7.56 -12.89
C GLU A 253 -22.41 -8.08 -14.28
N GLY A 254 -22.62 -7.24 -15.27
CA GLY A 254 -22.71 -7.71 -16.66
C GLY A 254 -23.56 -6.74 -17.42
N MET A 255 -24.13 -7.18 -18.51
CA MET A 255 -24.80 -6.21 -19.39
C MET A 255 -26.24 -6.00 -18.90
N GLY A 256 -26.80 -4.84 -19.22
CA GLY A 256 -28.19 -4.57 -18.85
C GLY A 256 -29.12 -5.62 -19.43
N LEU A 257 -29.18 -5.66 -20.77
CA LEU A 257 -29.99 -6.61 -21.56
C LEU A 257 -29.04 -7.33 -22.52
N LEU A 258 -28.93 -8.65 -22.36
CA LEU A 258 -28.20 -9.46 -23.36
C LEU A 258 -29.18 -10.42 -23.99
N ALA A 259 -29.41 -10.24 -25.28
CA ALA A 259 -30.34 -11.06 -26.09
C ALA A 259 -29.54 -11.81 -27.14
N GLN A 260 -29.72 -13.13 -27.23
CA GLN A 260 -28.97 -13.95 -28.22
C GLN A 260 -29.90 -14.98 -28.88
N LEU A 261 -29.67 -15.30 -30.15
CA LEU A 261 -30.47 -16.33 -30.87
C LEU A 261 -31.96 -16.00 -30.74
N THR A 262 -32.32 -14.73 -30.83
CA THR A 262 -33.69 -14.29 -30.55
C THR A 262 -34.24 -13.59 -31.78
N GLU A 263 -35.50 -13.89 -32.13
CA GLU A 263 -35.98 -13.46 -33.44
C GLU A 263 -36.77 -12.15 -33.54
N ASN A 264 -37.36 -11.47 -32.65
CA ASN A 264 -37.79 -10.07 -32.97
C ASN A 264 -37.77 -9.39 -31.62
N ILE A 265 -37.34 -8.16 -31.51
CA ILE A 265 -37.17 -7.54 -30.18
C ILE A 265 -37.66 -6.10 -30.27
N TYR A 266 -38.61 -5.75 -29.42
CA TYR A 266 -39.26 -4.43 -29.46
C TYR A 266 -39.01 -3.77 -28.12
N MET A 267 -38.47 -2.55 -28.13
CA MET A 267 -38.06 -1.82 -26.91
C MET A 267 -38.47 -0.35 -27.03
N ASP A 268 -39.47 0.06 -26.24
CA ASP A 268 -39.85 1.48 -26.14
C ASP A 268 -39.63 1.89 -24.68
N GLY A 269 -38.82 2.91 -24.43
CA GLY A 269 -38.58 3.43 -23.06
C GLY A 269 -37.62 2.56 -22.24
N PHE A 270 -36.89 1.64 -22.85
CA PHE A 270 -35.82 0.87 -22.18
C PHE A 270 -34.82 1.91 -21.67
N GLY A 271 -34.36 1.74 -20.45
CA GLY A 271 -33.28 2.59 -19.94
C GLY A 271 -32.24 1.74 -19.26
N VAL A 272 -30.97 2.10 -19.42
CA VAL A 272 -29.97 1.68 -18.42
C VAL A 272 -29.38 2.96 -17.88
N CYS A 273 -29.85 3.37 -16.74
CA CYS A 273 -29.64 4.78 -16.37
C CYS A 273 -29.78 4.96 -14.88
N LEU A 274 -29.52 6.19 -14.45
CA LEU A 274 -29.70 6.64 -13.07
C LEU A 274 -31.18 6.98 -12.84
N ARG A 275 -31.54 7.06 -11.56
CA ARG A 275 -32.91 7.37 -11.12
C ARG A 275 -33.14 8.86 -11.18
N GLY A 276 -32.36 9.65 -11.90
CA GLY A 276 -32.63 11.10 -12.07
C GLY A 276 -31.54 11.98 -11.48
N LYS A 277 -31.74 13.30 -11.53
CA LYS A 277 -30.79 14.31 -11.04
C LYS A 277 -30.37 14.02 -9.59
N ASN A 278 -31.16 13.29 -8.83
CA ASN A 278 -30.84 13.10 -7.39
C ASN A 278 -30.16 11.77 -7.15
N ASP A 279 -29.95 10.94 -8.16
CA ASP A 279 -29.31 9.64 -7.91
C ASP A 279 -27.92 9.94 -7.36
N PRO A 280 -27.59 9.46 -6.14
CA PRO A 280 -26.24 9.65 -5.61
C PRO A 280 -25.22 8.92 -6.48
N ARG A 281 -25.63 7.90 -7.25
CA ARG A 281 -24.72 7.05 -8.05
C ARG A 281 -24.32 7.80 -9.30
N TYR A 282 -23.12 7.50 -9.82
CA TYR A 282 -22.59 8.08 -11.08
C TYR A 282 -22.52 6.99 -12.18
N PHE A 283 -22.73 5.74 -11.78
CA PHE A 283 -22.43 4.54 -12.58
C PHE A 283 -23.70 3.70 -12.77
N THR A 284 -23.77 2.90 -13.83
CA THR A 284 -24.88 1.94 -14.03
C THR A 284 -24.31 0.54 -14.20
N THR A 285 -24.42 -0.01 -15.40
CA THR A 285 -24.07 -1.43 -15.57
C THR A 285 -22.56 -1.61 -15.64
N GLN A 286 -22.14 -2.76 -15.18
CA GLN A 286 -20.72 -3.19 -15.22
C GLN A 286 -20.30 -3.46 -16.68
N ALA A 287 -21.22 -3.68 -17.60
CA ALA A 287 -20.85 -3.82 -19.02
C ALA A 287 -21.79 -3.02 -19.92
N ASP A 288 -22.00 -3.49 -21.15
CA ASP A 288 -22.90 -2.84 -22.15
C ASP A 288 -24.31 -2.67 -21.61
N ALA A 289 -24.99 -1.58 -21.96
CA ALA A 289 -26.40 -1.40 -21.58
C ALA A 289 -27.24 -2.50 -22.23
N THR A 290 -27.25 -2.57 -23.58
CA THR A 290 -28.04 -3.51 -24.43
C THR A 290 -27.10 -4.14 -25.42
N HIS A 291 -27.27 -5.44 -25.63
CA HIS A 291 -26.37 -6.24 -26.46
C HIS A 291 -27.17 -7.35 -27.14
N PHE A 292 -26.91 -7.54 -28.44
CA PHE A 292 -27.67 -8.48 -29.30
C PHE A 292 -26.73 -9.34 -30.13
N SER A 293 -26.51 -10.56 -29.66
CA SER A 293 -25.53 -11.48 -30.25
C SER A 293 -26.27 -12.52 -31.07
N GLY A 294 -26.22 -12.44 -32.39
CA GLY A 294 -26.75 -13.52 -33.25
C GLY A 294 -28.28 -13.56 -33.22
N CYS A 295 -28.87 -12.39 -33.33
CA CYS A 295 -30.33 -12.23 -33.35
C CYS A 295 -30.80 -12.09 -34.80
N LYS A 296 -32.11 -12.10 -35.02
CA LYS A 296 -32.63 -11.89 -36.38
C LYS A 296 -33.97 -11.24 -36.24
N GLY A 297 -34.69 -11.16 -37.34
CA GLY A 297 -35.93 -10.41 -37.36
C GLY A 297 -35.60 -8.96 -37.23
N GLU A 298 -36.49 -8.24 -36.63
CA GLU A 298 -36.44 -6.77 -36.54
C GLU A 298 -36.16 -6.46 -35.09
N ILE A 299 -35.19 -5.60 -34.88
CA ILE A 299 -34.90 -4.97 -33.56
C ILE A 299 -35.28 -3.50 -33.62
N VAL A 300 -36.27 -3.13 -32.82
CA VAL A 300 -36.59 -1.70 -32.57
C VAL A 300 -36.10 -1.36 -31.16
N SER A 301 -35.21 -0.38 -31.03
CA SER A 301 -34.77 0.22 -29.73
C SER A 301 -35.02 1.73 -29.78
N LYS A 302 -36.14 2.20 -29.23
CA LYS A 302 -36.50 3.64 -29.32
C LYS A 302 -36.81 4.25 -27.94
N ASN A 303 -36.68 5.58 -27.92
CA ASN A 303 -36.98 6.50 -26.79
C ASN A 303 -36.38 5.95 -25.49
N GLY A 304 -35.10 5.59 -25.50
CA GLY A 304 -34.45 5.02 -24.31
C GLY A 304 -33.46 6.00 -23.74
N LEU A 305 -33.10 5.81 -22.47
CA LEU A 305 -32.02 6.60 -21.82
C LEU A 305 -30.91 5.65 -21.39
N TYR A 306 -29.70 5.89 -21.89
CA TYR A 306 -28.53 5.11 -21.44
C TYR A 306 -27.48 6.04 -20.86
N GLU A 307 -27.10 5.84 -19.60
CA GLU A 307 -26.09 6.73 -18.97
C GLU A 307 -25.20 5.99 -17.98
N GLY A 308 -23.94 6.38 -18.01
CA GLY A 308 -22.97 6.00 -16.99
C GLY A 308 -22.63 4.53 -17.05
N MET A 309 -22.80 3.87 -18.17
CA MET A 309 -22.50 2.43 -18.21
C MET A 309 -21.00 2.29 -18.35
N MET A 310 -20.49 1.15 -17.91
CA MET A 310 -19.08 0.74 -18.08
C MET A 310 -18.82 0.20 -19.49
N ASP A 311 -19.66 0.55 -20.47
CA ASP A 311 -19.42 0.13 -21.87
C ASP A 311 -20.43 0.81 -22.80
N ASP A 312 -20.64 0.25 -23.97
CA ASP A 312 -21.50 0.89 -24.98
C ASP A 312 -22.99 0.75 -24.61
N ALA A 313 -23.79 1.61 -25.19
CA ALA A 313 -25.25 1.58 -25.02
C ALA A 313 -25.83 0.39 -25.80
N ILE A 314 -25.42 0.20 -27.05
CA ILE A 314 -25.92 -0.94 -27.85
C ILE A 314 -24.75 -1.54 -28.60
N ASN A 315 -24.72 -2.85 -28.64
CA ASN A 315 -23.77 -3.56 -29.52
C ASN A 315 -24.55 -4.66 -30.24
N ILE A 316 -24.60 -4.64 -31.58
CA ILE A 316 -25.41 -5.60 -32.37
C ILE A 316 -24.47 -6.37 -33.29
N HIS A 317 -24.29 -7.67 -33.10
CA HIS A 317 -23.19 -8.34 -33.82
C HIS A 317 -23.45 -9.84 -33.88
N GLY A 318 -22.70 -10.56 -34.71
CA GLY A 318 -22.65 -12.03 -34.68
C GLY A 318 -21.33 -12.55 -34.17
N THR A 319 -21.12 -13.84 -34.29
CA THR A 319 -19.87 -14.55 -33.97
C THR A 319 -19.35 -15.25 -35.24
N TYR A 320 -18.13 -14.93 -35.69
CA TYR A 320 -17.38 -15.72 -36.70
C TYR A 320 -16.88 -16.99 -36.02
N LEU A 321 -17.24 -18.18 -36.49
CA LEU A 321 -16.50 -19.39 -36.07
C LEU A 321 -15.17 -19.41 -36.84
N LYS A 322 -14.17 -20.06 -36.30
CA LYS A 322 -12.95 -20.31 -37.08
C LYS A 322 -12.89 -21.77 -37.51
N ILE A 323 -12.67 -22.00 -38.79
CA ILE A 323 -12.52 -23.36 -39.35
C ILE A 323 -11.23 -23.96 -38.84
N THR A 324 -11.26 -25.13 -38.22
CA THR A 324 -10.02 -25.72 -37.68
C THR A 324 -9.60 -26.91 -38.50
N LYS A 325 -10.52 -27.53 -39.22
CA LYS A 325 -10.20 -28.78 -39.95
C LYS A 325 -11.20 -28.90 -41.11
N LYS A 326 -10.76 -29.28 -42.30
CA LYS A 326 -11.69 -29.62 -43.42
C LYS A 326 -11.69 -31.13 -43.53
N LEU A 327 -12.83 -31.77 -43.33
CA LEU A 327 -12.89 -33.24 -43.36
C LEU A 327 -13.07 -33.74 -44.80
N ASP A 328 -13.77 -32.99 -45.68
CA ASP A 328 -14.04 -33.31 -47.10
C ASP A 328 -14.58 -32.06 -47.83
N ASP A 329 -15.12 -32.21 -49.04
CA ASP A 329 -15.53 -31.06 -49.90
C ASP A 329 -16.70 -30.28 -49.31
N HIS A 330 -17.43 -30.90 -48.37
CA HIS A 330 -18.75 -30.45 -47.89
C HIS A 330 -18.73 -30.21 -46.38
N THR A 331 -17.71 -30.73 -45.68
CA THR A 331 -17.77 -30.85 -44.21
C THR A 331 -16.54 -30.19 -43.58
N VAL A 332 -16.76 -29.30 -42.63
CA VAL A 332 -15.64 -28.71 -41.87
C VAL A 332 -15.94 -28.89 -40.36
N ILE A 333 -14.88 -28.85 -39.55
CA ILE A 333 -14.99 -28.60 -38.08
C ILE A 333 -14.65 -27.12 -37.85
N ALA A 334 -15.52 -26.42 -37.15
CA ALA A 334 -15.39 -24.99 -36.82
C ALA A 334 -15.61 -24.76 -35.32
N ASN A 335 -14.95 -23.74 -34.80
CA ASN A 335 -14.71 -23.61 -33.36
C ASN A 335 -15.08 -22.19 -32.92
N TYR A 336 -15.56 -22.08 -31.69
CA TYR A 336 -15.78 -20.80 -30.97
C TYR A 336 -14.41 -20.42 -30.42
N MET A 337 -13.94 -19.21 -30.68
CA MET A 337 -12.52 -18.91 -30.40
C MET A 337 -12.32 -18.07 -29.13
N HIS A 338 -13.29 -17.27 -28.72
CA HIS A 338 -13.13 -16.27 -27.62
C HIS A 338 -13.60 -16.87 -26.29
N GLU A 339 -13.05 -16.45 -25.16
CA GLU A 339 -13.38 -17.11 -23.86
C GLU A 339 -14.77 -16.68 -23.35
N GLN A 340 -15.27 -15.55 -23.85
CA GLN A 340 -16.55 -14.97 -23.40
C GLN A 340 -17.69 -15.28 -24.37
N SER A 341 -17.50 -15.90 -25.52
CA SER A 341 -18.67 -16.30 -26.37
C SER A 341 -18.51 -17.73 -26.82
N TYR A 342 -19.01 -18.68 -26.03
CA TYR A 342 -19.04 -20.12 -26.37
C TYR A 342 -20.24 -20.74 -25.67
N GLY A 343 -20.73 -21.91 -26.11
CA GLY A 343 -21.57 -22.83 -25.30
C GLY A 343 -23.02 -22.83 -25.73
N PHE A 344 -23.34 -21.95 -26.67
CA PHE A 344 -24.67 -21.79 -27.29
C PHE A 344 -24.60 -22.08 -28.79
N ASP A 345 -25.72 -22.46 -29.37
CA ASP A 345 -25.80 -22.81 -30.81
C ASP A 345 -25.46 -21.60 -31.66
N TRP A 346 -25.07 -21.90 -32.90
CA TRP A 346 -24.54 -20.92 -33.86
C TRP A 346 -25.42 -20.88 -35.10
N GLY A 347 -26.01 -22.02 -35.47
CA GLY A 347 -26.84 -22.08 -36.67
C GLY A 347 -27.75 -23.30 -36.75
N ASN A 348 -28.56 -23.29 -37.78
CA ASN A 348 -29.54 -24.36 -38.08
C ASN A 348 -29.54 -24.69 -39.56
N ILE A 349 -30.06 -25.88 -39.88
CA ILE A 349 -30.25 -26.35 -41.27
C ILE A 349 -30.93 -25.25 -42.07
N ARG A 350 -30.33 -24.92 -43.21
CA ARG A 350 -30.87 -23.96 -44.21
C ARG A 350 -30.38 -22.55 -43.92
N ASP A 351 -29.51 -22.38 -42.94
CA ASP A 351 -28.92 -21.04 -42.70
C ASP A 351 -27.98 -20.72 -43.87
N THR A 352 -28.05 -19.50 -44.37
CA THR A 352 -27.07 -18.92 -45.33
C THR A 352 -25.78 -18.62 -44.56
N VAL A 353 -24.63 -19.07 -45.07
CA VAL A 353 -23.27 -18.78 -44.50
C VAL A 353 -22.41 -18.15 -45.59
N GLN A 354 -21.45 -17.28 -45.23
CA GLN A 354 -20.35 -16.86 -46.15
C GLN A 354 -19.04 -17.13 -45.42
N PHE A 355 -17.94 -17.23 -46.16
CA PHE A 355 -16.60 -17.47 -45.59
C PHE A 355 -15.72 -16.22 -45.75
N ILE A 356 -14.79 -16.10 -44.79
CA ILE A 356 -13.87 -14.94 -44.67
C ILE A 356 -12.41 -15.39 -44.52
N GLN A 357 -11.56 -14.70 -45.31
CA GLN A 357 -10.09 -14.79 -45.28
C GLN A 357 -9.63 -13.92 -44.12
N SER A 358 -9.42 -14.55 -42.97
CA SER A 358 -9.25 -13.84 -41.70
C SER A 358 -8.14 -12.79 -41.86
N LYS A 359 -7.07 -13.09 -42.55
CA LYS A 359 -5.85 -12.24 -42.41
C LYS A 359 -6.06 -10.91 -43.15
N THR A 360 -6.80 -10.87 -44.26
CA THR A 360 -7.02 -9.62 -45.04
C THR A 360 -8.48 -9.17 -44.90
N MET A 361 -9.29 -9.90 -44.11
CA MET A 361 -10.75 -9.62 -43.91
C MET A 361 -11.45 -9.52 -45.29
N GLU A 362 -11.32 -10.60 -46.04
CA GLU A 362 -11.89 -10.66 -47.39
C GLU A 362 -12.88 -11.80 -47.42
N LEU A 363 -14.04 -11.45 -47.91
CA LEU A 363 -15.13 -12.43 -48.11
C LEU A 363 -14.92 -13.17 -49.42
N TRP A 364 -15.21 -14.47 -49.40
CA TRP A 364 -15.52 -15.21 -50.64
C TRP A 364 -17.01 -15.01 -50.99
N ASP A 365 -17.26 -14.57 -52.23
CA ASP A 365 -18.59 -14.24 -52.79
C ASP A 365 -19.46 -15.50 -52.80
N ALA A 366 -18.81 -16.66 -52.89
CA ALA A 366 -19.44 -18.01 -52.81
C ALA A 366 -20.07 -18.19 -51.43
N LYS A 367 -21.38 -18.06 -51.37
CA LYS A 367 -22.17 -18.38 -50.18
C LYS A 367 -22.48 -19.86 -50.14
N ASN A 368 -22.99 -20.31 -49.00
CA ASN A 368 -23.31 -21.73 -48.82
C ASN A 368 -24.53 -21.82 -47.93
N THR A 369 -24.90 -23.04 -47.59
CA THR A 369 -26.16 -23.33 -46.88
C THR A 369 -25.84 -24.47 -45.93
N ILE A 370 -26.27 -24.38 -44.68
CA ILE A 370 -25.94 -25.46 -43.74
C ILE A 370 -26.88 -26.63 -44.02
N ALA A 371 -26.32 -27.80 -44.22
CA ALA A 371 -27.09 -29.02 -44.52
C ALA A 371 -27.27 -29.80 -43.22
N SER A 372 -26.24 -29.79 -42.40
CA SER A 372 -26.18 -30.51 -41.11
C SER A 372 -25.31 -29.66 -40.19
N ILE A 373 -25.62 -29.65 -38.90
CA ILE A 373 -24.72 -29.00 -37.90
C ILE A 373 -24.93 -29.68 -36.56
N LYS A 374 -23.85 -30.19 -35.99
CA LYS A 374 -23.92 -30.95 -34.73
C LYS A 374 -22.75 -30.51 -33.86
N PRO A 375 -22.94 -30.11 -32.59
CA PRO A 375 -21.79 -29.84 -31.73
C PRO A 375 -21.02 -31.14 -31.48
N ILE A 376 -19.70 -31.02 -31.27
CA ILE A 376 -18.79 -32.17 -31.00
C ILE A 376 -18.45 -32.14 -29.51
N LEU A 377 -18.79 -33.22 -28.82
CA LEU A 377 -18.84 -33.25 -27.35
C LEU A 377 -18.31 -34.62 -26.88
N ARG A 378 -17.14 -34.63 -26.24
CA ARG A 378 -16.44 -35.89 -25.84
C ARG A 378 -17.16 -36.52 -24.65
N ASN A 379 -17.73 -35.68 -23.79
CA ASN A 379 -18.55 -36.15 -22.64
C ASN A 379 -19.91 -35.44 -22.70
N SER A 380 -20.98 -36.15 -22.37
CA SER A 380 -22.34 -35.60 -22.17
C SER A 380 -22.26 -34.14 -21.70
N THR A 381 -21.63 -33.96 -20.54
CA THR A 381 -21.54 -32.66 -19.84
C THR A 381 -20.25 -32.00 -20.34
N ASP A 382 -20.38 -31.35 -21.46
CA ASP A 382 -19.31 -30.52 -22.03
C ASP A 382 -20.06 -29.41 -22.72
N PRO A 383 -19.48 -28.21 -22.67
CA PRO A 383 -20.09 -27.06 -23.33
C PRO A 383 -19.81 -27.10 -24.83
N ILE A 384 -20.64 -26.39 -25.58
CA ILE A 384 -20.47 -26.33 -27.06
C ILE A 384 -19.30 -25.39 -27.37
N LYS A 385 -18.17 -25.93 -27.80
CA LYS A 385 -16.98 -25.14 -28.19
C LYS A 385 -16.71 -25.32 -29.70
N GLU A 386 -17.22 -26.41 -30.28
CA GLU A 386 -16.78 -27.03 -31.55
C GLU A 386 -17.95 -27.68 -32.28
N PHE A 387 -18.25 -27.23 -33.50
CA PHE A 387 -19.27 -27.89 -34.36
C PHE A 387 -18.66 -28.67 -35.53
N ARG A 388 -19.41 -29.64 -36.03
CA ARG A 388 -19.22 -30.24 -37.36
C ARG A 388 -20.31 -29.75 -38.30
N ILE A 389 -19.99 -28.87 -39.24
CA ILE A 389 -20.95 -28.25 -40.18
C ILE A 389 -20.84 -28.91 -41.57
N GLU A 390 -21.96 -29.32 -42.16
CA GLU A 390 -22.03 -29.79 -43.56
C GLU A 390 -22.75 -28.78 -44.43
N PHE A 391 -22.21 -28.49 -45.60
CA PHE A 391 -22.81 -27.48 -46.49
C PHE A 391 -23.49 -28.23 -47.65
N THR A 392 -24.54 -27.62 -48.24
CA THR A 392 -25.25 -28.25 -49.38
C THR A 392 -24.35 -28.22 -50.61
N LYS A 393 -23.65 -27.10 -50.87
CA LYS A 393 -22.71 -26.92 -52.01
C LYS A 393 -21.28 -27.29 -51.58
N ALA A 394 -20.45 -27.68 -52.53
CA ALA A 394 -19.07 -28.14 -52.26
C ALA A 394 -18.19 -26.89 -52.21
N LEU A 395 -17.13 -26.92 -51.41
CA LEU A 395 -16.25 -25.78 -51.12
C LEU A 395 -15.11 -25.72 -52.13
N ASP A 396 -14.84 -24.54 -52.66
CA ASP A 396 -13.66 -24.31 -53.52
C ASP A 396 -12.43 -24.73 -52.70
N PRO A 397 -11.50 -25.57 -53.18
CA PRO A 397 -10.35 -26.01 -52.36
C PRO A 397 -9.49 -24.88 -51.76
N VAL A 398 -9.77 -23.63 -52.14
CA VAL A 398 -9.11 -22.41 -51.57
C VAL A 398 -9.56 -22.26 -50.12
N ILE A 399 -10.69 -22.88 -49.78
CA ILE A 399 -11.23 -22.86 -48.41
C ILE A 399 -10.71 -24.12 -47.71
N ASP A 400 -9.47 -24.03 -47.28
CA ASP A 400 -8.79 -25.07 -46.49
C ASP A 400 -8.08 -24.34 -45.34
N PRO A 401 -8.39 -24.72 -44.07
CA PRO A 401 -7.76 -24.14 -42.89
C PRO A 401 -6.23 -24.27 -42.91
N SER A 402 -5.69 -25.30 -43.58
CA SER A 402 -4.23 -25.54 -43.63
C SER A 402 -3.56 -24.62 -44.67
N LYS A 403 -4.32 -23.85 -45.45
CA LYS A 403 -3.72 -22.83 -46.32
C LYS A 403 -3.73 -21.48 -45.63
N GLN A 404 -4.78 -21.11 -44.91
CA GLN A 404 -4.81 -19.80 -44.23
C GLN A 404 -5.87 -19.82 -43.15
N ASP A 405 -5.98 -18.71 -42.43
CA ASP A 405 -6.96 -18.63 -41.33
C ASP A 405 -8.29 -18.25 -41.97
N ILE A 406 -9.31 -19.11 -41.78
CA ILE A 406 -10.66 -18.93 -42.40
C ILE A 406 -11.75 -18.88 -41.32
N GLY A 407 -12.66 -17.91 -41.47
CA GLY A 407 -13.82 -17.74 -40.60
C GLY A 407 -15.14 -17.87 -41.36
N ILE A 408 -16.23 -18.14 -40.63
CA ILE A 408 -17.63 -18.34 -41.13
C ILE A 408 -18.56 -17.33 -40.43
N GLU A 409 -19.31 -16.54 -41.20
CA GLU A 409 -20.35 -15.62 -40.69
C GLU A 409 -21.68 -16.29 -41.03
N ASN A 410 -22.62 -16.35 -40.09
CA ASN A 410 -24.01 -16.84 -40.36
C ASN A 410 -24.88 -15.66 -40.78
N LEU A 411 -25.11 -15.51 -42.06
CA LEU A 411 -25.89 -14.37 -42.60
C LEU A 411 -27.39 -14.51 -42.28
N SER A 412 -27.84 -15.63 -41.74
CA SER A 412 -29.28 -15.86 -41.43
C SER A 412 -29.60 -15.24 -40.07
N TRP A 413 -28.73 -15.46 -39.09
CA TRP A 413 -28.88 -14.83 -37.78
C TRP A 413 -28.33 -13.41 -37.81
N THR A 414 -28.95 -12.51 -38.55
CA THR A 414 -28.54 -11.09 -38.62
C THR A 414 -29.83 -10.28 -38.49
N PRO A 415 -29.95 -9.35 -37.55
CA PRO A 415 -31.19 -8.59 -37.44
C PRO A 415 -31.18 -7.28 -38.22
N SER A 416 -32.34 -6.83 -38.62
CA SER A 416 -32.51 -5.44 -39.11
C SER A 416 -32.70 -4.53 -37.87
N VAL A 417 -32.43 -3.24 -37.98
CA VAL A 417 -32.30 -2.41 -36.76
C VAL A 417 -32.92 -1.04 -36.95
N VAL A 418 -33.72 -0.63 -35.99
CA VAL A 418 -34.18 0.77 -35.85
C VAL A 418 -33.74 1.21 -34.45
N PHE A 419 -32.89 2.21 -34.40
CA PHE A 419 -32.34 2.72 -33.13
C PHE A 419 -32.61 4.21 -33.16
N THR A 420 -33.73 4.65 -32.61
CA THR A 420 -34.17 6.05 -32.77
C THR A 420 -34.58 6.69 -31.46
N GLY A 421 -34.45 8.02 -31.45
CA GLY A 421 -34.81 8.94 -30.35
C GLY A 421 -34.24 8.51 -29.00
N ASN A 422 -33.06 7.91 -28.93
CA ASN A 422 -32.48 7.52 -27.63
C ASN A 422 -31.53 8.65 -27.15
N THR A 423 -31.12 8.60 -25.88
CA THR A 423 -30.11 9.51 -25.31
C THR A 423 -29.00 8.66 -24.72
N ILE A 424 -27.78 8.84 -25.23
CA ILE A 424 -26.60 8.15 -24.65
C ILE A 424 -25.61 9.19 -24.10
N ARG A 425 -25.15 8.92 -22.89
CA ARG A 425 -24.28 9.92 -22.26
C ARG A 425 -23.44 9.33 -21.15
N ASN A 426 -22.29 9.98 -20.98
CA ASN A 426 -21.39 9.83 -19.81
C ASN A 426 -21.09 8.34 -19.65
N ASN A 427 -20.67 7.65 -20.71
CA ASN A 427 -20.43 6.20 -20.64
C ASN A 427 -19.04 5.89 -21.14
N ARG A 428 -18.52 4.77 -20.66
CA ARG A 428 -17.17 4.29 -21.02
C ARG A 428 -17.20 3.70 -22.41
N ALA A 429 -16.06 3.73 -23.08
CA ALA A 429 -15.87 3.11 -24.41
C ALA A 429 -16.70 3.92 -25.42
N ARG A 430 -17.23 3.25 -26.43
CA ARG A 430 -18.02 3.85 -27.51
C ARG A 430 -19.49 4.04 -27.10
N GLY A 431 -20.25 4.79 -27.88
CA GLY A 431 -21.70 4.97 -27.70
C GLY A 431 -22.48 3.76 -28.20
N ALA A 432 -22.23 3.37 -29.44
CA ALA A 432 -23.09 2.42 -30.19
C ALA A 432 -22.25 1.63 -31.18
N LEU A 433 -22.37 0.31 -31.17
CA LEU A 433 -21.68 -0.58 -32.14
C LEU A 433 -22.75 -1.21 -33.01
N PHE A 434 -22.60 -1.10 -34.33
CA PHE A 434 -23.50 -1.76 -35.30
C PHE A 434 -22.68 -2.62 -36.24
N SER A 435 -23.01 -3.90 -36.32
CA SER A 435 -22.31 -4.87 -37.17
C SER A 435 -23.33 -5.73 -37.92
N THR A 436 -24.16 -5.14 -38.75
CA THR A 436 -25.16 -6.03 -39.39
C THR A 436 -25.30 -5.67 -40.86
N PRO A 437 -25.27 -6.73 -41.68
CA PRO A 437 -25.49 -6.58 -43.12
C PRO A 437 -26.90 -6.07 -43.42
N LYS A 438 -27.83 -6.28 -42.48
CA LYS A 438 -29.27 -5.99 -42.67
C LYS A 438 -29.50 -4.49 -42.58
N PRO A 439 -30.62 -3.97 -43.11
CA PRO A 439 -30.87 -2.53 -43.08
C PRO A 439 -30.91 -2.00 -41.66
N THR A 440 -30.34 -0.82 -41.47
CA THR A 440 -30.11 -0.26 -40.12
C THR A 440 -30.40 1.24 -40.17
N LEU A 441 -31.31 1.70 -39.33
CA LEU A 441 -31.57 3.14 -39.15
C LEU A 441 -31.11 3.59 -37.76
N VAL A 442 -30.31 4.64 -37.70
CA VAL A 442 -29.73 5.23 -36.45
C VAL A 442 -30.09 6.72 -36.54
N ALA A 443 -31.17 7.15 -35.89
CA ALA A 443 -31.78 8.46 -36.17
C ALA A 443 -32.34 9.13 -34.92
N ASN A 444 -32.34 10.46 -34.95
CA ASN A 444 -32.72 11.36 -33.83
C ASN A 444 -32.25 10.85 -32.49
N ASN A 445 -31.00 10.37 -32.41
CA ASN A 445 -30.37 10.07 -31.11
C ASN A 445 -29.55 11.26 -30.64
N LEU A 446 -29.38 11.38 -29.31
CA LEU A 446 -28.44 12.32 -28.63
C LEU A 446 -27.29 11.53 -28.00
N PHE A 447 -26.11 11.84 -28.50
CA PHE A 447 -24.83 11.35 -27.95
C PHE A 447 -24.19 12.49 -27.15
N ASP A 448 -24.50 12.57 -25.83
CA ASP A 448 -24.12 13.73 -24.98
C ASP A 448 -22.93 13.32 -24.13
N HIS A 449 -21.73 13.71 -24.54
CA HIS A 449 -20.48 13.40 -23.81
C HIS A 449 -20.37 11.90 -23.59
N THR A 450 -20.40 11.09 -24.63
CA THR A 450 -19.88 9.71 -24.54
C THR A 450 -18.38 9.86 -24.36
N SER A 451 -17.74 8.91 -23.67
CA SER A 451 -16.32 9.11 -23.32
C SER A 451 -15.53 8.97 -24.62
N GLY A 452 -15.82 7.88 -25.33
CA GLY A 452 -15.11 7.53 -26.59
C GLY A 452 -15.84 8.03 -27.82
N CYS A 453 -15.83 7.22 -28.87
CA CYS A 453 -16.48 7.65 -30.12
C CYS A 453 -17.99 7.33 -30.04
N ALA A 454 -18.77 8.13 -30.74
CA ALA A 454 -20.24 8.02 -30.70
C ALA A 454 -20.66 6.67 -31.30
N ILE A 455 -20.13 6.33 -32.48
CA ILE A 455 -20.60 5.14 -33.27
C ILE A 455 -19.40 4.38 -33.78
N LEU A 456 -19.45 3.08 -33.67
CA LEU A 456 -18.36 2.22 -34.18
C LEU A 456 -18.94 1.05 -35.01
N LEU A 457 -18.53 0.98 -36.28
CA LEU A 457 -18.78 -0.20 -37.15
C LEU A 457 -17.45 -0.92 -37.23
N CYS A 458 -17.33 -2.12 -36.70
CA CYS A 458 -16.01 -2.80 -36.57
C CYS A 458 -16.15 -4.28 -36.81
N GLY A 459 -15.66 -5.04 -37.75
CA GLY A 459 -15.67 -6.50 -37.54
C GLY A 459 -14.27 -7.03 -37.24
N ASP A 460 -14.19 -8.24 -36.69
CA ASP A 460 -12.89 -8.85 -36.36
C ASP A 460 -13.03 -10.37 -36.33
N SER A 461 -12.20 -11.10 -37.09
CA SER A 461 -12.13 -12.59 -37.10
C SER A 461 -10.75 -13.08 -36.62
N ASN A 462 -10.14 -12.36 -35.69
CA ASN A 462 -8.78 -12.71 -35.22
C ASN A 462 -8.71 -12.62 -33.70
N GLY A 463 -9.40 -11.65 -33.09
CA GLY A 463 -9.31 -11.48 -31.63
C GLY A 463 -10.63 -11.71 -30.95
N TRP A 464 -11.59 -10.85 -31.23
CA TRP A 464 -12.91 -10.90 -30.54
C TRP A 464 -13.90 -11.75 -31.34
N TYR A 465 -13.63 -12.03 -32.62
CA TYR A 465 -14.42 -12.97 -33.43
C TYR A 465 -15.88 -12.51 -33.46
N GLU A 466 -16.10 -11.20 -33.65
CA GLU A 466 -17.44 -10.59 -33.72
C GLU A 466 -17.73 -10.12 -35.14
N THR A 467 -18.80 -10.62 -35.74
CA THR A 467 -19.10 -10.41 -37.17
C THR A 467 -19.68 -9.02 -37.33
N GLY A 468 -19.54 -8.50 -38.54
CA GLY A 468 -20.23 -7.26 -38.88
C GLY A 468 -19.75 -6.60 -40.14
N SER A 469 -19.62 -7.29 -41.28
CA SER A 469 -19.58 -6.49 -42.53
C SER A 469 -20.98 -5.87 -42.72
N CYS A 470 -21.08 -4.55 -42.60
CA CYS A 470 -22.28 -3.71 -42.82
C CYS A 470 -22.54 -3.48 -44.31
N ARG A 471 -23.81 -3.42 -44.68
CA ARG A 471 -24.15 -3.26 -46.12
C ARG A 471 -25.20 -2.18 -46.32
N ASP A 472 -25.82 -1.73 -45.25
CA ASP A 472 -26.98 -0.84 -45.42
C ASP A 472 -27.28 -0.16 -44.10
N ILE A 473 -26.93 1.11 -43.98
CA ILE A 473 -26.97 1.80 -42.67
C ILE A 473 -27.07 3.29 -42.91
N THR A 474 -28.12 3.87 -42.37
CA THR A 474 -28.34 5.34 -42.41
C THR A 474 -28.18 5.88 -40.99
N ILE A 475 -27.21 6.76 -40.80
CA ILE A 475 -27.01 7.53 -39.55
C ILE A 475 -27.46 8.95 -39.86
N ARG A 476 -28.69 9.30 -39.45
CA ARG A 476 -29.27 10.59 -39.87
C ARG A 476 -29.94 11.30 -38.69
N ASP A 477 -29.94 12.63 -38.78
CA ASP A 477 -30.63 13.54 -37.83
C ASP A 477 -30.22 13.24 -36.39
N ASN A 478 -28.95 12.93 -36.15
CA ASN A 478 -28.45 12.72 -34.78
C ASN A 478 -27.73 13.98 -34.31
N LYS A 479 -27.46 14.00 -33.01
CA LYS A 479 -26.74 15.12 -32.40
C LYS A 479 -25.59 14.49 -31.60
N PHE A 480 -24.39 14.92 -31.92
CA PHE A 480 -23.17 14.40 -31.27
C PHE A 480 -22.49 15.56 -30.56
N VAL A 481 -22.50 15.55 -29.22
CA VAL A 481 -21.95 16.68 -28.43
C VAL A 481 -20.70 16.20 -27.70
N ASN A 482 -19.57 16.87 -27.96
CA ASN A 482 -18.25 16.64 -27.31
C ASN A 482 -18.02 15.15 -27.00
N ALA A 483 -18.11 14.33 -28.05
CA ALA A 483 -17.64 12.95 -28.04
C ALA A 483 -16.12 12.92 -28.14
N LEU A 484 -15.58 11.79 -27.69
CA LEU A 484 -14.14 11.48 -27.68
C LEU A 484 -13.41 12.48 -26.77
N THR A 485 -13.67 12.43 -25.49
CA THR A 485 -12.82 13.12 -24.52
C THR A 485 -11.80 12.13 -23.98
N SER A 486 -11.91 10.86 -24.33
CA SER A 486 -11.01 9.83 -23.78
C SER A 486 -10.79 8.77 -24.85
N MET A 487 -9.62 8.15 -24.86
CA MET A 487 -9.22 7.15 -25.88
C MET A 487 -9.52 5.74 -25.35
N TYR A 488 -10.04 4.90 -26.24
CA TYR A 488 -10.31 3.45 -26.06
C TYR A 488 -10.06 2.75 -27.41
N GLN A 489 -10.01 1.43 -27.39
CA GLN A 489 -9.84 0.68 -28.66
C GLN A 489 -10.70 1.36 -29.73
N PHE A 490 -10.11 1.66 -30.87
CA PHE A 490 -10.81 2.07 -32.10
C PHE A 490 -11.32 3.51 -32.07
N THR A 491 -11.01 4.31 -31.06
CA THR A 491 -11.67 5.64 -30.95
C THR A 491 -10.91 6.67 -31.78
N SER A 492 -11.05 6.62 -33.10
CA SER A 492 -10.27 7.44 -34.04
C SER A 492 -11.00 8.72 -34.46
N ALA A 493 -12.34 8.74 -34.38
CA ALA A 493 -13.16 9.93 -34.72
C ALA A 493 -14.56 9.79 -34.10
N ILE A 494 -15.33 10.87 -34.09
CA ILE A 494 -16.66 10.79 -33.47
C ILE A 494 -17.38 9.59 -34.06
N ILE A 495 -17.40 9.47 -35.40
CA ILE A 495 -17.86 8.23 -36.07
C ILE A 495 -16.63 7.50 -36.60
N SER A 496 -16.40 6.29 -36.11
CA SER A 496 -15.25 5.45 -36.49
C SER A 496 -15.73 4.22 -37.25
N ILE A 497 -15.32 4.07 -38.49
CA ILE A 497 -15.60 2.82 -39.24
C ILE A 497 -14.28 2.06 -39.29
N TYR A 498 -14.09 1.16 -38.32
CA TYR A 498 -12.75 0.60 -38.01
C TYR A 498 -12.87 -0.91 -37.86
N PRO A 499 -12.86 -1.66 -38.95
CA PRO A 499 -12.71 -3.11 -38.86
C PRO A 499 -11.28 -3.49 -38.47
N GLU A 500 -11.15 -4.58 -37.72
CA GLU A 500 -9.83 -5.18 -37.39
C GLU A 500 -9.32 -6.06 -38.53
N ILE A 501 -8.39 -5.45 -39.27
CA ILE A 501 -7.72 -6.01 -40.46
C ILE A 501 -6.23 -6.14 -40.22
N PRO A 502 -5.71 -7.33 -39.84
CA PRO A 502 -4.27 -7.57 -39.71
C PRO A 502 -3.42 -7.14 -40.92
N ASP A 503 -3.80 -7.44 -42.16
CA ASP A 503 -2.96 -7.09 -43.34
C ASP A 503 -3.73 -6.17 -44.29
N LEU A 504 -3.77 -4.87 -44.00
CA LEU A 504 -4.51 -3.93 -44.87
C LEU A 504 -3.79 -3.72 -46.20
N THR A 505 -2.46 -3.75 -46.30
CA THR A 505 -1.89 -3.28 -47.60
C THR A 505 -2.22 -4.27 -48.71
N ASN A 506 -2.43 -5.55 -48.40
CA ASN A 506 -2.77 -6.60 -49.39
C ASN A 506 -4.25 -6.85 -49.58
N GLN A 507 -5.13 -6.12 -48.89
CA GLN A 507 -6.58 -6.31 -49.03
C GLN A 507 -7.01 -5.69 -50.37
N LYS A 508 -7.81 -6.44 -51.15
CA LYS A 508 -8.36 -6.03 -52.48
C LYS A 508 -9.83 -5.69 -52.31
N LYS A 509 -10.53 -6.40 -51.43
CA LYS A 509 -11.99 -6.31 -51.26
C LYS A 509 -12.30 -5.38 -50.09
N TYR A 510 -13.27 -4.51 -50.26
CA TYR A 510 -13.75 -3.62 -49.17
C TYR A 510 -14.67 -4.42 -48.25
N PHE A 511 -14.49 -4.27 -46.95
CA PHE A 511 -15.23 -5.05 -45.93
C PHE A 511 -16.66 -4.52 -45.73
N HIS A 512 -16.82 -3.21 -45.57
CA HIS A 512 -18.09 -2.52 -45.33
C HIS A 512 -18.55 -1.83 -46.61
N SER A 513 -19.87 -1.74 -46.78
CA SER A 513 -20.44 -0.99 -47.92
C SER A 513 -21.76 -0.35 -47.52
N GLY A 514 -22.14 0.70 -48.27
CA GLY A 514 -23.49 1.29 -48.22
C GLY A 514 -23.70 2.02 -46.91
N ILE A 515 -22.76 2.87 -46.54
CA ILE A 515 -22.91 3.64 -45.28
C ILE A 515 -23.34 5.04 -45.67
N ARG A 516 -24.44 5.51 -45.08
CA ARG A 516 -24.95 6.87 -45.33
C ARG A 516 -24.98 7.67 -44.02
N ILE A 517 -24.34 8.83 -44.04
CA ILE A 517 -24.25 9.73 -42.87
C ILE A 517 -24.83 11.05 -43.33
N LEU A 518 -26.09 11.30 -42.98
CA LEU A 518 -26.77 12.48 -43.54
C LEU A 518 -27.44 13.31 -42.46
N ASN A 519 -27.30 14.62 -42.59
CA ASN A 519 -28.09 15.62 -41.82
C ASN A 519 -27.88 15.39 -40.34
N ASN A 520 -26.62 15.35 -39.89
CA ASN A 520 -26.27 15.23 -38.46
C ASN A 520 -25.67 16.54 -37.99
N GLN A 521 -25.64 16.68 -36.67
CA GLN A 521 -24.96 17.81 -36.01
C GLN A 521 -23.86 17.26 -35.13
N PHE A 522 -22.66 17.80 -35.36
CA PHE A 522 -21.42 17.51 -34.62
C PHE A 522 -21.00 18.76 -33.87
N ASP A 523 -21.21 18.76 -32.56
CA ASP A 523 -20.62 19.79 -31.68
C ASP A 523 -19.34 19.18 -31.13
N THR A 524 -18.21 19.77 -31.48
CA THR A 524 -16.88 19.23 -31.09
C THR A 524 -15.91 20.40 -30.83
N PHE A 525 -14.94 20.07 -29.97
CA PHE A 525 -13.82 20.90 -29.47
C PHE A 525 -12.55 20.51 -30.20
N ASP A 526 -12.51 19.27 -30.69
CA ASP A 526 -11.37 18.64 -31.41
C ASP A 526 -11.68 18.55 -32.92
N GLN A 527 -10.81 17.82 -33.64
CA GLN A 527 -10.82 17.76 -35.12
C GLN A 527 -11.53 16.51 -35.68
N PRO A 528 -11.16 15.26 -35.30
CA PRO A 528 -11.69 14.06 -35.95
C PRO A 528 -13.23 13.85 -35.92
N ILE A 529 -13.87 13.79 -37.11
CA ILE A 529 -15.33 13.66 -37.30
C ILE A 529 -15.65 12.26 -37.80
N LEU A 530 -14.98 11.84 -38.86
CA LEU A 530 -15.21 10.52 -39.52
C LEU A 530 -13.86 9.87 -39.81
N TYR A 531 -13.68 8.66 -39.32
CA TYR A 531 -12.58 7.78 -39.73
C TYR A 531 -13.16 6.56 -40.44
N ALA A 532 -12.62 6.17 -41.58
CA ALA A 532 -13.24 5.09 -42.38
C ALA A 532 -12.18 4.21 -43.00
N LYS A 533 -12.20 2.92 -42.66
CA LYS A 533 -11.22 1.93 -43.14
C LYS A 533 -11.96 0.77 -43.78
N SER A 534 -11.67 0.52 -45.07
CA SER A 534 -12.16 -0.64 -45.86
C SER A 534 -13.65 -0.47 -46.16
N VAL A 535 -13.98 0.60 -46.85
CA VAL A 535 -15.40 0.89 -47.20
C VAL A 535 -15.55 1.12 -48.69
N ASP A 536 -16.55 0.48 -49.26
CA ASP A 536 -17.01 0.79 -50.61
C ASP A 536 -18.41 1.40 -50.52
N GLY A 537 -18.53 2.71 -50.75
CA GLY A 537 -19.82 3.42 -50.65
C GLY A 537 -19.96 4.10 -49.30
N LEU A 538 -19.67 5.40 -49.26
CA LEU A 538 -19.68 6.19 -48.02
C LEU A 538 -20.26 7.57 -48.34
N VAL A 539 -21.48 7.81 -47.89
CA VAL A 539 -22.17 9.10 -48.15
C VAL A 539 -22.07 9.96 -46.89
N PHE A 540 -21.59 11.18 -47.05
CA PHE A 540 -21.48 12.17 -45.98
C PHE A 540 -22.08 13.45 -46.50
N THR A 541 -23.34 13.73 -46.20
CA THR A 541 -24.03 14.90 -46.81
C THR A 541 -24.92 15.62 -45.80
N GLY A 542 -25.01 16.94 -46.02
CA GLY A 542 -25.88 17.86 -45.30
C GLY A 542 -25.60 17.89 -43.80
N ASN A 543 -24.36 17.62 -43.38
CA ASN A 543 -23.99 17.58 -41.95
C ASN A 543 -23.43 18.94 -41.53
N LYS A 544 -23.54 19.22 -40.24
CA LYS A 544 -23.21 20.53 -39.63
C LYS A 544 -22.20 20.30 -38.52
N ILE A 545 -21.06 20.97 -38.64
CA ILE A 545 -20.02 20.82 -37.62
C ILE A 545 -19.84 22.17 -36.98
N GLN A 546 -20.02 22.16 -35.66
CA GLN A 546 -20.01 23.36 -34.80
C GLN A 546 -18.88 23.20 -33.78
N THR A 547 -17.95 24.15 -33.78
CA THR A 547 -16.76 24.10 -32.93
C THR A 547 -17.13 24.72 -31.57
N ASN A 548 -16.52 24.22 -30.51
CA ASN A 548 -16.60 24.85 -29.17
C ASN A 548 -15.23 24.69 -28.49
N LYS A 549 -14.99 25.29 -27.32
CA LYS A 549 -13.69 25.09 -26.60
C LYS A 549 -13.88 24.54 -25.20
N GLU A 550 -14.92 23.74 -24.95
CA GLU A 550 -15.26 23.22 -23.59
C GLU A 550 -14.09 22.36 -23.09
N TYR A 551 -13.27 21.85 -23.99
CA TYR A 551 -12.03 21.13 -23.64
C TYR A 551 -10.95 21.39 -24.69
N PRO A 552 -9.68 21.17 -24.34
CA PRO A 552 -8.60 21.30 -25.32
C PRO A 552 -8.60 20.21 -26.41
N ALA A 553 -8.38 20.62 -27.67
CA ALA A 553 -8.08 19.64 -28.74
C ALA A 553 -6.93 18.74 -28.28
N PHE A 554 -6.97 17.43 -28.51
CA PHE A 554 -5.80 16.59 -28.12
C PHE A 554 -5.54 15.38 -29.02
N HIS A 555 -6.46 15.03 -29.91
CA HIS A 555 -6.48 13.69 -30.56
C HIS A 555 -5.29 13.62 -31.49
N SER A 556 -4.62 12.47 -31.53
CA SER A 556 -3.42 12.32 -32.40
C SER A 556 -3.81 12.53 -33.86
N ASN A 557 -5.00 12.06 -34.25
CA ASN A 557 -5.57 12.28 -35.59
C ASN A 557 -6.09 13.71 -35.66
N LYS A 558 -5.39 14.62 -36.35
CA LYS A 558 -5.77 16.06 -36.45
C LYS A 558 -6.52 16.33 -37.75
N LYS A 559 -7.09 15.29 -38.36
CA LYS A 559 -7.83 15.46 -39.63
C LYS A 559 -9.33 15.26 -39.38
N ARG A 560 -10.16 16.19 -39.84
CA ARG A 560 -11.64 15.98 -39.77
C ARG A 560 -12.01 14.64 -40.44
N PHE A 561 -11.51 14.39 -41.65
CA PHE A 561 -11.82 13.16 -42.39
C PHE A 561 -10.53 12.39 -42.70
N LEU A 562 -10.52 11.13 -42.32
CA LEU A 562 -9.37 10.21 -42.50
C LEU A 562 -9.92 8.94 -43.14
N PHE A 563 -9.55 8.68 -44.40
CA PHE A 563 -10.00 7.49 -45.17
C PHE A 563 -8.81 6.57 -45.42
N GLU A 564 -8.94 5.28 -45.17
CA GLU A 564 -7.95 4.24 -45.54
C GLU A 564 -8.66 3.11 -46.26
N ARG A 565 -8.40 2.94 -47.56
CA ARG A 565 -8.97 1.86 -48.42
C ARG A 565 -10.46 2.12 -48.51
N VAL A 566 -10.79 3.30 -48.98
CA VAL A 566 -12.19 3.77 -49.10
C VAL A 566 -12.39 4.24 -50.54
N ILE A 567 -13.34 3.61 -51.22
CA ILE A 567 -13.89 4.17 -52.47
C ILE A 567 -15.35 4.48 -52.23
N GLY A 568 -15.93 5.18 -53.20
CA GLY A 568 -17.37 5.40 -53.34
C GLY A 568 -17.81 6.52 -52.45
N VAL A 569 -16.99 7.56 -52.35
CA VAL A 569 -17.26 8.65 -51.39
C VAL A 569 -18.06 9.72 -52.08
N ASP A 570 -19.15 10.09 -51.40
CA ASP A 570 -20.08 11.16 -51.80
C ASP A 570 -20.16 12.17 -50.68
N PHE A 571 -19.80 13.39 -50.98
CA PHE A 571 -19.52 14.38 -49.92
C PHE A 571 -19.97 15.76 -50.39
N SER A 572 -21.14 16.17 -49.95
CA SER A 572 -21.73 17.48 -50.35
C SER A 572 -22.59 18.06 -49.24
N ASP A 573 -22.77 19.39 -49.31
CA ASP A 573 -23.71 20.18 -48.48
C ASP A 573 -23.24 20.12 -47.00
N ASN A 574 -21.97 19.84 -46.73
CA ASN A 574 -21.48 19.85 -45.33
C ASN A 574 -20.93 21.24 -44.99
N LYS A 575 -20.92 21.55 -43.70
CA LYS A 575 -20.48 22.88 -43.20
C LYS A 575 -19.67 22.74 -41.91
N VAL A 576 -18.75 23.69 -41.72
CA VAL A 576 -18.06 23.85 -40.42
C VAL A 576 -18.26 25.30 -40.01
N ASP A 577 -18.95 25.50 -38.89
CA ASP A 577 -19.24 26.83 -38.31
C ASP A 577 -19.92 27.65 -39.41
N GLY A 578 -20.81 27.01 -40.16
CA GLY A 578 -21.64 27.66 -41.20
C GLY A 578 -20.88 27.96 -42.49
N LYS A 579 -19.61 27.55 -42.58
CA LYS A 579 -18.84 27.67 -43.86
C LYS A 579 -18.82 26.31 -44.54
N PRO A 580 -19.04 26.24 -45.87
CA PRO A 580 -18.90 25.01 -46.64
C PRO A 580 -17.51 24.38 -46.62
N ILE A 581 -17.47 23.06 -46.53
CA ILE A 581 -16.24 22.24 -46.64
C ILE A 581 -16.49 21.32 -47.82
N GLU A 582 -15.78 21.53 -48.93
CA GLU A 582 -16.00 20.70 -50.13
C GLU A 582 -14.72 19.90 -50.44
N MET A 583 -14.87 18.71 -51.01
CA MET A 583 -13.78 17.85 -51.51
C MET A 583 -13.16 18.52 -52.74
N LEU A 584 -14.00 18.92 -53.69
CA LEU A 584 -13.51 19.63 -54.90
C LEU A 584 -13.33 21.09 -54.49
N SER B 1 72.09 -4.56 -21.26
CA SER B 1 73.23 -4.71 -20.25
C SER B 1 74.38 -3.75 -20.55
N GLU B 2 75.20 -4.08 -21.56
CA GLU B 2 76.19 -3.17 -22.20
C GLU B 2 75.45 -2.25 -23.14
N PHE B 3 74.11 -2.32 -23.20
CA PHE B 3 73.22 -1.53 -24.08
C PHE B 3 72.21 -0.74 -23.24
N ASN B 4 71.92 0.49 -23.60
CA ASN B 4 70.91 1.27 -22.86
C ASN B 4 69.54 0.61 -23.11
N VAL B 5 69.22 0.34 -24.37
CA VAL B 5 68.00 -0.38 -24.80
C VAL B 5 68.44 -1.59 -25.62
N LYS B 6 67.84 -2.76 -25.39
CA LYS B 6 68.05 -3.92 -26.28
C LYS B 6 66.97 -3.91 -27.36
N ILE B 7 67.29 -3.77 -28.63
CA ILE B 7 66.26 -3.66 -29.69
C ILE B 7 66.19 -4.99 -30.45
N TYR B 8 65.07 -5.69 -30.47
CA TYR B 8 64.92 -6.95 -31.24
C TYR B 8 64.15 -6.62 -32.52
N LYS B 9 64.86 -6.52 -33.63
CA LYS B 9 64.22 -6.48 -34.96
C LYS B 9 63.62 -7.86 -35.19
N LEU B 10 62.30 -7.98 -35.44
CA LEU B 10 61.65 -9.31 -35.27
C LEU B 10 62.16 -10.26 -36.36
N SER B 11 62.41 -9.71 -37.55
CA SER B 11 62.89 -10.46 -38.73
C SER B 11 64.25 -11.12 -38.46
N ALA B 12 65.07 -10.61 -37.55
CA ALA B 12 66.33 -11.29 -37.19
C ALA B 12 66.02 -12.51 -36.33
N TYR B 13 64.78 -12.68 -35.85
CA TYR B 13 64.42 -13.74 -34.88
C TYR B 13 63.31 -14.57 -35.51
N GLY B 14 63.30 -14.71 -36.84
CA GLY B 14 62.44 -15.69 -37.52
C GLY B 14 61.01 -15.21 -37.68
N ILE B 15 60.75 -13.90 -37.58
CA ILE B 15 59.36 -13.37 -37.66
C ILE B 15 59.27 -12.24 -38.67
N LYS B 16 58.83 -12.65 -39.88
CA LYS B 16 58.90 -11.82 -41.10
C LYS B 16 57.51 -11.38 -41.50
N PRO B 17 57.37 -10.23 -42.21
CA PRO B 17 56.09 -9.77 -42.72
C PRO B 17 55.71 -10.46 -44.04
N ASN B 18 54.40 -10.64 -44.26
CA ASN B 18 53.86 -11.09 -45.58
C ASN B 18 54.24 -12.56 -45.78
N SER B 19 54.60 -13.29 -44.73
CA SER B 19 54.92 -14.72 -44.83
C SER B 19 53.63 -15.50 -44.95
N GLY B 20 52.54 -14.90 -44.48
CA GLY B 20 51.25 -15.58 -44.35
C GLY B 20 51.27 -16.67 -43.29
N LYS B 21 52.33 -16.83 -42.49
CA LYS B 21 52.33 -17.90 -41.48
C LYS B 21 51.82 -17.39 -40.15
N ASN B 22 51.55 -18.34 -39.26
CA ASN B 22 50.95 -18.09 -37.94
C ASN B 22 52.04 -17.46 -37.09
N THR B 23 51.94 -16.17 -36.80
CA THR B 23 52.98 -15.42 -36.04
C THR B 23 52.80 -15.68 -34.56
N THR B 24 51.67 -16.24 -34.14
CA THR B 24 51.27 -16.27 -32.72
C THR B 24 52.26 -17.10 -31.93
N PRO B 25 52.53 -18.38 -32.29
CA PRO B 25 53.35 -19.25 -31.44
C PRO B 25 54.80 -18.77 -31.33
N LEU B 26 55.25 -18.07 -32.40
CA LEU B 26 56.62 -17.50 -32.56
C LEU B 26 56.80 -16.29 -31.64
N LEU B 27 55.96 -15.26 -31.76
CA LEU B 27 56.09 -14.02 -30.96
C LEU B 27 55.91 -14.38 -29.49
N THR B 28 54.97 -15.26 -29.18
CA THR B 28 54.77 -15.82 -27.83
C THR B 28 56.04 -16.49 -27.32
N SER B 29 56.62 -17.46 -28.01
CA SER B 29 57.87 -18.11 -27.55
C SER B 29 59.01 -17.08 -27.37
N LEU B 30 59.11 -16.10 -28.27
CA LEU B 30 60.20 -15.11 -28.30
C LEU B 30 60.09 -14.14 -27.11
N LEU B 31 58.93 -13.51 -26.91
CA LEU B 31 58.68 -12.62 -25.75
C LEU B 31 58.91 -13.39 -24.45
N LYS B 32 58.53 -14.67 -24.37
CA LYS B 32 58.73 -15.44 -23.13
C LYS B 32 60.21 -15.48 -22.80
N GLU B 33 61.06 -15.71 -23.82
CA GLU B 33 62.52 -15.79 -23.64
C GLU B 33 63.08 -14.40 -23.30
N ILE B 34 62.74 -13.36 -24.06
CA ILE B 34 63.25 -11.98 -23.81
C ILE B 34 62.93 -11.59 -22.37
N LYS B 35 61.74 -11.97 -21.88
CA LYS B 35 61.31 -11.64 -20.51
C LYS B 35 62.14 -12.43 -19.51
N SER B 36 62.35 -13.72 -19.72
CA SER B 36 63.03 -14.58 -18.72
C SER B 36 64.47 -14.11 -18.53
N LYS B 37 64.98 -13.22 -19.39
CA LYS B 37 66.36 -12.68 -19.29
C LYS B 37 66.29 -11.24 -18.80
N THR B 38 65.58 -10.37 -19.49
CA THR B 38 65.49 -8.93 -19.13
C THR B 38 64.86 -8.85 -17.72
N SER B 39 65.29 -7.89 -16.92
CA SER B 39 64.88 -7.80 -15.49
C SER B 39 64.80 -6.33 -15.11
N ASP B 40 63.85 -5.96 -14.26
CA ASP B 40 64.02 -4.72 -13.46
C ASP B 40 64.10 -3.52 -14.42
N LEU B 41 65.23 -2.82 -14.34
CA LEU B 41 65.53 -1.53 -14.99
C LEU B 41 65.78 -1.75 -16.49
N ASP B 42 65.94 -3.02 -16.92
CA ASP B 42 66.29 -3.41 -18.31
C ASP B 42 65.20 -2.93 -19.28
N LYS B 43 65.59 -2.14 -20.29
CA LYS B 43 64.65 -1.60 -21.30
C LYS B 43 64.73 -2.47 -22.57
N VAL B 44 63.58 -2.78 -23.16
CA VAL B 44 63.41 -3.72 -24.31
C VAL B 44 62.63 -2.98 -25.39
N ILE B 45 62.92 -3.21 -26.66
CA ILE B 45 62.04 -2.80 -27.80
C ILE B 45 61.85 -4.05 -28.69
N ILE B 46 60.61 -4.31 -29.13
CA ILE B 46 60.24 -5.36 -30.12
C ILE B 46 59.86 -4.63 -31.42
N GLN B 47 60.57 -4.89 -32.53
CA GLN B 47 60.37 -4.10 -33.79
C GLN B 47 59.88 -4.94 -34.98
N PHE B 48 58.68 -4.57 -35.43
CA PHE B 48 57.93 -5.08 -36.61
C PHE B 48 58.29 -4.22 -37.83
N GLU B 49 58.26 -4.81 -39.02
CA GLU B 49 58.61 -4.13 -40.29
C GLU B 49 57.30 -3.81 -41.03
N LYS B 50 57.43 -2.97 -42.06
CA LYS B 50 56.37 -2.72 -43.05
C LYS B 50 55.84 -4.05 -43.55
N GLY B 51 54.52 -4.19 -43.54
CA GLY B 51 53.79 -5.35 -44.09
C GLY B 51 52.86 -5.98 -43.09
N ARG B 52 52.44 -7.20 -43.38
CA ARG B 52 51.34 -7.89 -42.69
C ARG B 52 51.84 -9.09 -41.91
N TYR B 53 51.41 -9.22 -40.66
CA TYR B 53 51.70 -10.38 -39.79
C TYR B 53 50.32 -10.97 -39.43
N ASP B 54 50.15 -12.26 -39.66
CA ASP B 54 48.85 -12.90 -39.36
C ASP B 54 49.00 -13.69 -38.09
N PHE B 55 48.01 -13.58 -37.21
CA PHE B 55 47.92 -14.31 -35.93
C PHE B 55 46.68 -15.16 -35.96
N TYR B 56 46.81 -16.40 -35.55
CA TYR B 56 45.67 -17.32 -35.44
C TYR B 56 45.56 -17.80 -33.99
N PRO B 57 44.40 -18.34 -33.62
CA PRO B 57 44.26 -18.96 -32.30
C PRO B 57 45.35 -19.99 -31.97
N GLU B 58 45.92 -20.70 -32.94
CA GLU B 58 46.80 -21.85 -32.61
C GLU B 58 48.07 -21.29 -31.99
N GLY B 59 48.42 -21.85 -30.83
CA GLY B 59 49.65 -21.51 -30.07
C GLY B 59 49.55 -20.21 -29.31
N ALA B 60 48.37 -19.59 -29.26
CA ALA B 60 48.07 -18.41 -28.41
C ALA B 60 48.02 -18.85 -26.95
N ILE B 61 48.26 -17.90 -26.06
CA ILE B 61 48.07 -18.19 -24.62
C ILE B 61 46.56 -18.18 -24.35
N LYS B 62 46.11 -19.07 -23.46
CA LYS B 62 44.75 -19.01 -22.88
C LYS B 62 44.78 -18.43 -21.47
N ARG B 63 44.37 -17.17 -21.34
CA ARG B 63 44.20 -16.47 -20.04
C ARG B 63 42.72 -16.34 -19.65
N GLU B 64 42.43 -16.57 -18.37
CA GLU B 64 41.13 -16.22 -17.77
C GLU B 64 41.18 -14.74 -17.39
N TYR B 65 40.53 -13.87 -18.14
CA TYR B 65 40.53 -12.42 -17.83
C TYR B 65 39.11 -11.96 -17.52
N TYR B 66 38.99 -11.11 -16.53
CA TYR B 66 37.74 -10.40 -16.25
C TYR B 66 37.91 -8.98 -16.76
N ILE B 67 37.03 -8.61 -17.66
CA ILE B 67 37.18 -7.36 -18.43
C ILE B 67 35.95 -6.51 -18.20
N SER B 68 36.14 -5.32 -17.67
CA SER B 68 35.04 -4.36 -17.47
C SER B 68 34.32 -4.16 -18.80
N ASN B 69 32.99 -4.14 -18.72
CA ASN B 69 32.01 -3.67 -19.74
C ASN B 69 32.03 -4.61 -20.94
N HIS B 70 32.26 -5.90 -20.72
CA HIS B 70 32.39 -6.95 -21.77
C HIS B 70 31.76 -8.28 -21.27
N ASP B 71 31.37 -9.16 -22.18
CA ASP B 71 31.04 -10.56 -21.82
C ASP B 71 32.21 -11.22 -21.10
N GLN B 72 31.91 -12.08 -20.15
CA GLN B 72 32.94 -12.78 -19.33
C GLN B 72 33.03 -14.22 -19.80
N ASP B 73 33.29 -14.39 -21.08
CA ASP B 73 33.46 -15.74 -21.66
C ASP B 73 34.91 -16.13 -21.44
N ASN B 74 35.20 -17.26 -20.80
CA ASN B 74 36.60 -17.63 -20.54
C ASN B 74 36.86 -19.07 -21.01
N PRO B 75 38.12 -19.42 -21.32
CA PRO B 75 39.24 -18.49 -21.30
C PRO B 75 39.20 -17.50 -22.48
N LYS B 76 40.07 -16.50 -22.49
CA LYS B 76 40.26 -15.65 -23.68
C LYS B 76 41.46 -16.19 -24.43
N THR B 77 41.36 -16.14 -25.77
CA THR B 77 42.41 -16.51 -26.74
C THR B 77 43.20 -15.22 -27.03
N VAL B 78 44.42 -15.16 -26.48
CA VAL B 78 45.20 -13.92 -26.43
C VAL B 78 46.33 -14.07 -27.43
N GLY B 79 46.36 -13.12 -28.37
CA GLY B 79 47.34 -13.06 -29.45
C GLY B 79 48.71 -12.68 -28.92
N ILE B 80 48.79 -11.50 -28.35
CA ILE B 80 50.05 -11.02 -27.73
C ILE B 80 49.83 -10.69 -26.25
N GLY B 81 50.43 -11.49 -25.36
CA GLY B 81 50.37 -11.30 -23.90
C GLY B 81 51.60 -10.60 -23.34
N ILE B 82 51.49 -9.30 -23.09
CA ILE B 82 52.51 -8.54 -22.31
C ILE B 82 52.08 -8.63 -20.85
N GLU B 83 52.62 -9.57 -20.08
CA GLU B 83 52.21 -9.80 -18.66
C GLU B 83 53.39 -9.61 -17.67
N LYS B 84 53.32 -8.60 -16.78
CA LYS B 84 54.32 -8.40 -15.71
C LYS B 84 55.68 -8.22 -16.38
N PHE B 85 55.71 -7.31 -17.35
CA PHE B 85 56.83 -7.09 -18.26
C PHE B 85 56.96 -5.58 -18.43
N ASN B 86 58.04 -4.98 -17.94
CA ASN B 86 58.10 -3.50 -17.90
C ASN B 86 59.14 -2.97 -18.87
N ASN B 87 58.93 -1.70 -19.23
CA ASN B 87 59.84 -0.84 -20.01
C ASN B 87 59.99 -1.42 -21.41
N ILE B 88 58.89 -1.90 -21.94
CA ILE B 88 58.89 -2.65 -23.21
C ILE B 88 58.08 -1.82 -24.19
N THR B 89 58.60 -1.63 -25.39
CA THR B 89 57.92 -0.87 -26.45
C THR B 89 57.71 -1.82 -27.60
N LEU B 90 56.46 -1.98 -28.09
CA LEU B 90 56.20 -2.66 -29.39
C LEU B 90 56.05 -1.58 -30.45
N ILE B 91 56.91 -1.60 -31.43
CA ILE B 91 56.88 -0.55 -32.47
C ILE B 91 56.78 -1.25 -33.82
N GLY B 92 56.09 -0.59 -34.75
CA GLY B 92 55.96 -1.06 -36.13
C GLY B 92 56.33 0.07 -37.08
N LYS B 93 56.20 -0.19 -38.36
CA LYS B 93 56.52 0.81 -39.40
C LYS B 93 55.42 0.72 -40.44
N GLY B 94 54.27 1.38 -40.21
CA GLY B 94 52.98 1.02 -40.88
C GLY B 94 52.78 -0.50 -40.90
N THR B 95 52.68 -1.10 -39.71
CA THR B 95 52.59 -2.58 -39.55
C THR B 95 51.12 -2.94 -39.45
N ASP B 96 50.74 -4.05 -40.06
CA ASP B 96 49.35 -4.56 -40.05
C ASP B 96 49.34 -5.89 -39.33
N LEU B 97 48.91 -5.90 -38.06
CA LEU B 97 48.72 -7.15 -37.29
C LEU B 97 47.31 -7.62 -37.59
N MET B 98 47.19 -8.77 -38.24
CA MET B 98 45.90 -9.25 -38.78
C MET B 98 45.50 -10.48 -37.95
N PHE B 99 44.33 -10.45 -37.33
CA PHE B 99 43.92 -11.57 -36.46
C PHE B 99 42.84 -12.40 -37.13
N HIS B 100 42.80 -13.64 -36.69
CA HIS B 100 41.85 -14.64 -37.22
C HIS B 100 41.06 -15.21 -36.04
N GLY B 101 39.76 -15.45 -36.24
CA GLY B 101 38.96 -16.23 -35.28
C GLY B 101 38.40 -15.36 -34.19
N ARG B 102 38.20 -15.95 -33.02
CA ARG B 102 37.85 -15.16 -31.80
C ARG B 102 39.11 -15.01 -30.97
N MET B 103 39.68 -13.81 -30.98
CA MET B 103 40.93 -13.54 -30.26
C MET B 103 40.84 -12.21 -29.52
N LEU B 104 41.59 -12.12 -28.43
CA LEU B 104 42.02 -10.85 -27.81
C LEU B 104 43.36 -10.44 -28.43
N PRO B 105 43.41 -9.48 -29.38
CA PRO B 105 44.68 -9.09 -30.00
C PRO B 105 45.82 -8.87 -29.02
N LEU B 106 45.77 -7.78 -28.24
CA LEU B 106 46.88 -7.32 -27.35
C LEU B 106 46.37 -7.16 -25.91
N ALA B 107 47.02 -7.85 -24.98
CA ALA B 107 46.74 -7.77 -23.53
C ALA B 107 47.97 -7.24 -22.76
N LEU B 108 47.80 -6.12 -22.06
CA LEU B 108 48.84 -5.51 -21.18
C LEU B 108 48.41 -5.65 -19.72
N ILE B 109 49.00 -6.59 -19.00
CA ILE B 109 48.57 -7.04 -17.66
C ILE B 109 49.66 -6.69 -16.64
N GLU B 110 49.40 -5.79 -15.69
CA GLU B 110 50.25 -5.66 -14.46
C GLU B 110 51.65 -5.30 -14.94
N SER B 111 51.72 -4.34 -15.87
CA SER B 111 52.97 -3.90 -16.52
C SER B 111 53.07 -2.38 -16.41
N SER B 112 54.27 -1.88 -16.17
CA SER B 112 54.54 -0.43 -16.18
C SER B 112 55.47 -0.02 -17.31
N ASN B 113 55.26 1.22 -17.76
CA ASN B 113 56.06 1.93 -18.80
C ASN B 113 56.08 1.10 -20.07
N VAL B 114 54.89 0.78 -20.57
CA VAL B 114 54.70 0.03 -21.84
C VAL B 114 54.22 1.02 -22.89
N LYS B 115 54.93 1.07 -24.00
CA LYS B 115 54.59 1.98 -25.12
C LYS B 115 54.25 1.08 -26.31
N ILE B 116 53.16 1.37 -27.02
CA ILE B 116 52.75 0.68 -28.27
C ILE B 116 52.69 1.74 -29.36
N LYS B 117 53.37 1.52 -30.48
CA LYS B 117 53.65 2.60 -31.45
C LYS B 117 53.58 2.14 -32.91
N ASP B 118 53.00 2.97 -33.77
CA ASP B 118 53.00 2.81 -35.25
C ASP B 118 52.58 1.39 -35.63
N LEU B 119 51.45 0.91 -35.12
CA LEU B 119 50.93 -0.45 -35.34
C LEU B 119 49.47 -0.34 -35.69
N ASN B 120 48.92 -1.35 -36.33
CA ASN B 120 47.48 -1.36 -36.71
C ASN B 120 46.96 -2.72 -36.35
N ILE B 121 45.82 -2.78 -35.69
CA ILE B 121 45.16 -4.07 -35.37
C ILE B 121 43.86 -4.21 -36.17
N ASP B 122 43.70 -5.35 -36.83
CA ASP B 122 42.46 -5.65 -37.61
C ASP B 122 42.21 -7.17 -37.55
N PHE B 123 40.97 -7.57 -37.80
CA PHE B 123 40.66 -8.99 -38.10
C PHE B 123 40.33 -9.13 -39.58
N GLU B 124 40.69 -10.28 -40.16
CA GLU B 124 40.40 -10.59 -41.59
C GLU B 124 38.90 -10.76 -41.73
N LYS B 125 38.30 -11.52 -40.81
CA LYS B 125 36.83 -11.77 -40.86
C LYS B 125 36.15 -11.21 -39.61
N PRO B 126 35.77 -9.90 -39.65
CA PRO B 126 34.89 -9.31 -38.65
C PRO B 126 33.60 -10.11 -38.40
N GLN B 127 33.25 -10.28 -37.14
CA GLN B 127 31.98 -10.92 -36.70
C GLN B 127 30.83 -10.04 -37.18
N ILE B 128 31.06 -8.74 -37.25
CA ILE B 128 30.12 -7.83 -37.95
C ILE B 128 30.07 -8.21 -39.43
N THR B 129 28.85 -8.28 -39.97
CA THR B 129 28.54 -8.64 -41.38
C THR B 129 28.07 -7.42 -42.17
N GLN B 130 28.86 -7.00 -43.14
CA GLN B 130 28.53 -5.85 -44.00
C GLN B 130 27.72 -6.38 -45.18
N VAL B 131 26.62 -5.70 -45.50
CA VAL B 131 25.70 -6.10 -46.60
C VAL B 131 25.20 -4.82 -47.28
N LYS B 132 24.75 -4.94 -48.51
CA LYS B 132 24.28 -3.78 -49.26
C LYS B 132 22.89 -4.08 -49.78
N ILE B 133 21.98 -3.14 -49.58
CA ILE B 133 20.60 -3.28 -50.06
C ILE B 133 20.65 -3.22 -51.58
N ILE B 134 20.10 -4.24 -52.21
CA ILE B 134 20.01 -4.41 -53.67
C ILE B 134 18.62 -3.99 -54.09
N SER B 135 17.63 -4.63 -53.49
CA SER B 135 16.21 -4.34 -53.79
C SER B 135 15.40 -4.42 -52.50
N ASN B 136 14.52 -3.44 -52.35
CA ASN B 136 13.57 -3.34 -51.22
C ASN B 136 12.18 -3.13 -51.80
N ASP B 137 11.36 -4.18 -51.67
CA ASP B 137 9.92 -4.23 -52.02
C ASP B 137 9.12 -3.91 -50.74
N THR B 138 8.72 -2.65 -50.61
CA THR B 138 8.15 -2.13 -49.35
C THR B 138 6.81 -2.85 -49.10
N THR B 139 6.00 -3.01 -50.13
CA THR B 139 4.70 -3.71 -50.08
C THR B 139 4.82 -5.17 -49.57
N ALA B 140 5.68 -5.98 -50.17
CA ALA B 140 5.74 -7.41 -49.81
C ALA B 140 6.66 -7.60 -48.60
N GLY B 141 7.44 -6.58 -48.28
CA GLY B 141 8.53 -6.73 -47.32
C GLY B 141 9.55 -7.77 -47.77
N ASN B 142 10.02 -7.64 -49.01
CA ASN B 142 11.14 -8.47 -49.50
C ASN B 142 12.35 -7.56 -49.72
N ILE B 143 13.46 -7.93 -49.09
CA ILE B 143 14.74 -7.20 -49.24
C ILE B 143 15.77 -8.18 -49.75
N VAL B 144 16.43 -7.82 -50.84
CA VAL B 144 17.61 -8.60 -51.29
C VAL B 144 18.86 -7.81 -50.87
N PHE B 145 19.76 -8.46 -50.14
CA PHE B 145 21.01 -7.80 -49.69
C PHE B 145 22.20 -8.55 -50.28
N GLU B 146 23.26 -7.82 -50.54
CA GLU B 146 24.53 -8.34 -51.12
C GLU B 146 25.54 -8.38 -49.99
N THR B 147 26.06 -9.56 -49.68
CA THR B 147 27.19 -9.69 -48.75
C THR B 147 28.38 -9.05 -49.44
N ALA B 148 29.20 -8.34 -48.69
CA ALA B 148 30.49 -7.82 -49.14
C ALA B 148 31.47 -8.96 -49.45
N PRO B 149 32.50 -8.68 -50.29
CA PRO B 149 33.35 -9.73 -50.88
C PRO B 149 34.05 -10.63 -49.84
N TRP B 150 34.43 -10.04 -48.70
CA TRP B 150 35.28 -10.70 -47.67
C TRP B 150 34.43 -11.58 -46.75
N VAL B 151 33.11 -11.54 -46.92
CA VAL B 151 32.16 -12.19 -45.98
C VAL B 151 31.95 -13.62 -46.43
N LYS B 152 32.17 -14.55 -45.52
CA LYS B 152 31.80 -15.97 -45.72
C LYS B 152 30.62 -16.32 -44.84
N TYR B 153 29.44 -16.56 -45.43
CA TYR B 153 28.20 -16.88 -44.69
C TYR B 153 27.83 -18.36 -44.86
N LYS B 154 26.80 -18.75 -44.13
CA LYS B 154 26.19 -20.09 -44.23
C LYS B 154 24.70 -19.89 -43.94
N LEU B 155 23.84 -20.47 -44.75
CA LEU B 155 22.41 -20.56 -44.37
C LEU B 155 22.13 -21.94 -43.76
N LYS B 156 21.44 -22.00 -42.62
CA LYS B 156 20.87 -23.26 -42.10
C LYS B 156 19.45 -22.95 -41.69
N ASP B 157 18.51 -23.83 -42.07
CA ASP B 157 17.07 -23.68 -41.71
C ASP B 157 16.65 -22.22 -41.92
N SER B 158 16.95 -21.70 -43.10
CA SER B 158 16.52 -20.37 -43.57
C SER B 158 17.03 -19.28 -42.63
N THR B 159 18.13 -19.52 -41.94
CA THR B 159 18.73 -18.57 -40.99
C THR B 159 20.11 -18.19 -41.49
N PHE B 160 20.41 -16.90 -41.49
CA PHE B 160 21.69 -16.38 -42.01
C PHE B 160 22.74 -16.36 -40.90
N TYR B 161 23.80 -17.11 -41.07
CA TYR B 161 24.95 -17.12 -40.16
C TYR B 161 26.15 -16.43 -40.85
N ASN B 162 26.89 -15.62 -40.10
CA ASN B 162 28.22 -15.13 -40.53
C ASN B 162 29.26 -16.08 -39.94
N THR B 163 30.36 -16.31 -40.66
CA THR B 163 31.39 -17.26 -40.21
C THR B 163 32.80 -16.67 -40.33
N GLY B 164 33.65 -17.22 -39.46
CA GLY B 164 35.10 -17.12 -39.49
C GLY B 164 35.72 -18.38 -38.92
N GLU B 165 37.01 -18.30 -38.59
CA GLU B 165 37.88 -19.44 -38.18
C GLU B 165 37.34 -19.89 -36.82
N GLY B 166 36.69 -21.04 -36.75
CA GLY B 166 36.19 -21.61 -35.49
C GLY B 166 34.95 -20.91 -34.93
N TRP B 167 34.31 -20.00 -35.67
CA TRP B 167 33.10 -19.30 -35.19
C TRP B 167 32.04 -19.20 -36.28
N GLU B 168 30.80 -19.07 -35.82
CA GLU B 168 29.55 -19.01 -36.62
C GLU B 168 28.54 -18.22 -35.78
N MET B 169 28.08 -17.06 -36.23
CA MET B 169 27.22 -16.17 -35.40
C MET B 169 26.06 -15.61 -36.23
N GLN B 170 24.83 -15.77 -35.75
CA GLN B 170 23.65 -15.18 -36.40
C GLN B 170 23.45 -13.74 -35.93
N PRO B 171 23.56 -12.76 -36.84
CA PRO B 171 23.25 -11.38 -36.52
C PRO B 171 21.76 -11.16 -36.17
N THR B 172 21.49 -10.24 -35.23
CA THR B 172 20.17 -9.98 -34.63
C THR B 172 19.82 -8.50 -34.72
N SER B 173 20.76 -7.59 -34.91
CA SER B 173 20.40 -6.17 -35.12
C SER B 173 21.35 -5.55 -36.15
N GLY B 174 21.20 -4.27 -36.44
CA GLY B 174 22.26 -3.63 -37.24
C GLY B 174 22.18 -2.14 -37.22
N ILE B 175 23.20 -1.56 -37.84
CA ILE B 175 23.28 -0.10 -38.08
C ILE B 175 23.29 0.10 -39.58
N ALA B 176 22.42 0.96 -40.08
CA ALA B 176 22.36 1.26 -41.52
C ALA B 176 23.05 2.59 -41.81
N PHE B 177 23.75 2.62 -42.93
CA PHE B 177 24.60 3.78 -43.32
C PHE B 177 24.15 4.26 -44.68
N GLU B 178 24.12 5.59 -44.82
CA GLU B 178 24.06 6.29 -46.12
C GLU B 178 25.19 5.78 -47.03
N ASN B 179 24.89 5.50 -48.29
CA ASN B 179 25.98 5.22 -49.27
C ASN B 179 26.84 6.48 -49.39
N GLY B 180 28.15 6.33 -49.48
CA GLY B 180 29.04 7.47 -49.79
C GLY B 180 29.40 8.26 -48.54
N THR B 181 28.49 9.08 -48.00
CA THR B 181 28.76 9.90 -46.79
C THR B 181 29.25 8.98 -45.66
N LYS B 182 28.73 7.75 -45.60
CA LYS B 182 28.97 6.77 -44.50
C LYS B 182 28.31 7.27 -43.21
N HIS B 183 27.43 8.27 -43.27
CA HIS B 183 26.61 8.74 -42.12
C HIS B 183 25.67 7.61 -41.70
N ILE B 184 25.12 7.63 -40.49
CA ILE B 184 24.06 6.65 -40.13
C ILE B 184 22.71 7.25 -40.52
N ILE B 185 21.89 6.41 -41.15
CA ILE B 185 20.66 6.94 -41.79
C ILE B 185 19.72 7.49 -40.71
N PHE B 186 19.15 8.64 -41.07
CA PHE B 186 18.34 9.53 -40.21
C PHE B 186 17.22 8.73 -39.51
N ASN B 187 17.08 8.88 -38.20
CA ASN B 187 16.04 8.23 -37.36
C ASN B 187 16.13 6.73 -37.53
N SER B 188 17.31 6.13 -37.56
CA SER B 188 17.41 4.66 -37.72
C SER B 188 17.68 4.05 -36.36
N GLY B 189 18.80 4.45 -35.80
CA GLY B 189 19.43 3.76 -34.67
C GLY B 189 19.54 2.28 -34.91
N ASP B 190 19.44 1.55 -33.82
CA ASP B 190 19.36 0.08 -33.85
C ASP B 190 18.07 -0.29 -34.57
N ILE B 191 18.21 -1.19 -35.53
CA ILE B 191 17.07 -1.68 -36.34
C ILE B 191 17.14 -3.20 -36.30
N GLY B 192 16.01 -3.83 -36.60
CA GLY B 192 15.93 -5.28 -36.77
C GLY B 192 16.53 -5.58 -38.10
N VAL B 193 16.99 -6.82 -38.26
CA VAL B 193 17.57 -7.28 -39.55
C VAL B 193 16.93 -8.61 -39.97
N GLY B 194 16.89 -8.85 -41.28
CA GLY B 194 16.20 -10.01 -41.86
C GLY B 194 17.15 -11.16 -41.96
N THR B 195 17.47 -11.79 -40.85
CA THR B 195 18.45 -12.89 -40.88
C THR B 195 17.68 -14.18 -40.67
N LYS B 196 16.40 -14.05 -40.42
CA LYS B 196 15.50 -15.22 -40.27
C LYS B 196 14.62 -15.27 -41.52
N SER B 197 14.11 -16.44 -41.87
CA SER B 197 13.35 -16.54 -43.13
C SER B 197 14.19 -15.93 -44.28
N VAL B 198 15.25 -16.63 -44.70
CA VAL B 198 16.14 -16.21 -45.81
C VAL B 198 16.37 -17.40 -46.70
N SER B 199 16.87 -17.12 -47.89
CA SER B 199 17.18 -18.11 -48.95
C SER B 199 18.12 -17.42 -49.97
N GLU B 200 19.04 -18.20 -50.51
CA GLU B 200 20.08 -17.71 -51.44
C GLU B 200 19.50 -17.61 -52.85
N VAL B 201 19.55 -16.40 -53.42
CA VAL B 201 19.20 -16.04 -54.82
C VAL B 201 20.32 -16.54 -55.74
N SER B 202 21.53 -16.11 -55.41
CA SER B 202 22.80 -16.26 -56.16
C SER B 202 23.91 -15.99 -55.15
N PRO B 203 25.15 -16.46 -55.39
CA PRO B 203 26.17 -16.35 -54.34
C PRO B 203 26.36 -14.89 -53.86
N GLY B 204 26.24 -14.70 -52.55
CA GLY B 204 26.34 -13.37 -51.89
C GLY B 204 25.13 -12.46 -52.15
N LYS B 205 24.02 -13.02 -52.63
CA LYS B 205 22.74 -12.29 -52.75
C LYS B 205 21.70 -13.07 -51.96
N ILE B 206 21.20 -12.48 -50.88
CA ILE B 206 20.32 -13.21 -49.94
C ILE B 206 18.98 -12.51 -49.97
N MET B 207 17.92 -13.30 -50.00
CA MET B 207 16.54 -12.80 -50.03
C MET B 207 15.98 -12.95 -48.62
N ALA B 208 15.54 -11.82 -48.07
CA ALA B 208 14.90 -11.74 -46.73
C ALA B 208 13.41 -11.59 -46.96
N HIS B 209 12.62 -12.62 -46.62
CA HIS B 209 11.20 -12.72 -47.04
C HIS B 209 10.29 -11.85 -46.17
N HIS B 210 10.67 -11.54 -44.94
CA HIS B 210 9.78 -10.82 -43.99
C HIS B 210 10.56 -9.66 -43.42
N TRP B 211 11.03 -8.73 -44.24
CA TRP B 211 11.82 -7.59 -43.70
C TRP B 211 11.18 -6.30 -44.18
N LYS B 212 10.62 -5.49 -43.26
CA LYS B 212 9.84 -4.33 -43.74
C LYS B 212 10.44 -3.07 -43.17
N ASN B 213 11.02 -2.26 -44.03
CA ASN B 213 11.64 -1.01 -43.58
C ASN B 213 11.79 -0.12 -44.78
N LYS B 214 10.92 0.87 -44.91
CA LYS B 214 10.88 1.85 -46.05
C LYS B 214 12.20 2.64 -46.14
N LYS B 215 13.05 2.54 -45.13
CA LYS B 215 14.20 3.45 -45.00
C LYS B 215 15.45 2.88 -45.65
N LEU B 216 15.54 1.54 -45.65
CA LEU B 216 16.66 0.79 -46.25
C LEU B 216 16.54 0.88 -47.78
N VAL B 217 16.66 2.07 -48.34
CA VAL B 217 16.61 2.31 -49.81
C VAL B 217 17.76 1.55 -50.45
N PRO B 218 17.63 1.11 -51.74
CA PRO B 218 18.77 0.56 -52.49
C PRO B 218 20.02 1.40 -52.29
N GLY B 219 21.14 0.74 -51.99
CA GLY B 219 22.45 1.38 -51.82
C GLY B 219 22.84 1.46 -50.35
N THR B 220 21.86 1.31 -49.47
CA THR B 220 22.10 1.41 -48.03
C THR B 220 23.00 0.24 -47.65
N VAL B 221 23.99 0.54 -46.81
CA VAL B 221 24.97 -0.45 -46.33
C VAL B 221 24.61 -0.74 -44.90
N ILE B 222 24.61 -2.00 -44.54
CA ILE B 222 24.12 -2.37 -43.20
C ILE B 222 25.18 -3.21 -42.53
N ALA B 223 25.51 -2.83 -41.32
CA ALA B 223 26.40 -3.57 -40.43
C ALA B 223 25.54 -4.43 -39.52
N MET B 224 25.40 -5.67 -39.91
CA MET B 224 24.61 -6.64 -39.15
C MET B 224 25.46 -7.22 -38.02
N ARG B 225 24.88 -7.30 -36.84
CA ARG B 225 25.65 -7.70 -35.65
C ARG B 225 24.77 -8.39 -34.62
N SER B 226 25.42 -8.91 -33.60
CA SER B 226 24.77 -9.37 -32.37
C SER B 226 25.19 -8.45 -31.25
N TRP B 227 24.86 -8.82 -30.03
CA TRP B 227 25.15 -7.96 -28.87
C TRP B 227 26.42 -8.47 -28.19
N GLN B 228 27.02 -9.50 -28.77
CA GLN B 228 28.19 -10.20 -28.18
C GLN B 228 29.44 -9.29 -28.25
N ARG B 229 30.17 -9.23 -27.15
CA ARG B 229 31.39 -8.41 -27.07
C ARG B 229 32.34 -9.12 -26.13
N PRO B 230 32.91 -10.29 -26.47
CA PRO B 230 33.75 -11.04 -25.54
C PRO B 230 35.19 -10.54 -25.37
N ALA B 231 35.76 -9.76 -26.30
CA ALA B 231 37.16 -9.30 -26.15
C ALA B 231 37.41 -7.98 -26.87
N PRO B 232 38.14 -7.06 -26.23
CA PRO B 232 38.48 -5.80 -26.85
C PRO B 232 39.70 -6.04 -27.72
N GLY B 233 40.06 -5.00 -28.47
CA GLY B 233 41.25 -5.00 -29.33
C GLY B 233 42.51 -4.94 -28.51
N ILE B 234 42.59 -3.96 -27.62
CA ILE B 234 43.67 -3.83 -26.60
C ILE B 234 43.01 -3.79 -25.23
N PHE B 235 43.33 -4.76 -24.39
CA PHE B 235 42.89 -4.85 -22.97
C PHE B 235 44.05 -4.45 -22.10
N VAL B 236 43.89 -3.49 -21.20
CA VAL B 236 44.98 -3.05 -20.27
C VAL B 236 44.46 -3.17 -18.84
N HIS B 237 45.12 -3.96 -18.00
CA HIS B 237 44.69 -4.20 -16.60
C HIS B 237 45.85 -3.91 -15.67
N LYS B 238 45.68 -2.98 -14.73
CA LYS B 238 46.63 -2.67 -13.63
C LYS B 238 47.96 -2.22 -14.23
N GLY B 239 47.87 -1.39 -15.27
CA GLY B 239 49.05 -0.74 -15.86
C GLY B 239 49.40 0.50 -15.06
N LYS B 240 50.68 0.86 -15.08
CA LYS B 240 51.13 2.23 -14.75
C LYS B 240 51.90 2.76 -15.96
N ASN B 241 51.62 4.00 -16.37
CA ASN B 241 52.33 4.76 -17.45
C ASN B 241 52.29 4.01 -18.77
N ILE B 242 51.11 3.94 -19.36
CA ILE B 242 50.86 3.21 -20.63
C ILE B 242 50.71 4.26 -21.74
N SER B 243 51.32 4.00 -22.89
CA SER B 243 51.41 4.95 -24.02
C SER B 243 51.00 4.25 -25.33
N PHE B 244 50.27 4.96 -26.16
CA PHE B 244 49.82 4.51 -27.49
C PHE B 244 50.15 5.68 -28.39
N GLU B 245 51.06 5.49 -29.33
CA GLU B 245 51.33 6.56 -30.30
C GLU B 245 51.09 6.02 -31.70
N ASN B 246 50.19 6.68 -32.44
CA ASN B 246 49.83 6.30 -33.82
C ASN B 246 49.51 4.80 -33.86
N VAL B 247 48.52 4.35 -33.09
CA VAL B 247 48.00 2.97 -33.10
C VAL B 247 46.52 3.02 -33.50
N LYS B 248 46.13 2.20 -34.48
CA LYS B 248 44.76 2.17 -35.00
C LYS B 248 44.22 0.79 -34.70
N VAL B 249 43.03 0.71 -34.13
CA VAL B 249 42.25 -0.55 -34.11
C VAL B 249 41.10 -0.42 -35.12
N HIS B 250 41.13 -1.28 -36.13
CA HIS B 250 40.14 -1.21 -37.23
C HIS B 250 38.95 -2.08 -36.89
N TYR B 251 39.12 -3.15 -36.13
CA TYR B 251 37.91 -3.86 -35.69
C TYR B 251 38.27 -4.77 -34.55
N ALA B 252 37.34 -5.00 -33.63
CA ALA B 252 37.48 -6.09 -32.65
C ALA B 252 36.13 -6.50 -32.12
N GLU B 253 36.05 -7.65 -31.47
CA GLU B 253 34.74 -8.21 -31.07
C GLU B 253 34.39 -7.65 -29.69
N GLY B 254 34.34 -6.35 -29.60
CA GLY B 254 34.42 -5.69 -28.30
C GLY B 254 34.99 -4.31 -28.48
N MET B 255 35.56 -3.73 -27.45
CA MET B 255 35.94 -2.32 -27.54
C MET B 255 37.33 -2.24 -28.17
N GLY B 256 37.64 -1.11 -28.78
CA GLY B 256 38.98 -0.91 -29.33
C GLY B 256 40.02 -1.07 -28.26
N LEU B 257 39.99 -0.15 -27.29
CA LEU B 257 40.91 -0.08 -26.12
C LEU B 257 40.05 -0.11 -24.87
N LEU B 258 40.21 -1.14 -24.04
CA LEU B 258 39.58 -1.15 -22.71
C LEU B 258 40.69 -1.19 -21.69
N ALA B 259 40.80 -0.12 -20.90
CA ALA B 259 41.80 0.05 -19.82
C ALA B 259 41.08 0.09 -18.48
N GLN B 260 41.50 -0.72 -17.51
CA GLN B 260 40.87 -0.74 -16.17
C GLN B 260 41.94 -0.80 -15.07
N LEU B 261 41.67 -0.18 -13.92
CA LEU B 261 42.59 -0.24 -12.75
C LEU B 261 44.00 0.19 -13.18
N THR B 262 44.10 1.20 -14.03
CA THR B 262 45.38 1.58 -14.64
C THR B 262 45.69 3.03 -14.28
N GLU B 263 46.94 3.33 -13.99
CA GLU B 263 47.29 4.63 -13.39
C GLU B 263 47.70 5.76 -14.36
N ASN B 264 48.24 5.69 -15.51
CA ASN B 264 48.35 6.93 -16.31
C ASN B 264 48.31 6.43 -17.73
N ILE B 265 47.66 7.14 -18.62
CA ILE B 265 47.47 6.61 -20.00
C ILE B 265 47.64 7.76 -20.97
N TYR B 266 48.58 7.61 -21.88
CA TYR B 266 48.95 8.70 -22.80
C TYR B 266 48.69 8.17 -24.21
N MET B 267 47.94 8.94 -25.00
CA MET B 267 47.48 8.51 -26.35
C MET B 267 47.57 9.68 -27.31
N ASP B 268 48.55 9.61 -28.23
CA ASP B 268 48.64 10.59 -29.33
C ASP B 268 48.47 9.81 -30.63
N GLY B 269 47.50 10.18 -31.48
CA GLY B 269 47.26 9.54 -32.79
C GLY B 269 46.57 8.18 -32.68
N PHE B 270 45.97 7.83 -31.53
CA PHE B 270 45.13 6.62 -31.40
C PHE B 270 43.99 6.79 -32.38
N GLY B 271 43.65 5.73 -33.09
CA GLY B 271 42.49 5.76 -34.00
C GLY B 271 41.67 4.51 -33.81
N VAL B 272 40.36 4.62 -33.83
CA VAL B 272 39.52 3.44 -34.15
C VAL B 272 38.75 3.83 -35.38
N CYS B 273 39.22 3.40 -36.52
CA CYS B 273 38.76 4.08 -37.75
C CYS B 273 38.96 3.18 -38.95
N LEU B 274 38.50 3.69 -40.08
CA LEU B 274 38.70 3.04 -41.40
C LEU B 274 40.10 3.41 -41.92
N ARG B 275 40.54 2.65 -42.91
CA ARG B 275 41.87 2.83 -43.52
C ARG B 275 41.82 3.95 -44.54
N GLY B 276 40.83 4.83 -44.54
CA GLY B 276 40.84 5.98 -45.46
C GLY B 276 39.63 6.00 -46.36
N LYS B 277 39.57 6.97 -47.27
CA LYS B 277 38.42 7.19 -48.18
C LYS B 277 38.15 5.90 -48.98
N ASN B 278 39.13 5.03 -49.14
CA ASN B 278 38.97 3.85 -50.03
C ASN B 278 38.65 2.59 -49.22
N ASP B 279 38.51 2.69 -47.90
CA ASP B 279 38.16 1.47 -47.13
C ASP B 279 36.79 1.03 -47.63
N PRO B 280 36.65 -0.21 -48.15
CA PRO B 280 35.33 -0.72 -48.55
C PRO B 280 34.41 -0.83 -47.33
N ARG B 281 34.96 -0.92 -46.11
CA ARG B 281 34.17 -1.14 -44.87
C ARG B 281 33.52 0.17 -44.46
N TYR B 282 32.38 0.07 -43.78
CA TYR B 282 31.63 1.24 -43.23
C TYR B 282 31.70 1.27 -41.68
N PHE B 283 32.17 0.18 -41.10
CA PHE B 283 32.04 -0.14 -39.67
C PHE B 283 33.42 -0.34 -39.06
N THR B 284 33.57 -0.13 -37.75
CA THR B 284 34.84 -0.43 -37.03
C THR B 284 34.57 -1.38 -35.88
N THR B 285 34.68 -0.90 -34.66
CA THR B 285 34.60 -1.83 -33.52
C THR B 285 33.15 -2.20 -33.21
N GLN B 286 33.01 -3.39 -32.69
CA GLN B 286 31.70 -3.93 -32.25
C GLN B 286 31.22 -3.20 -31.00
N ALA B 287 32.10 -2.52 -30.26
CA ALA B 287 31.64 -1.69 -29.13
C ALA B 287 32.34 -0.33 -29.13
N ASP B 288 32.55 0.24 -27.94
CA ASP B 288 33.21 1.56 -27.74
C ASP B 288 34.60 1.57 -28.36
N ALA B 289 35.02 2.70 -28.93
CA ALA B 289 36.39 2.84 -29.45
C ALA B 289 37.38 2.69 -28.29
N THR B 290 37.30 3.58 -27.29
CA THR B 290 38.19 3.68 -26.10
C THR B 290 37.32 3.76 -24.85
N HIS B 291 37.72 3.04 -23.83
CA HIS B 291 36.94 2.88 -22.60
C HIS B 291 37.88 2.72 -21.41
N PHE B 292 37.58 3.45 -20.33
CA PHE B 292 38.44 3.55 -19.13
C PHE B 292 37.64 3.35 -17.86
N SER B 293 37.71 2.14 -17.32
CA SER B 293 36.88 1.73 -16.18
C SER B 293 37.76 1.73 -14.93
N GLY B 294 37.61 2.70 -14.05
CA GLY B 294 38.26 2.66 -12.74
C GLY B 294 39.76 2.90 -12.85
N CYS B 295 40.10 3.89 -13.64
CA CYS B 295 41.49 4.30 -13.85
C CYS B 295 41.79 5.50 -12.95
N LYS B 296 43.05 5.91 -12.91
CA LYS B 296 43.44 7.07 -12.09
C LYS B 296 44.62 7.70 -12.79
N GLY B 297 45.24 8.65 -12.10
CA GLY B 297 46.30 9.42 -12.72
C GLY B 297 45.69 10.27 -13.81
N GLU B 298 46.48 10.49 -14.83
CA GLU B 298 46.16 11.44 -15.91
C GLU B 298 45.92 10.59 -17.14
N ILE B 299 44.81 10.86 -17.79
CA ILE B 299 44.50 10.34 -19.14
C ILE B 299 44.59 11.48 -20.15
N VAL B 300 45.55 11.37 -21.06
CA VAL B 300 45.60 12.23 -22.26
C VAL B 300 45.16 11.40 -23.46
N SER B 301 44.09 11.81 -24.17
CA SER B 301 43.67 11.25 -25.48
C SER B 301 43.61 12.39 -26.49
N LYS B 302 44.66 12.56 -27.30
CA LYS B 302 44.68 13.66 -28.31
C LYS B 302 44.98 13.17 -29.72
N ASN B 303 44.60 14.05 -30.65
CA ASN B 303 44.79 13.94 -32.12
C ASN B 303 44.40 12.53 -32.59
N GLY B 304 43.23 12.05 -32.25
CA GLY B 304 42.78 10.70 -32.61
C GLY B 304 41.67 10.78 -33.62
N LEU B 305 41.45 9.71 -34.36
CA LEU B 305 40.31 9.60 -35.31
C LEU B 305 39.44 8.43 -34.87
N TYR B 306 38.16 8.71 -34.59
CA TYR B 306 37.20 7.63 -34.27
C TYR B 306 36.05 7.68 -35.25
N GLU B 307 35.82 6.58 -35.98
CA GLU B 307 34.71 6.56 -36.97
C GLU B 307 34.06 5.18 -37.07
N GLY B 308 32.75 5.23 -37.22
CA GLY B 308 31.95 4.07 -37.60
C GLY B 308 31.90 3.04 -36.51
N MET B 309 32.12 3.40 -35.26
CA MET B 309 32.10 2.37 -34.21
C MET B 309 30.64 2.08 -33.89
N MET B 310 30.41 0.88 -33.37
CA MET B 310 29.10 0.45 -32.84
C MET B 310 28.86 1.01 -31.44
N ASP B 311 29.52 2.10 -31.05
CA ASP B 311 29.26 2.74 -29.74
C ASP B 311 30.03 4.06 -29.63
N ASP B 312 30.25 4.53 -28.42
CA ASP B 312 30.89 5.84 -28.22
C ASP B 312 32.40 5.76 -28.51
N ALA B 313 32.98 6.92 -28.76
CA ALA B 313 34.42 7.06 -28.98
C ALA B 313 35.15 6.89 -27.65
N ILE B 314 34.70 7.56 -26.59
CA ILE B 314 35.36 7.42 -25.28
C ILE B 314 34.28 7.32 -24.22
N ASN B 315 34.49 6.43 -23.28
CA ASN B 315 33.65 6.37 -22.08
C ASN B 315 34.59 6.25 -20.88
N ILE B 316 34.53 7.20 -19.95
CA ILE B 316 35.43 7.26 -18.76
C ILE B 316 34.58 7.16 -17.50
N HIS B 317 34.69 6.10 -16.73
CA HIS B 317 33.69 5.92 -15.65
C HIS B 317 34.25 4.99 -14.57
N GLY B 318 33.60 4.93 -13.42
CA GLY B 318 33.86 3.90 -12.39
C GLY B 318 32.70 2.93 -12.27
N THR B 319 32.74 2.10 -11.25
CA THR B 319 31.69 1.12 -10.90
C THR B 319 31.20 1.42 -9.48
N TYR B 320 29.90 1.70 -9.30
CA TYR B 320 29.22 1.71 -7.98
C TYR B 320 29.06 0.25 -7.56
N LEU B 321 29.59 -0.17 -6.41
CA LEU B 321 29.12 -1.45 -5.81
C LEU B 321 27.78 -1.16 -5.14
N LYS B 322 26.95 -2.18 -5.01
CA LYS B 322 25.75 -2.04 -4.17
C LYS B 322 25.96 -2.76 -2.84
N ILE B 323 25.67 -2.07 -1.76
CA ILE B 323 25.75 -2.67 -0.40
C ILE B 323 24.64 -3.67 -0.24
N THR B 324 24.96 -4.90 0.12
CA THR B 324 23.91 -5.94 0.24
C THR B 324 23.68 -6.28 1.69
N LYS B 325 24.65 -6.02 2.55
CA LYS B 325 24.55 -6.46 3.95
C LYS B 325 25.44 -5.53 4.80
N LYS B 326 24.99 -5.06 5.96
CA LYS B 326 25.85 -4.34 6.93
C LYS B 326 26.14 -5.32 8.06
N LEU B 327 27.40 -5.67 8.26
CA LEU B 327 27.75 -6.67 9.28
C LEU B 327 27.92 -5.99 10.65
N ASP B 328 28.39 -4.72 10.69
CA ASP B 328 28.57 -3.88 11.91
C ASP B 328 28.79 -2.41 11.52
N ASP B 329 29.22 -1.57 12.46
CA ASP B 329 29.35 -0.10 12.26
C ASP B 329 30.40 0.26 11.20
N HIS B 330 31.28 -0.67 10.90
CA HIS B 330 32.53 -0.42 10.13
C HIS B 330 32.56 -1.30 8.88
N THR B 331 31.76 -2.36 8.82
CA THR B 331 31.96 -3.44 7.83
C THR B 331 30.68 -3.66 7.04
N VAL B 332 30.79 -3.65 5.73
CA VAL B 332 29.65 -4.00 4.86
C VAL B 332 30.09 -5.10 3.90
N ILE B 333 29.12 -5.86 3.37
CA ILE B 333 29.31 -6.67 2.15
C ILE B 333 28.70 -5.88 0.98
N ALA B 334 29.48 -5.71 -0.08
CA ALA B 334 29.10 -4.97 -1.30
C ALA B 334 29.38 -5.81 -2.55
N ASN B 335 28.57 -5.60 -3.57
CA ASN B 335 28.43 -6.57 -4.69
C ASN B 335 28.53 -5.83 -6.01
N TYR B 336 29.08 -6.54 -7.01
CA TYR B 336 29.11 -6.10 -8.42
C TYR B 336 27.73 -6.48 -8.98
N MET B 337 27.04 -5.54 -9.60
CA MET B 337 25.60 -5.79 -9.89
C MET B 337 25.33 -6.14 -11.36
N HIS B 338 26.17 -5.70 -12.30
CA HIS B 338 25.91 -5.83 -13.75
C HIS B 338 26.57 -7.10 -14.30
N GLU B 339 26.04 -7.72 -15.35
CA GLU B 339 26.63 -9.01 -15.84
C GLU B 339 27.92 -8.78 -16.61
N GLN B 340 28.13 -7.57 -17.09
CA GLN B 340 29.30 -7.22 -17.92
C GLN B 340 30.40 -6.52 -17.10
N SER B 341 30.25 -6.19 -15.82
CA SER B 341 31.40 -5.66 -15.05
C SER B 341 31.50 -6.40 -13.73
N TYR B 342 32.23 -7.51 -13.69
CA TYR B 342 32.55 -8.24 -12.42
C TYR B 342 33.90 -8.91 -12.58
N GLY B 343 34.57 -9.33 -11.50
CA GLY B 343 35.62 -10.38 -11.52
C GLY B 343 37.02 -9.81 -11.32
N PHE B 344 37.09 -8.48 -11.29
CA PHE B 344 38.31 -7.70 -11.04
C PHE B 344 38.15 -6.86 -9.75
N ASP B 345 39.27 -6.51 -9.15
CA ASP B 345 39.32 -5.71 -7.91
C ASP B 345 38.66 -4.35 -8.11
N TRP B 346 38.27 -3.75 -6.98
CA TRP B 346 37.49 -2.50 -6.92
C TRP B 346 38.25 -1.45 -6.13
N GLY B 347 39.02 -1.88 -5.12
CA GLY B 347 39.77 -0.92 -4.30
C GLY B 347 40.89 -1.49 -3.47
N ASN B 348 41.57 -0.60 -2.76
CA ASN B 348 42.72 -0.93 -1.90
C ASN B 348 42.66 -0.12 -0.62
N ILE B 349 43.38 -0.60 0.39
CA ILE B 349 43.55 0.08 1.70
C ILE B 349 43.91 1.53 1.44
N ARG B 350 43.18 2.44 2.08
CA ARG B 350 43.43 3.90 2.09
C ARG B 350 42.68 4.57 0.95
N ASP B 351 41.90 3.83 0.18
CA ASP B 351 41.08 4.46 -0.89
C ASP B 351 39.98 5.29 -0.21
N THR B 352 39.76 6.51 -0.71
CA THR B 352 38.63 7.38 -0.36
C THR B 352 37.36 6.80 -1.02
N VAL B 353 36.28 6.62 -0.25
CA VAL B 353 34.95 6.15 -0.74
C VAL B 353 33.89 7.17 -0.32
N GLN B 354 32.83 7.34 -1.10
CA GLN B 354 31.61 8.07 -0.69
C GLN B 354 30.43 7.13 -0.91
N PHE B 355 29.31 7.38 -0.21
CA PHE B 355 28.09 6.56 -0.34
C PHE B 355 26.97 7.36 -1.02
N ILE B 356 26.11 6.60 -1.72
CA ILE B 356 25.00 7.14 -2.55
C ILE B 356 23.68 6.44 -2.22
N GLN B 357 22.65 7.28 -2.10
CA GLN B 357 21.24 6.90 -1.95
C GLN B 357 20.72 6.60 -3.34
N SER B 358 20.74 5.33 -3.69
CA SER B 358 20.51 4.89 -5.08
C SER B 358 19.21 5.52 -5.61
N LYS B 359 18.17 5.57 -4.80
CA LYS B 359 16.84 5.84 -5.39
C LYS B 359 16.70 7.31 -5.81
N THR B 360 17.33 8.26 -5.11
CA THR B 360 17.24 9.70 -5.45
C THR B 360 18.59 10.21 -5.96
N MET B 361 19.59 9.31 -6.11
CA MET B 361 20.97 9.66 -6.56
C MET B 361 21.52 10.84 -5.70
N GLU B 362 21.56 10.59 -4.41
CA GLU B 362 22.04 11.61 -3.46
C GLU B 362 23.21 11.04 -2.73
N LEU B 363 24.26 11.83 -2.71
CA LEU B 363 25.48 11.51 -1.95
C LEU B 363 25.28 11.85 -0.48
N TRP B 364 25.82 11.00 0.39
CA TRP B 364 26.19 11.43 1.77
C TRP B 364 27.58 12.11 1.74
N ASP B 365 27.62 13.31 2.31
CA ASP B 365 28.82 14.18 2.39
C ASP B 365 29.92 13.47 3.20
N ALA B 366 29.51 12.60 4.12
CA ALA B 366 30.41 11.74 4.93
C ALA B 366 31.19 10.79 4.00
N LYS B 367 32.45 11.12 3.79
CA LYS B 367 33.39 10.22 3.11
C LYS B 367 34.01 9.25 4.10
N ASN B 368 34.65 8.23 3.55
CA ASN B 368 35.23 7.17 4.39
C ASN B 368 36.51 6.72 3.70
N THR B 369 37.12 5.70 4.27
CA THR B 369 38.47 5.24 3.88
C THR B 369 38.45 3.74 4.01
N ILE B 370 38.95 3.03 3.04
CA ILE B 370 38.93 1.55 3.16
C ILE B 370 40.04 1.14 4.10
N ALA B 371 39.71 0.38 5.11
CA ALA B 371 40.69 -0.11 6.11
C ALA B 371 41.12 -1.51 5.71
N SER B 372 40.15 -2.28 5.20
CA SER B 372 40.34 -3.70 4.83
C SER B 372 39.42 -3.95 3.63
N ILE B 373 39.83 -4.79 2.69
CA ILE B 373 38.93 -5.21 1.60
C ILE B 373 39.36 -6.57 1.10
N LYS B 374 38.45 -7.51 1.12
CA LYS B 374 38.72 -8.91 0.72
C LYS B 374 37.58 -9.41 -0.14
N PRO B 375 37.81 -9.96 -1.34
CA PRO B 375 36.70 -10.61 -2.04
C PRO B 375 36.21 -11.84 -1.26
N ILE B 376 34.92 -12.15 -1.36
CA ILE B 376 34.30 -13.33 -0.71
C ILE B 376 34.06 -14.39 -1.78
N LEU B 377 34.67 -15.56 -1.59
CA LEU B 377 34.68 -16.63 -2.59
C LEU B 377 34.45 -17.97 -1.90
N ARG B 378 33.32 -18.60 -2.22
CA ARG B 378 32.93 -19.93 -1.68
C ARG B 378 33.80 -21.00 -2.33
N ASN B 379 34.29 -20.77 -3.54
CA ASN B 379 35.27 -21.66 -4.21
C ASN B 379 36.50 -20.83 -4.56
N SER B 380 37.70 -21.29 -4.22
CA SER B 380 38.96 -20.64 -4.65
C SER B 380 38.88 -20.24 -6.14
N THR B 381 38.21 -21.06 -6.97
CA THR B 381 38.11 -20.88 -8.42
C THR B 381 37.11 -19.77 -8.80
N ASP B 382 36.12 -19.48 -7.94
CA ASP B 382 35.04 -18.50 -8.23
C ASP B 382 35.65 -17.17 -8.62
N PRO B 383 34.94 -16.40 -9.45
CA PRO B 383 35.32 -15.03 -9.77
C PRO B 383 34.83 -14.01 -8.74
N ILE B 384 35.41 -12.81 -8.74
CA ILE B 384 35.10 -11.79 -7.72
C ILE B 384 33.75 -11.15 -8.06
N LYS B 385 32.71 -11.46 -7.29
CA LYS B 385 31.36 -10.85 -7.47
C LYS B 385 31.01 -9.94 -6.28
N GLU B 386 31.70 -10.14 -5.15
CA GLU B 386 31.27 -9.77 -3.78
C GLU B 386 32.49 -9.47 -2.90
N PHE B 387 32.59 -8.27 -2.34
CA PHE B 387 33.64 -7.93 -1.35
C PHE B 387 33.10 -7.79 0.08
N ARG B 388 33.99 -7.95 1.05
CA ARG B 388 33.81 -7.48 2.44
C ARG B 388 34.71 -6.27 2.68
N ILE B 389 34.15 -5.09 2.76
CA ILE B 389 34.91 -3.82 2.92
C ILE B 389 34.79 -3.32 4.37
N GLU B 390 35.91 -2.96 5.01
CA GLU B 390 35.92 -2.32 6.34
C GLU B 390 36.37 -0.87 6.19
N PHE B 391 35.69 0.04 6.85
CA PHE B 391 36.01 1.48 6.75
C PHE B 391 36.73 1.90 8.03
N THR B 392 37.58 2.93 7.97
CA THR B 392 38.32 3.43 9.15
C THR B 392 37.32 4.13 10.09
N LYS B 393 36.43 4.97 9.56
CA LYS B 393 35.37 5.67 10.32
C LYS B 393 34.08 4.82 10.38
N ALA B 394 33.27 5.05 11.41
CA ALA B 394 32.02 4.27 11.63
C ALA B 394 30.94 4.92 10.78
N LEU B 395 29.97 4.13 10.33
CA LEU B 395 28.92 4.54 9.39
C LEU B 395 27.71 5.05 10.16
N ASP B 396 27.18 6.18 9.75
CA ASP B 396 25.91 6.72 10.30
C ASP B 396 24.85 5.64 10.11
N PRO B 397 24.07 5.22 11.12
CA PRO B 397 23.10 4.11 10.93
C PRO B 397 22.09 4.29 9.79
N VAL B 398 22.07 5.47 9.16
CA VAL B 398 21.22 5.76 7.96
C VAL B 398 21.76 4.98 6.76
N ILE B 399 23.01 4.54 6.87
CA ILE B 399 23.67 3.71 5.84
C ILE B 399 23.46 2.25 6.24
N ASP B 400 22.26 1.78 5.97
CA ASP B 400 21.86 0.38 6.18
C ASP B 400 21.12 -0.08 4.93
N PRO B 401 21.60 -1.16 4.28
CA PRO B 401 20.96 -1.70 3.07
C PRO B 401 19.50 -2.07 3.30
N SER B 402 19.12 -2.43 4.54
CA SER B 402 17.73 -2.84 4.86
C SER B 402 16.84 -1.61 5.05
N LYS B 403 17.38 -0.39 5.02
CA LYS B 403 16.51 0.82 5.00
C LYS B 403 16.30 1.29 3.56
N GLN B 404 17.29 1.22 2.68
CA GLN B 404 17.11 1.66 1.28
C GLN B 404 18.24 1.11 0.42
N ASP B 405 18.20 1.44 -0.87
CA ASP B 405 19.23 0.91 -1.78
C ASP B 405 20.41 1.86 -1.71
N ILE B 406 21.58 1.34 -1.34
CA ILE B 406 22.82 2.17 -1.13
C ILE B 406 23.97 1.67 -2.04
N GLY B 407 24.66 2.62 -2.67
CA GLY B 407 25.83 2.35 -3.52
C GLY B 407 27.08 3.05 -2.98
N ILE B 408 28.26 2.57 -3.42
CA ILE B 408 29.62 3.06 -3.01
C ILE B 408 30.41 3.44 -4.27
N GLU B 409 30.92 4.67 -4.35
CA GLU B 409 31.81 5.13 -5.43
C GLU B 409 33.21 5.16 -4.82
N ASN B 410 34.22 4.64 -5.52
CA ASN B 410 35.64 4.74 -5.10
C ASN B 410 36.23 6.01 -5.72
N LEU B 411 36.33 7.07 -4.93
CA LEU B 411 36.83 8.39 -5.40
C LEU B 411 38.35 8.35 -5.64
N SER B 412 39.05 7.28 -5.27
CA SER B 412 40.53 7.19 -5.45
C SER B 412 40.85 6.75 -6.87
N TRP B 413 40.13 5.76 -7.34
CA TRP B 413 40.26 5.30 -8.74
C TRP B 413 39.44 6.20 -9.66
N THR B 414 39.82 7.47 -9.80
CA THR B 414 39.13 8.42 -10.71
C THR B 414 40.23 9.14 -11.48
N PRO B 415 40.24 9.14 -12.82
CA PRO B 415 41.30 9.83 -13.53
C PRO B 415 40.97 11.28 -13.89
N SER B 416 42.00 12.11 -14.02
CA SER B 416 41.86 13.43 -14.66
C SER B 416 41.94 13.22 -16.18
N VAL B 417 41.39 14.14 -16.98
CA VAL B 417 41.20 13.82 -18.41
C VAL B 417 41.51 15.03 -19.28
N VAL B 418 42.32 14.80 -20.33
CA VAL B 418 42.51 15.76 -21.45
C VAL B 418 42.09 15.01 -22.70
N PHE B 419 41.04 15.48 -23.35
CA PHE B 419 40.51 14.86 -24.57
C PHE B 419 40.48 15.99 -25.59
N THR B 420 41.54 16.11 -26.40
CA THR B 420 41.68 17.28 -27.30
C THR B 420 42.05 16.88 -28.72
N GLY B 421 41.68 17.77 -29.64
CA GLY B 421 41.93 17.69 -31.09
C GLY B 421 41.57 16.35 -31.72
N ASN B 422 40.53 15.66 -31.26
CA ASN B 422 40.12 14.38 -31.85
C ASN B 422 39.03 14.62 -32.90
N THR B 423 38.75 13.64 -33.75
CA THR B 423 37.62 13.68 -34.70
C THR B 423 36.74 12.47 -34.44
N ILE B 424 35.47 12.73 -34.09
CA ILE B 424 34.49 11.62 -33.94
C ILE B 424 33.38 11.75 -34.98
N ARG B 425 33.08 10.63 -35.62
CA ARG B 425 32.08 10.72 -36.69
C ARG B 425 31.44 9.37 -37.00
N ASN B 426 30.21 9.48 -37.48
CA ASN B 426 29.47 8.39 -38.15
C ASN B 426 29.46 7.19 -37.19
N ASN B 427 29.08 7.39 -35.93
CA ASN B 427 29.14 6.27 -34.95
C ASN B 427 27.80 6.13 -34.28
N ARG B 428 27.56 4.92 -33.79
CA ARG B 428 26.31 4.59 -33.09
C ARG B 428 26.35 5.17 -31.69
N ALA B 429 25.18 5.43 -31.13
CA ALA B 429 25.03 5.89 -29.73
C ALA B 429 25.58 7.31 -29.64
N ARG B 430 26.15 7.65 -28.50
CA ARG B 430 26.72 8.99 -28.22
C ARG B 430 28.17 9.11 -28.76
N GLY B 431 28.71 10.32 -28.76
CA GLY B 431 30.11 10.59 -29.14
C GLY B 431 31.06 10.26 -28.00
N ALA B 432 30.80 10.82 -26.82
CA ALA B 432 31.76 10.83 -25.70
C ALA B 432 31.00 10.82 -24.37
N LEU B 433 31.38 9.92 -23.47
CA LEU B 433 30.81 9.84 -22.11
C LEU B 433 31.90 10.21 -21.14
N PHE B 434 31.63 11.18 -20.26
CA PHE B 434 32.58 11.55 -19.17
C PHE B 434 31.86 11.45 -17.83
N SER B 435 32.45 10.68 -16.91
CA SER B 435 31.89 10.48 -15.56
C SER B 435 33.01 10.58 -14.54
N THR B 436 33.65 11.73 -14.43
CA THR B 436 34.74 11.75 -13.44
C THR B 436 34.69 13.05 -12.65
N PRO B 437 34.81 12.88 -11.32
CA PRO B 437 34.87 14.02 -10.42
C PRO B 437 36.13 14.86 -10.68
N LYS B 438 37.17 14.25 -11.28
CA LYS B 438 38.50 14.88 -11.47
C LYS B 438 38.43 15.88 -12.60
N PRO B 439 39.37 16.83 -12.67
CA PRO B 439 39.32 17.86 -13.70
C PRO B 439 39.39 17.26 -15.09
N THR B 440 38.60 17.82 -15.99
CA THR B 440 38.36 17.22 -17.33
C THR B 440 38.35 18.34 -18.34
N LEU B 441 39.21 18.26 -19.34
CA LEU B 441 39.20 19.19 -20.48
C LEU B 441 38.77 18.44 -21.76
N VAL B 442 37.77 18.96 -22.46
CA VAL B 442 37.21 18.40 -23.72
C VAL B 442 37.27 19.55 -24.71
N ALA B 443 38.29 19.60 -25.56
CA ALA B 443 38.61 20.82 -26.34
C ALA B 443 39.12 20.53 -27.74
N ASN B 444 38.86 21.47 -28.65
CA ASN B 444 39.13 21.37 -30.12
C ASN B 444 38.87 20.00 -30.65
N ASN B 445 37.76 19.38 -30.28
CA ASN B 445 37.30 18.14 -30.94
C ASN B 445 36.28 18.48 -32.03
N LEU B 446 36.20 17.61 -33.04
CA LEU B 446 35.18 17.61 -34.13
C LEU B 446 34.27 16.42 -33.94
N PHE B 447 33.01 16.73 -33.69
CA PHE B 447 31.91 15.75 -33.64
C PHE B 447 31.10 15.86 -34.94
N ASP B 448 31.49 15.09 -35.96
CA ASP B 448 30.95 15.23 -37.34
C ASP B 448 29.94 14.12 -37.57
N HIS B 449 28.65 14.43 -37.47
CA HIS B 449 27.55 13.46 -37.67
C HIS B 449 27.75 12.24 -36.78
N THR B 450 27.87 12.41 -35.47
CA THR B 450 27.62 11.30 -34.54
C THR B 450 26.14 10.98 -34.65
N SER B 451 25.75 9.73 -34.43
CA SER B 451 24.35 9.34 -34.71
C SER B 451 23.50 9.98 -33.63
N GLY B 452 23.94 9.78 -32.38
CA GLY B 452 23.25 10.30 -31.19
C GLY B 452 23.80 11.64 -30.72
N CYS B 453 23.88 11.80 -29.41
CA CYS B 453 24.30 13.10 -28.85
C CYS B 453 25.83 13.13 -28.81
N ALA B 454 26.39 14.32 -28.92
CA ALA B 454 27.84 14.52 -28.98
C ALA B 454 28.46 14.08 -27.64
N ILE B 455 27.93 14.59 -26.53
CA ILE B 455 28.55 14.39 -25.19
C ILE B 455 27.48 14.00 -24.19
N LEU B 456 27.79 13.03 -23.36
CA LEU B 456 26.85 12.57 -22.33
C LEU B 456 27.57 12.45 -20.98
N LEU B 457 27.09 13.18 -19.97
CA LEU B 457 27.51 13.02 -18.55
C LEU B 457 26.36 12.32 -17.88
N CYS B 458 26.53 11.09 -17.42
CA CYS B 458 25.38 10.28 -16.95
C CYS B 458 25.80 9.41 -15.78
N GLY B 459 25.36 9.46 -14.55
CA GLY B 459 25.69 8.33 -13.66
C GLY B 459 24.48 7.47 -13.39
N ASP B 460 24.67 6.24 -12.94
CA ASP B 460 23.53 5.34 -12.65
C ASP B 460 23.97 4.29 -11.63
N SER B 461 23.23 4.16 -10.52
CA SER B 461 23.44 3.13 -9.46
C SER B 461 22.24 2.18 -9.35
N ASN B 462 21.58 1.93 -10.48
CA ASN B 462 20.35 1.12 -10.47
C ASN B 462 20.38 0.10 -11.62
N GLY B 463 20.90 0.49 -12.78
CA GLY B 463 20.91 -0.42 -13.93
C GLY B 463 22.31 -0.82 -14.34
N TRP B 464 23.07 0.14 -14.76
CA TRP B 464 24.40 -0.16 -15.30
C TRP B 464 25.48 0.03 -14.25
N TYR B 465 25.18 0.69 -13.14
CA TYR B 465 26.08 0.76 -11.96
C TYR B 465 27.41 1.37 -12.39
N GLU B 466 27.36 2.45 -13.18
CA GLU B 466 28.55 3.19 -13.65
C GLU B 466 28.61 4.55 -13.00
N THR B 467 29.70 4.83 -12.29
CA THR B 467 29.83 6.04 -11.46
C THR B 467 30.11 7.22 -12.36
N GLY B 468 29.78 8.39 -11.83
CA GLY B 468 30.20 9.62 -12.50
C GLY B 468 29.50 10.86 -12.04
N SER B 469 29.41 11.14 -10.74
CA SER B 469 29.11 12.57 -10.39
C SER B 469 30.36 13.39 -10.79
N CYS B 470 30.20 14.24 -11.81
CA CYS B 470 31.21 15.20 -12.31
C CYS B 470 31.29 16.43 -11.42
N ARG B 471 32.48 16.97 -11.27
CA ARG B 471 32.70 18.15 -10.41
C ARG B 471 33.48 19.24 -11.12
N ASP B 472 34.06 18.92 -12.26
CA ASP B 472 34.99 19.87 -12.88
C ASP B 472 35.23 19.47 -14.32
N ILE B 473 34.65 20.20 -15.25
CA ILE B 473 34.65 19.78 -16.66
C ILE B 473 34.44 21.00 -17.55
N THR B 474 35.39 21.22 -18.45
CA THR B 474 35.33 22.30 -19.43
C THR B 474 35.19 21.67 -20.80
N ILE B 475 34.08 21.98 -21.48
CA ILE B 475 33.84 21.60 -22.89
C ILE B 475 33.99 22.89 -23.69
N ARG B 476 35.13 23.07 -24.33
CA ARG B 476 35.45 24.37 -24.97
C ARG B 476 36.05 24.17 -26.35
N ASP B 477 35.79 25.16 -27.21
CA ASP B 477 36.37 25.26 -28.58
C ASP B 477 36.13 23.97 -29.38
N ASN B 478 34.97 23.35 -29.21
CA ASN B 478 34.62 22.16 -30.01
C ASN B 478 33.72 22.56 -31.17
N LYS B 479 33.57 21.62 -32.10
CA LYS B 479 32.69 21.82 -33.25
C LYS B 479 31.74 20.62 -33.28
N PHE B 480 30.46 20.91 -33.24
CA PHE B 480 29.41 19.87 -33.24
C PHE B 480 28.58 20.04 -34.50
N VAL B 481 28.69 19.10 -35.44
CA VAL B 481 27.99 19.23 -36.75
C VAL B 481 26.91 18.16 -36.83
N ASN B 482 25.67 18.59 -37.02
CA ASN B 482 24.47 17.72 -37.25
C ASN B 482 24.56 16.42 -36.42
N ALA B 483 24.72 16.60 -35.11
CA ALA B 483 24.53 15.53 -34.12
C ALA B 483 23.04 15.27 -33.91
N LEU B 484 22.78 14.07 -33.41
CA LEU B 484 21.44 13.57 -33.07
C LEU B 484 20.59 13.48 -34.34
N THR B 485 20.97 12.61 -35.26
CA THR B 485 20.08 12.25 -36.37
C THR B 485 19.32 11.00 -35.99
N SER B 486 19.66 10.37 -34.87
CA SER B 486 19.02 9.11 -34.46
C SER B 486 18.91 9.08 -32.94
N MET B 487 17.90 8.43 -32.38
CA MET B 487 17.64 8.37 -30.93
C MET B 487 18.25 7.10 -30.36
N TYR B 488 18.88 7.26 -29.17
CA TYR B 488 19.44 6.18 -28.31
C TYR B 488 19.24 6.59 -26.85
N GLN B 489 19.45 5.66 -25.94
CA GLN B 489 19.34 5.99 -24.51
C GLN B 489 19.93 7.37 -24.29
N PHE B 490 19.20 8.26 -23.63
CA PHE B 490 19.70 9.55 -23.11
C PHE B 490 19.97 10.61 -24.16
N THR B 491 19.63 10.40 -25.42
CA THR B 491 19.98 11.40 -26.47
C THR B 491 18.93 12.49 -26.55
N SER B 492 18.97 13.41 -25.60
CA SER B 492 17.95 14.48 -25.42
C SER B 492 18.38 15.79 -26.09
N ALA B 493 19.67 16.01 -26.27
CA ALA B 493 20.23 17.22 -26.90
C ALA B 493 21.67 16.98 -27.37
N ILE B 494 22.20 17.88 -28.16
CA ILE B 494 23.57 17.64 -28.67
C ILE B 494 24.45 17.37 -27.46
N ILE B 495 24.39 18.22 -26.43
CA ILE B 495 25.02 17.92 -25.12
C ILE B 495 23.91 17.54 -24.14
N SER B 496 23.98 16.31 -23.62
CA SER B 496 22.99 15.79 -22.67
C SER B 496 23.63 15.55 -21.31
N ILE B 497 23.17 16.25 -20.29
CA ILE B 497 23.64 15.98 -18.91
C ILE B 497 22.51 15.22 -18.22
N TYR B 498 22.58 13.89 -18.27
CA TYR B 498 21.41 13.02 -17.98
C TYR B 498 21.86 11.90 -17.06
N PRO B 499 21.92 12.13 -15.75
CA PRO B 499 22.05 11.04 -14.81
C PRO B 499 20.75 10.23 -14.70
N GLU B 500 20.90 8.93 -14.47
CA GLU B 500 19.75 8.01 -14.22
C GLU B 500 19.31 8.08 -12.76
N ILE B 501 18.23 8.82 -12.58
CA ILE B 501 17.58 9.14 -11.29
C ILE B 501 16.15 8.58 -11.27
N PRO B 502 15.93 7.40 -10.66
CA PRO B 502 14.57 6.86 -10.46
C PRO B 502 13.56 7.83 -9.82
N ASP B 503 13.91 8.56 -8.75
CA ASP B 503 12.93 9.46 -8.08
C ASP B 503 13.42 10.91 -8.11
N LEU B 504 13.24 11.61 -9.21
CA LEU B 504 13.71 13.01 -9.32
C LEU B 504 12.84 13.94 -8.46
N THR B 505 11.53 13.73 -8.28
CA THR B 505 10.77 14.85 -7.65
C THR B 505 11.19 15.00 -6.18
N ASN B 506 11.66 13.93 -5.54
CA ASN B 506 12.11 13.95 -4.13
C ASN B 506 13.60 14.22 -3.91
N GLN B 507 14.36 14.41 -4.97
CA GLN B 507 15.82 14.67 -4.86
C GLN B 507 16.00 16.12 -4.36
N LYS B 508 16.85 16.30 -3.33
CA LYS B 508 17.20 17.62 -2.73
C LYS B 508 18.59 18.04 -3.20
N LYS B 509 19.50 17.07 -3.39
CA LYS B 509 20.92 17.32 -3.70
C LYS B 509 21.13 17.19 -5.20
N TYR B 510 21.91 18.09 -5.77
CA TYR B 510 22.27 18.02 -7.22
C TYR B 510 23.40 17.01 -7.39
N PHE B 511 23.31 16.17 -8.43
CA PHE B 511 24.28 15.08 -8.67
C PHE B 511 25.59 15.59 -9.28
N HIS B 512 25.50 16.41 -10.33
CA HIS B 512 26.66 16.97 -11.08
C HIS B 512 26.88 18.42 -10.66
N SER B 513 28.12 18.86 -10.67
CA SER B 513 28.45 20.28 -10.41
C SER B 513 29.66 20.71 -11.26
N GLY B 514 29.78 22.03 -11.48
CA GLY B 514 30.98 22.65 -12.06
C GLY B 514 31.14 22.28 -13.52
N ILE B 515 30.09 22.43 -14.29
CA ILE B 515 30.18 22.13 -15.73
C ILE B 515 30.31 23.46 -16.46
N ARG B 516 31.33 23.57 -17.31
CA ARG B 516 31.55 24.78 -18.12
C ARG B 516 31.50 24.42 -19.61
N ILE B 517 30.66 25.11 -20.34
CA ILE B 517 30.51 24.91 -21.80
C ILE B 517 30.77 26.25 -22.45
N LEU B 518 31.97 26.43 -22.99
CA LEU B 518 32.39 27.77 -23.45
C LEU B 518 32.97 27.71 -24.86
N ASN B 519 32.57 28.69 -25.67
CA ASN B 519 33.19 29.00 -26.98
C ASN B 519 33.15 27.77 -27.86
N ASN B 520 31.96 27.17 -28.04
CA ASN B 520 31.74 26.03 -28.95
C ASN B 520 30.94 26.50 -30.15
N GLN B 521 30.98 25.68 -31.19
CA GLN B 521 30.15 25.89 -32.40
C GLN B 521 29.23 24.67 -32.56
N PHE B 522 27.95 24.98 -32.64
CA PHE B 522 26.86 24.02 -32.86
C PHE B 522 26.23 24.28 -34.24
N ASP B 523 26.55 23.41 -35.18
CA ASP B 523 25.85 23.40 -36.49
C ASP B 523 24.77 22.34 -36.37
N THR B 524 23.52 22.77 -36.42
CA THR B 524 22.34 21.89 -36.22
C THR B 524 21.21 22.31 -37.14
N PHE B 525 20.40 21.29 -37.44
CA PHE B 525 19.20 21.27 -38.30
C PHE B 525 17.96 21.26 -37.41
N ASP B 526 18.12 20.74 -36.19
CA ASP B 526 17.06 20.60 -35.16
C ASP B 526 17.23 21.67 -34.06
N GLN B 527 16.50 21.47 -32.97
CA GLN B 527 16.40 22.46 -31.86
C GLN B 527 17.30 22.13 -30.66
N PRO B 528 17.21 20.94 -30.01
CA PRO B 528 17.91 20.67 -28.75
C PRO B 528 19.45 20.82 -28.75
N ILE B 529 19.99 21.72 -27.91
CA ILE B 529 21.44 22.05 -27.81
C ILE B 529 21.96 21.49 -26.50
N LEU B 530 21.30 21.80 -25.39
CA LEU B 530 21.71 21.38 -24.04
C LEU B 530 20.49 20.89 -23.27
N TYR B 531 20.58 19.67 -22.77
CA TYR B 531 19.65 19.13 -21.77
C TYR B 531 20.40 18.88 -20.46
N ALA B 532 19.86 19.30 -19.34
CA ALA B 532 20.61 19.23 -18.07
C ALA B 532 19.68 18.84 -16.92
N LYS B 533 19.98 17.71 -16.29
CA LYS B 533 19.18 17.17 -15.17
C LYS B 533 20.08 16.97 -13.96
N SER B 534 19.74 17.62 -12.84
CA SER B 534 20.41 17.48 -11.52
C SER B 534 21.82 18.08 -11.55
N VAL B 535 21.89 19.38 -11.80
CA VAL B 535 23.19 20.08 -11.88
C VAL B 535 23.18 21.31 -10.98
N ASP B 536 24.23 21.44 -10.22
CA ASP B 536 24.52 22.69 -9.49
C ASP B 536 25.78 23.32 -10.09
N GLY B 537 25.63 24.41 -10.84
CA GLY B 537 26.75 25.07 -11.51
C GLY B 537 26.87 24.64 -12.96
N LEU B 538 26.36 25.46 -13.86
CA LEU B 538 26.31 25.17 -15.31
C LEU B 538 26.62 26.46 -16.05
N VAL B 539 27.80 26.57 -16.62
CA VAL B 539 28.20 27.77 -17.41
C VAL B 539 28.03 27.47 -18.89
N PHE B 540 27.33 28.34 -19.60
CA PHE B 540 27.13 28.24 -21.05
C PHE B 540 27.42 29.61 -21.63
N THR B 541 28.61 29.82 -22.15
CA THR B 541 29.00 31.18 -22.57
C THR B 541 29.81 31.17 -23.87
N GLY B 542 29.61 32.23 -24.63
CA GLY B 542 30.33 32.55 -25.88
C GLY B 542 30.16 31.49 -26.95
N ASN B 543 29.04 30.76 -26.94
CA ASN B 543 28.80 29.67 -27.90
C ASN B 543 28.04 30.20 -29.10
N LYS B 544 28.19 29.52 -30.23
CA LYS B 544 27.67 29.95 -31.54
C LYS B 544 26.80 28.82 -32.08
N ILE B 545 25.55 29.14 -32.35
CA ILE B 545 24.62 28.14 -32.90
C ILE B 545 24.25 28.61 -34.30
N GLN B 546 24.51 27.71 -35.24
CA GLN B 546 24.30 27.93 -36.67
C GLN B 546 23.29 26.89 -37.17
N THR B 547 22.21 27.36 -37.75
CA THR B 547 21.12 26.50 -38.27
C THR B 547 21.49 26.07 -39.69
N ASN B 548 21.10 24.87 -40.05
CA ASN B 548 21.14 24.38 -41.46
C ASN B 548 19.90 23.53 -41.72
N LYS B 549 19.62 23.11 -42.95
CA LYS B 549 18.46 22.20 -43.21
C LYS B 549 18.90 20.90 -43.89
N GLU B 550 20.10 20.38 -43.60
CA GLU B 550 20.61 19.13 -44.24
C GLU B 550 19.69 17.96 -43.92
N TYR B 551 18.92 18.08 -42.85
CA TYR B 551 17.87 17.11 -42.49
C TYR B 551 16.68 17.81 -41.83
N PRO B 552 15.49 17.17 -41.84
CA PRO B 552 14.34 17.72 -41.13
C PRO B 552 14.46 17.70 -39.60
N ALA B 553 14.07 18.80 -38.95
CA ALA B 553 13.90 18.82 -37.48
C ALA B 553 12.99 17.65 -37.09
N PHE B 554 13.26 16.90 -36.03
CA PHE B 554 12.29 15.84 -35.65
C PHE B 554 12.18 15.58 -34.13
N HIS B 555 13.09 16.12 -33.32
CA HIS B 555 13.30 15.65 -31.94
C HIS B 555 12.09 16.04 -31.12
N SER B 556 11.64 15.15 -30.24
CA SER B 556 10.44 15.39 -29.41
C SER B 556 10.68 16.63 -28.54
N ASN B 557 11.91 16.80 -28.04
CA ASN B 557 12.33 17.99 -27.29
C ASN B 557 12.53 19.13 -28.27
N LYS B 558 11.61 20.10 -28.36
CA LYS B 558 11.69 21.23 -29.32
C LYS B 558 12.27 22.47 -28.65
N LYS B 559 12.97 22.31 -27.53
CA LYS B 559 13.56 23.43 -26.80
C LYS B 559 15.09 23.43 -26.94
N ARG B 560 15.67 24.56 -27.32
CA ARG B 560 17.16 24.64 -27.37
C ARG B 560 17.74 24.26 -25.99
N PHE B 561 17.20 24.86 -24.92
CA PHE B 561 17.69 24.56 -23.56
C PHE B 561 16.53 23.98 -22.72
N LEU B 562 16.81 22.85 -22.10
CA LEU B 562 15.85 22.12 -21.24
C LEU B 562 16.57 21.79 -19.94
N PHE B 563 16.17 22.41 -18.84
CA PHE B 563 16.79 22.21 -17.50
C PHE B 563 15.79 21.55 -16.56
N GLU B 564 16.19 20.49 -15.84
CA GLU B 564 15.37 19.84 -14.79
C GLU B 564 16.23 19.69 -13.54
N ARG B 565 15.91 20.42 -12.47
CA ARG B 565 16.61 20.38 -11.15
C ARG B 565 18.01 20.91 -11.37
N VAL B 566 18.08 22.12 -11.88
CA VAL B 566 19.35 22.79 -12.23
C VAL B 566 19.36 24.15 -11.54
N ILE B 567 20.35 24.37 -10.69
CA ILE B 567 20.69 25.73 -10.21
C ILE B 567 22.07 26.07 -10.72
N GLY B 568 22.41 27.35 -10.58
CA GLY B 568 23.77 27.85 -10.77
C GLY B 568 24.06 28.08 -12.22
N VAL B 569 23.07 28.55 -12.97
CA VAL B 569 23.22 28.71 -14.42
C VAL B 569 23.75 30.09 -14.74
N ASP B 570 24.79 30.09 -15.55
CA ASP B 570 25.46 31.29 -16.06
C ASP B 570 25.43 31.23 -17.58
N PHE B 571 24.81 32.21 -18.20
CA PHE B 571 24.44 32.10 -19.62
C PHE B 571 24.58 33.47 -20.26
N SER B 572 25.70 33.67 -20.95
CA SER B 572 25.98 34.97 -21.61
C SER B 572 26.81 34.79 -22.89
N ASP B 573 26.71 35.79 -23.75
CA ASP B 573 27.50 35.96 -24.98
C ASP B 573 27.18 34.81 -25.96
N ASN B 574 26.03 34.17 -25.86
CA ASN B 574 25.67 33.12 -26.84
C ASN B 574 24.91 33.74 -28.01
N LYS B 575 24.95 33.08 -29.15
CA LYS B 575 24.28 33.55 -30.38
C LYS B 575 23.62 32.40 -31.15
N VAL B 576 22.56 32.75 -31.86
CA VAL B 576 21.94 31.83 -32.84
C VAL B 576 21.87 32.58 -34.15
N ASP B 577 22.58 32.07 -35.15
CA ASP B 577 22.61 32.64 -36.52
C ASP B 577 23.06 34.10 -36.36
N GLY B 578 24.01 34.33 -35.46
CA GLY B 578 24.65 35.64 -35.22
C GLY B 578 23.79 36.62 -34.46
N LYS B 579 22.61 36.18 -34.00
CA LYS B 579 21.76 37.02 -33.12
C LYS B 579 21.92 36.53 -31.68
N PRO B 580 22.04 37.46 -30.69
CA PRO B 580 22.08 37.09 -29.28
C PRO B 580 20.84 36.37 -28.75
N ILE B 581 21.06 35.40 -27.88
CA ILE B 581 20.00 34.70 -27.11
C ILE B 581 20.33 34.92 -25.66
N GLU B 582 19.50 35.66 -24.94
CA GLU B 582 19.79 36.01 -23.53
C GLU B 582 18.72 35.39 -22.62
N MET B 583 19.11 35.06 -21.39
CA MET B 583 18.22 34.62 -20.29
C MET B 583 17.38 35.81 -19.85
N LEU B 584 18.04 36.94 -19.59
CA LEU B 584 17.38 38.21 -19.20
C LEU B 584 17.11 38.94 -20.51
N SER C 1 3.21 -30.82 -0.33
CA SER C 1 2.91 -30.67 -1.79
C SER C 1 3.41 -31.91 -2.58
N GLU C 2 4.70 -31.93 -2.96
CA GLU C 2 5.43 -33.10 -3.46
C GLU C 2 5.84 -33.94 -2.26
N PHE C 3 5.35 -33.60 -1.06
CA PHE C 3 5.65 -34.27 0.23
C PHE C 3 4.37 -34.78 0.87
N ASN C 4 4.38 -35.96 1.46
CA ASN C 4 3.18 -36.44 2.16
C ASN C 4 3.00 -35.57 3.41
N VAL C 5 4.07 -35.36 4.16
CA VAL C 5 4.15 -34.43 5.33
C VAL C 5 5.28 -33.44 5.08
N LYS C 6 5.07 -32.15 5.35
CA LYS C 6 6.18 -31.17 5.40
C LYS C 6 6.71 -31.09 6.83
N ILE C 7 7.96 -31.43 7.08
CA ILE C 7 8.49 -31.47 8.48
C ILE C 7 9.41 -30.27 8.67
N TYR C 8 9.12 -29.38 9.62
CA TYR C 8 10.00 -28.22 9.90
C TYR C 8 10.79 -28.57 11.17
N LYS C 9 12.05 -28.96 11.00
CA LYS C 9 12.99 -29.04 12.13
C LYS C 9 13.24 -27.59 12.57
N LEU C 10 12.97 -27.22 13.83
CA LEU C 10 12.85 -25.79 14.15
C LEU C 10 14.22 -25.12 14.03
N SER C 11 15.28 -25.88 14.40
CA SER C 11 16.68 -25.40 14.36
C SER C 11 17.11 -25.01 12.94
N ALA C 12 16.52 -25.56 11.89
CA ALA C 12 16.84 -25.13 10.53
C ALA C 12 16.19 -23.76 10.27
N TYR C 13 15.31 -23.28 11.13
CA TYR C 13 14.52 -22.04 10.90
C TYR C 13 14.80 -21.06 12.05
N GLY C 14 16.02 -21.11 12.59
CA GLY C 14 16.51 -20.09 13.52
C GLY C 14 15.98 -20.26 14.94
N ILE C 15 15.51 -21.45 15.31
CA ILE C 15 14.93 -21.67 16.66
C ILE C 15 15.57 -22.89 17.33
N LYS C 16 16.54 -22.53 18.19
CA LYS C 16 17.52 -23.50 18.75
C LYS C 16 17.25 -23.69 20.22
N PRO C 17 17.58 -24.88 20.79
CA PRO C 17 17.44 -25.12 22.22
C PRO C 17 18.60 -24.56 23.04
N ASN C 18 18.34 -24.15 24.28
CA ASN C 18 19.38 -23.79 25.26
C ASN C 18 20.00 -22.46 24.84
N SER C 19 19.34 -21.68 24.00
CA SER C 19 19.87 -20.38 23.55
C SER C 19 19.64 -19.39 24.67
N GLY C 20 18.67 -19.68 25.53
CA GLY C 20 18.19 -18.70 26.53
C GLY C 20 17.55 -17.47 25.92
N LYS C 21 17.29 -17.41 24.62
CA LYS C 21 16.60 -16.24 24.03
C LYS C 21 15.09 -16.45 24.01
N ASN C 22 14.39 -15.35 23.75
CA ASN C 22 12.90 -15.31 23.74
C ASN C 22 12.44 -16.04 22.48
N THR C 23 11.89 -17.23 22.62
CA THR C 23 11.48 -18.08 21.47
C THR C 23 10.12 -17.61 20.95
N THR C 24 9.42 -16.76 21.72
CA THR C 24 7.99 -16.47 21.45
C THR C 24 7.85 -15.77 20.12
N PRO C 25 8.53 -14.63 19.87
CA PRO C 25 8.27 -13.84 18.67
C PRO C 25 8.66 -14.59 17.37
N LEU C 26 9.64 -15.50 17.52
CA LEU C 26 10.21 -16.36 16.44
C LEU C 26 9.21 -17.46 16.04
N LEU C 27 8.77 -18.29 16.99
CA LEU C 27 7.84 -19.40 16.70
C LEU C 27 6.53 -18.84 16.18
N THR C 28 6.06 -17.76 16.78
CA THR C 28 4.89 -16.98 16.32
C THR C 28 5.07 -16.54 14.87
N SER C 29 6.11 -15.80 14.52
CA SER C 29 6.30 -15.37 13.10
C SER C 29 6.40 -16.59 12.15
N LEU C 30 7.05 -17.66 12.59
CA LEU C 30 7.30 -18.86 11.74
C LEU C 30 5.99 -19.64 11.47
N LEU C 31 5.22 -19.98 12.51
CA LEU C 31 3.89 -20.64 12.35
C LEU C 31 2.99 -19.77 11.48
N LYS C 32 3.02 -18.45 11.62
CA LYS C 32 2.16 -17.58 10.80
C LYS C 32 2.49 -17.81 9.33
N GLU C 33 3.78 -17.88 8.98
CA GLU C 33 4.23 -18.12 7.59
C GLU C 33 3.86 -19.55 7.13
N ILE C 34 4.16 -20.58 7.92
CA ILE C 34 3.87 -21.99 7.53
C ILE C 34 2.37 -22.11 7.25
N LYS C 35 1.54 -21.42 8.03
CA LYS C 35 0.07 -21.45 7.86
C LYS C 35 -0.29 -20.75 6.56
N SER C 36 0.27 -19.57 6.28
CA SER C 36 -0.15 -18.75 5.12
C SER C 36 0.17 -19.49 3.82
N LYS C 37 0.98 -20.56 3.89
CA LYS C 37 1.46 -21.31 2.72
C LYS C 37 1.08 -22.77 2.81
N THR C 38 0.41 -23.26 3.84
CA THR C 38 -0.08 -24.66 3.85
C THR C 38 -1.58 -24.60 3.60
N SER C 39 -2.04 -25.40 2.64
CA SER C 39 -3.46 -25.54 2.26
C SER C 39 -4.14 -26.47 3.28
N ASP C 40 -5.39 -26.84 3.09
CA ASP C 40 -6.07 -27.55 4.19
C ASP C 40 -5.64 -29.00 4.23
N LEU C 41 -5.73 -29.70 3.11
CA LEU C 41 -5.40 -31.15 3.05
C LEU C 41 -3.92 -31.36 3.42
N ASP C 42 -3.12 -30.28 3.40
CA ASP C 42 -1.66 -30.30 3.66
C ASP C 42 -1.40 -30.70 5.11
N LYS C 43 -0.49 -31.66 5.32
CA LYS C 43 -0.06 -32.12 6.66
C LYS C 43 1.28 -31.46 7.01
N VAL C 44 1.40 -30.98 8.25
CA VAL C 44 2.54 -30.18 8.78
C VAL C 44 3.05 -30.87 10.04
N ILE C 45 4.36 -30.86 10.28
CA ILE C 45 4.97 -31.22 11.59
C ILE C 45 5.93 -30.08 11.98
N ILE C 46 5.89 -29.61 13.22
CA ILE C 46 6.86 -28.65 13.83
C ILE C 46 7.72 -29.44 14.83
N GLN C 47 9.06 -29.49 14.63
CA GLN C 47 9.93 -30.37 15.43
C GLN C 47 10.98 -29.60 16.25
N PHE C 48 10.85 -29.80 17.56
CA PHE C 48 11.73 -29.28 18.66
C PHE C 48 12.80 -30.35 18.96
N GLU C 49 13.98 -29.92 19.40
CA GLU C 49 15.11 -30.82 19.74
C GLU C 49 15.22 -30.96 21.26
N LYS C 50 16.03 -31.94 21.70
CA LYS C 50 16.51 -32.07 23.10
C LYS C 50 17.01 -30.72 23.57
N GLY C 51 16.47 -30.31 24.72
CA GLY C 51 16.89 -29.09 25.42
C GLY C 51 15.73 -28.17 25.73
N ARG C 52 16.08 -26.95 26.09
CA ARG C 52 15.17 -25.98 26.71
C ARG C 52 14.92 -24.81 25.78
N TYR C 53 13.66 -24.45 25.63
CA TYR C 53 13.23 -23.26 24.85
C TYR C 53 12.51 -22.36 25.85
N ASP C 54 12.90 -21.10 25.93
CA ASP C 54 12.27 -20.17 26.90
C ASP C 54 11.36 -19.26 26.10
N PHE C 55 10.15 -19.04 26.63
CA PHE C 55 9.12 -18.14 26.06
C PHE C 55 8.81 -17.07 27.07
N TYR C 56 8.75 -15.83 26.63
CA TYR C 56 8.39 -14.69 27.49
C TYR C 56 7.16 -14.01 26.92
N PRO C 57 6.46 -13.20 27.71
CA PRO C 57 5.35 -12.41 27.20
C PRO C 57 5.67 -11.59 25.95
N GLU C 58 6.91 -11.12 25.77
CA GLU C 58 7.19 -10.16 24.66
C GLU C 58 7.03 -10.89 23.35
N GLY C 59 6.27 -10.26 22.46
CA GLY C 59 6.04 -10.73 21.08
C GLY C 59 5.03 -11.88 21.01
N ALA C 60 4.38 -12.23 22.14
CA ALA C 60 3.27 -13.20 22.19
C ALA C 60 2.04 -12.57 21.57
N ILE C 61 1.15 -13.42 21.09
CA ILE C 61 -0.16 -12.92 20.60
C ILE C 61 -1.01 -12.60 21.81
N LYS C 62 -1.81 -11.53 21.71
CA LYS C 62 -2.85 -11.21 22.72
C LYS C 62 -4.24 -11.59 22.20
N ARG C 63 -4.75 -12.72 22.69
CA ARG C 63 -6.12 -13.20 22.37
C ARG C 63 -7.08 -12.96 23.56
N GLU C 64 -8.29 -12.51 23.24
CA GLU C 64 -9.42 -12.50 24.16
C GLU C 64 -10.05 -13.91 24.13
N TYR C 65 -9.83 -14.71 25.15
CA TYR C 65 -10.41 -16.08 25.21
C TYR C 65 -11.35 -16.18 26.40
N TYR C 66 -12.44 -16.89 26.21
CA TYR C 66 -13.35 -17.28 27.29
C TYR C 66 -13.10 -18.73 27.55
N ILE C 67 -12.74 -19.03 28.78
CA ILE C 67 -12.25 -20.37 29.15
C ILE C 67 -13.12 -20.91 30.26
N SER C 68 -13.74 -22.03 30.03
CA SER C 68 -14.55 -22.70 31.05
C SER C 68 -13.70 -22.91 32.30
N ASN C 69 -14.31 -22.63 33.45
CA ASN C 69 -13.89 -23.01 34.82
C ASN C 69 -12.60 -22.26 35.20
N HIS C 70 -12.44 -21.03 34.72
CA HIS C 70 -11.24 -20.17 34.92
C HIS C 70 -11.66 -18.70 35.08
N ASP C 71 -10.83 -17.88 35.70
CA ASP C 71 -11.00 -16.41 35.68
C ASP C 71 -11.04 -15.92 34.22
N GLN C 72 -11.84 -14.90 33.96
CA GLN C 72 -12.02 -14.34 32.59
C GLN C 72 -11.27 -13.02 32.53
N ASP C 73 -9.99 -13.05 32.82
CA ASP C 73 -9.15 -11.85 32.73
C ASP C 73 -8.70 -11.73 31.30
N ASN C 74 -8.94 -10.62 30.60
CA ASN C 74 -8.52 -10.52 29.18
C ASN C 74 -7.69 -9.26 28.98
N PRO C 75 -6.79 -9.22 27.97
CA PRO C 75 -6.57 -10.36 27.07
C PRO C 75 -5.73 -11.46 27.75
N LYS C 76 -5.56 -12.62 27.11
CA LYS C 76 -4.60 -13.63 27.56
C LYS C 76 -3.34 -13.44 26.74
N THR C 77 -2.20 -13.65 27.37
CA THR C 77 -0.84 -13.64 26.77
C THR C 77 -0.52 -15.09 26.36
N VAL C 78 -0.56 -15.33 25.06
CA VAL C 78 -0.55 -16.70 24.49
C VAL C 78 0.82 -16.93 23.86
N GLY C 79 1.47 -17.97 24.38
CA GLY C 79 2.83 -18.38 23.97
C GLY C 79 2.82 -18.98 22.58
N ILE C 80 2.08 -20.06 22.42
CA ILE C 80 1.94 -20.72 21.09
C ILE C 80 0.47 -20.81 20.72
N GLY C 81 0.07 -20.06 19.70
CA GLY C 81 -1.32 -20.02 19.19
C GLY C 81 -1.49 -20.86 17.92
N ILE C 82 -2.03 -22.06 18.09
CA ILE C 82 -2.46 -22.93 16.96
C ILE C 82 -3.93 -22.55 16.71
N GLU C 83 -4.21 -21.66 15.77
CA GLU C 83 -5.58 -21.14 15.52
C GLU C 83 -6.04 -21.44 14.07
N LYS C 84 -7.07 -22.28 13.90
CA LYS C 84 -7.65 -22.55 12.56
C LYS C 84 -6.55 -23.10 11.66
N PHE C 85 -5.89 -24.12 12.16
CA PHE C 85 -4.66 -24.70 11.60
C PHE C 85 -4.79 -26.21 11.74
N ASN C 86 -4.95 -26.96 10.65
CA ASN C 86 -5.26 -28.40 10.80
C ASN C 86 -4.12 -29.28 10.32
N ASN C 87 -4.15 -30.51 10.83
CA ASN C 87 -3.28 -31.63 10.46
C ASN C 87 -1.85 -31.31 10.86
N ILE C 88 -1.70 -30.69 12.01
CA ILE C 88 -0.41 -30.13 12.45
C ILE C 88 -0.04 -30.90 13.70
N THR C 89 1.21 -31.35 13.78
CA THR C 89 1.73 -32.08 14.94
C THR C 89 2.90 -31.28 15.50
N LEU C 90 2.89 -30.95 16.78
CA LEU C 90 4.07 -30.39 17.48
C LEU C 90 4.75 -31.54 18.20
N ILE C 91 5.99 -31.81 17.85
CA ILE C 91 6.70 -32.94 18.47
C ILE C 91 8.00 -32.40 19.06
N GLY C 92 8.44 -33.02 20.14
CA GLY C 92 9.71 -32.72 20.78
C GLY C 92 10.50 -34.00 21.00
N LYS C 93 11.65 -33.89 21.60
CA LYS C 93 12.52 -35.05 21.86
C LYS C 93 13.09 -34.83 23.27
N GLY C 94 12.36 -35.21 24.31
CA GLY C 94 12.57 -34.68 25.68
C GLY C 94 12.75 -33.16 25.66
N THR C 95 11.73 -32.44 25.18
CA THR C 95 11.83 -30.97 24.99
C THR C 95 11.20 -30.33 26.21
N ASP C 96 11.83 -29.24 26.66
CA ASP C 96 11.36 -28.47 27.83
C ASP C 96 10.97 -27.08 27.36
N LEU C 97 9.67 -26.82 27.24
CA LEU C 97 9.17 -25.47 26.91
C LEU C 97 8.97 -24.75 28.21
N MET C 98 9.74 -23.69 28.44
CA MET C 98 9.83 -23.02 29.77
C MET C 98 9.20 -21.64 29.60
N PHE C 99 8.16 -21.34 30.38
CA PHE C 99 7.46 -20.05 30.22
C PHE C 99 7.82 -19.10 31.35
N HIS C 100 7.66 -17.83 31.05
CA HIS C 100 7.96 -16.75 32.00
C HIS C 100 6.72 -15.87 32.12
N GLY C 101 6.44 -15.39 33.33
CA GLY C 101 5.42 -14.37 33.54
C GLY C 101 4.02 -14.97 33.69
N ARG C 102 3.01 -14.20 33.31
CA ARG C 102 1.62 -14.69 33.22
C ARG C 102 1.31 -14.98 31.76
N MET C 103 1.30 -16.26 31.41
CA MET C 103 1.10 -16.68 30.00
C MET C 103 0.12 -17.85 29.94
N LEU C 104 -0.53 -17.95 28.79
CA LEU C 104 -1.19 -19.19 28.32
C LEU C 104 -0.18 -19.95 27.46
N PRO C 105 0.50 -21.02 27.95
CA PRO C 105 1.46 -21.76 27.14
C PRO C 105 0.98 -22.07 25.72
N LEU C 106 0.04 -23.00 25.58
CA LEU C 106 -0.40 -23.59 24.29
C LEU C 106 -1.92 -23.47 24.14
N ALA C 107 -2.37 -22.83 23.06
CA ALA C 107 -3.80 -22.63 22.73
C ALA C 107 -4.11 -23.29 21.40
N LEU C 108 -5.04 -24.25 21.40
CA LEU C 108 -5.55 -24.94 20.18
C LEU C 108 -7.00 -24.52 19.94
N ILE C 109 -7.21 -23.65 18.97
CA ILE C 109 -8.50 -22.94 18.73
C ILE C 109 -9.04 -23.38 17.37
N GLU C 110 -10.18 -24.05 17.31
CA GLU C 110 -10.96 -24.20 16.04
C GLU C 110 -10.03 -24.92 15.06
N SER C 111 -9.39 -25.98 15.54
CA SER C 111 -8.41 -26.76 14.75
C SER C 111 -8.78 -28.24 14.84
N SER C 112 -8.63 -28.95 13.72
CA SER C 112 -8.85 -30.42 13.67
C SER C 112 -7.56 -31.17 13.34
N ASN C 113 -7.51 -32.39 13.88
CA ASN C 113 -6.40 -33.36 13.71
C ASN C 113 -5.08 -32.72 14.12
N VAL C 114 -5.03 -32.23 15.35
CA VAL C 114 -3.83 -31.65 15.98
C VAL C 114 -3.28 -32.65 16.98
N LYS C 115 -2.02 -33.01 16.83
CA LYS C 115 -1.35 -33.97 17.72
C LYS C 115 -0.21 -33.21 18.41
N ILE C 116 -0.03 -33.39 19.72
CA ILE C 116 1.08 -32.78 20.52
C ILE C 116 1.80 -33.93 21.18
N LYS C 117 3.13 -34.02 21.01
CA LYS C 117 3.88 -35.26 21.32
C LYS C 117 5.26 -34.98 21.93
N ASP C 118 5.65 -35.79 22.94
CA ASP C 118 7.01 -35.81 23.56
C ASP C 118 7.47 -34.41 23.92
N LEU C 119 6.63 -33.59 24.58
CA LEU C 119 6.89 -32.17 24.96
C LEU C 119 6.64 -32.05 26.45
N ASN C 120 7.24 -31.06 27.09
CA ASN C 120 6.96 -30.77 28.51
C ASN C 120 6.74 -29.29 28.66
N ILE C 121 5.70 -28.92 29.38
CA ILE C 121 5.41 -27.48 29.66
C ILE C 121 5.64 -27.17 31.14
N ASP C 122 6.41 -26.11 31.42
CA ASP C 122 6.66 -25.64 32.81
C ASP C 122 6.86 -24.11 32.80
N PHE C 123 6.67 -23.49 33.96
CA PHE C 123 7.11 -22.09 34.18
C PHE C 123 8.34 -22.11 35.06
N GLU C 124 9.26 -21.16 34.84
CA GLU C 124 10.50 -21.02 35.66
C GLU C 124 10.07 -20.54 37.04
N LYS C 125 9.19 -19.55 37.09
CA LYS C 125 8.69 -18.99 38.38
C LYS C 125 7.18 -19.21 38.54
N PRO C 126 6.80 -20.41 39.08
CA PRO C 126 5.41 -20.67 39.48
C PRO C 126 4.86 -19.61 40.45
N GLN C 127 3.61 -19.19 40.21
CA GLN C 127 2.88 -18.25 41.09
C GLN C 127 2.69 -18.94 42.43
N ILE C 128 2.57 -20.27 42.44
CA ILE C 128 2.62 -21.02 43.71
C ILE C 128 4.01 -20.85 44.32
N THR C 129 4.03 -20.61 45.64
CA THR C 129 5.23 -20.39 46.44
C THR C 129 5.50 -21.60 47.34
N GLN C 130 6.60 -22.29 47.12
CA GLN C 130 6.99 -23.42 47.96
C GLN C 130 7.83 -22.88 49.14
N VAL C 131 7.55 -23.38 50.35
CA VAL C 131 8.24 -22.95 51.59
C VAL C 131 8.40 -24.17 52.49
N LYS C 132 9.36 -24.13 53.40
CA LYS C 132 9.63 -25.26 54.29
C LYS C 132 9.60 -24.75 55.72
N ILE C 133 8.87 -25.45 56.57
CA ILE C 133 8.79 -25.11 58.00
C ILE C 133 10.15 -25.40 58.60
N ILE C 134 10.73 -24.37 59.21
CA ILE C 134 12.05 -24.40 59.88
C ILE C 134 11.80 -24.56 61.38
N SER C 135 11.02 -23.63 61.92
CA SER C 135 10.67 -23.64 63.35
C SER C 135 9.20 -23.25 63.53
N ASN C 136 8.52 -24.00 64.39
CA ASN C 136 7.12 -23.75 64.77
C ASN C 136 7.03 -23.75 66.28
N ASP C 137 6.81 -22.55 66.83
CA ASP C 137 6.55 -22.25 68.26
C ASP C 137 5.02 -22.21 68.46
N THR C 138 4.47 -23.34 68.91
CA THR C 138 3.01 -23.54 68.92
C THR C 138 2.38 -22.54 69.92
N THR C 139 3.00 -22.37 71.07
CA THR C 139 2.60 -21.41 72.13
C THR C 139 2.50 -19.97 71.61
N ALA C 140 3.55 -19.44 71.00
CA ALA C 140 3.58 -18.00 70.64
C ALA C 140 2.91 -17.82 69.28
N GLY C 141 2.72 -18.93 68.56
CA GLY C 141 2.34 -18.87 67.15
C GLY C 141 3.36 -18.13 66.32
N ASN C 142 4.62 -18.51 66.46
CA ASN C 142 5.70 -18.03 65.53
C ASN C 142 6.14 -19.21 64.67
N ILE C 143 6.07 -18.99 63.35
CA ILE C 143 6.59 -19.97 62.37
C ILE C 143 7.67 -19.30 61.54
N VAL C 144 8.82 -19.93 61.45
CA VAL C 144 9.85 -19.48 60.50
C VAL C 144 9.80 -20.45 59.31
N PHE C 145 9.66 -19.91 58.09
CA PHE C 145 9.59 -20.75 56.88
C PHE C 145 10.73 -20.34 55.98
N GLU C 146 11.23 -21.32 55.22
CA GLU C 146 12.32 -21.14 54.25
C GLU C 146 11.71 -21.16 52.87
N THR C 147 11.87 -20.08 52.12
CA THR C 147 11.48 -20.07 50.69
C THR C 147 12.43 -21.04 49.99
N ALA C 148 11.92 -21.80 49.05
CA ALA C 148 12.73 -22.65 48.15
C ALA C 148 13.64 -21.80 47.25
N PRO C 149 14.72 -22.43 46.70
CA PRO C 149 15.82 -21.70 46.07
C PRO C 149 15.38 -20.79 44.89
N TRP C 150 14.36 -21.24 44.16
CA TRP C 150 13.93 -20.64 42.86
C TRP C 150 12.99 -19.47 43.13
N VAL C 151 12.63 -19.24 44.37
CA VAL C 151 11.53 -18.31 44.74
C VAL C 151 12.13 -16.93 44.90
N LYS C 152 11.59 -15.97 44.16
CA LYS C 152 11.91 -14.54 44.37
C LYS C 152 10.74 -13.83 45.03
N TYR C 153 10.89 -13.42 46.28
CA TYR C 153 9.81 -12.76 47.07
C TYR C 153 10.12 -11.29 47.28
N LYS C 154 9.14 -10.59 47.82
CA LYS C 154 9.25 -9.17 48.19
C LYS C 154 8.35 -8.99 49.40
N LEU C 155 8.88 -8.42 50.48
CA LEU C 155 8.03 -7.97 51.61
C LEU C 155 7.65 -6.49 51.37
N LYS C 156 6.36 -6.15 51.50
CA LYS C 156 5.91 -4.73 51.57
C LYS C 156 4.93 -4.67 52.71
N ASP C 157 5.08 -3.66 53.59
CA ASP C 157 4.20 -3.44 54.76
C ASP C 157 3.95 -4.80 55.44
N SER C 158 5.04 -5.51 55.73
CA SER C 158 5.03 -6.79 56.48
C SER C 158 4.12 -7.84 55.83
N THR C 159 3.98 -7.74 54.52
CA THR C 159 3.16 -8.67 53.72
C THR C 159 4.09 -9.40 52.75
N PHE C 160 3.94 -10.70 52.65
CA PHE C 160 4.79 -11.54 51.79
C PHE C 160 4.19 -11.65 50.40
N TYR C 161 4.91 -11.16 49.41
CA TYR C 161 4.55 -11.28 48.00
C TYR C 161 5.48 -12.28 47.31
N ASN C 162 4.93 -13.13 46.45
CA ASN C 162 5.73 -13.94 45.49
C ASN C 162 5.80 -13.15 44.18
N THR C 163 6.91 -13.25 43.48
CA THR C 163 7.10 -12.46 42.24
C THR C 163 7.64 -13.34 41.10
N GLY C 164 7.30 -12.85 39.91
CA GLY C 164 7.87 -13.24 38.63
C GLY C 164 7.85 -12.07 37.67
N GLU C 165 8.02 -12.37 36.38
CA GLU C 165 8.23 -11.40 35.29
C GLU C 165 6.89 -10.66 35.14
N GLY C 166 6.81 -9.40 35.55
CA GLY C 166 5.60 -8.57 35.39
C GLY C 166 4.45 -8.96 36.32
N TRP C 167 4.70 -9.78 37.35
CA TRP C 167 3.65 -10.16 38.32
C TRP C 167 4.19 -10.19 39.74
N GLU C 168 3.27 -10.00 40.69
CA GLU C 168 3.51 -9.93 42.15
C GLU C 168 2.21 -10.35 42.83
N MET C 169 2.21 -11.46 43.58
CA MET C 169 0.94 -12.03 44.11
C MET C 169 1.12 -12.45 45.57
N GLN C 170 0.26 -11.96 46.44
CA GLN C 170 0.25 -12.35 47.87
C GLN C 170 -0.55 -13.63 48.04
N PRO C 171 0.11 -14.74 48.46
CA PRO C 171 -0.59 -15.96 48.82
C PRO C 171 -1.52 -15.80 50.02
N THR C 172 -2.66 -16.50 49.98
CA THR C 172 -3.78 -16.39 50.94
C THR C 172 -4.15 -17.77 51.47
N SER C 173 -3.82 -18.86 50.83
CA SER C 173 -4.06 -20.21 51.42
C SER C 173 -2.90 -21.13 51.08
N GLY C 174 -2.95 -22.37 51.54
CA GLY C 174 -1.95 -23.32 51.04
C GLY C 174 -2.34 -24.75 51.28
N ILE C 175 -1.50 -25.62 50.76
CA ILE C 175 -1.58 -27.08 50.97
C ILE C 175 -0.28 -27.48 51.63
N ALA C 176 -0.38 -28.21 52.75
CA ALA C 176 0.83 -28.69 53.43
C ALA C 176 1.09 -30.15 53.08
N PHE C 177 2.36 -30.49 52.91
CA PHE C 177 2.80 -31.84 52.50
C PHE C 177 3.75 -32.39 53.54
N GLU C 178 3.59 -33.68 53.82
CA GLU C 178 4.59 -34.53 54.51
C GLU C 178 5.95 -34.39 53.80
N ASN C 179 7.01 -34.22 54.56
CA ASN C 179 8.38 -34.32 54.00
C ASN C 179 8.57 -35.73 53.46
N GLY C 180 9.21 -35.88 52.31
CA GLY C 180 9.59 -37.22 51.83
C GLY C 180 8.44 -37.85 51.05
N THR C 181 7.44 -38.41 51.74
CA THR C 181 6.28 -39.08 51.08
C THR C 181 5.65 -38.15 50.04
N LYS C 182 5.65 -36.84 50.30
CA LYS C 182 4.97 -35.80 49.49
C LYS C 182 3.45 -35.95 49.59
N HIS C 183 2.95 -36.74 50.57
CA HIS C 183 1.50 -36.89 50.86
C HIS C 183 0.98 -35.54 51.37
N ILE C 184 -0.32 -35.29 51.34
CA ILE C 184 -0.86 -34.07 52.02
C ILE C 184 -1.17 -34.42 53.48
N ILE C 185 -0.73 -33.54 54.39
CA ILE C 185 -0.77 -33.90 55.83
C ILE C 185 -2.23 -34.09 56.27
N PHE C 186 -2.40 -35.13 57.08
CA PHE C 186 -3.67 -35.68 57.59
C PHE C 186 -4.55 -34.56 58.20
N ASN C 187 -5.80 -34.47 57.78
CA ASN C 187 -6.80 -33.49 58.30
C ASN C 187 -6.28 -32.08 58.07
N SER C 188 -5.70 -31.78 56.92
CA SER C 188 -5.20 -30.40 56.70
C SER C 188 -6.16 -29.68 55.78
N GLY C 189 -6.31 -30.22 54.58
CA GLY C 189 -6.92 -29.54 53.44
C GLY C 189 -6.34 -28.17 53.26
N ASP C 190 -7.21 -27.29 52.78
CA ASP C 190 -6.90 -25.86 52.66
C ASP C 190 -6.70 -25.32 54.06
N ILE C 191 -5.57 -24.63 54.26
CA ILE C 191 -5.19 -24.02 55.55
C ILE C 191 -4.87 -22.57 55.28
N GLY C 192 -4.92 -21.74 56.32
CA GLY C 192 -4.50 -20.35 56.23
C GLY C 192 -3.01 -20.35 56.22
N VAL C 193 -2.42 -19.28 55.70
CA VAL C 193 -0.95 -19.12 55.67
C VAL C 193 -0.53 -17.76 56.24
N GLY C 194 0.66 -17.70 56.81
CA GLY C 194 1.13 -16.51 57.54
C GLY C 194 1.85 -15.61 56.58
N THR C 195 1.12 -14.91 55.74
CA THR C 195 1.76 -14.06 54.73
C THR C 195 1.55 -12.62 55.14
N LYS C 196 0.77 -12.42 56.21
CA LYS C 196 0.61 -11.08 56.81
C LYS C 196 1.38 -11.04 58.12
N SER C 197 1.75 -9.85 58.58
CA SER C 197 2.61 -9.73 59.77
C SER C 197 3.82 -10.67 59.59
N VAL C 198 4.73 -10.28 58.69
CA VAL C 198 5.97 -11.04 58.43
C VAL C 198 7.12 -10.05 58.43
N SER C 199 8.30 -10.61 58.56
CA SER C 199 9.59 -9.88 58.60
C SER C 199 10.70 -10.89 58.28
N GLU C 200 11.73 -10.39 57.59
CA GLU C 200 12.87 -11.21 57.13
C GLU C 200 13.87 -11.40 58.28
N VAL C 201 14.14 -12.66 58.61
CA VAL C 201 15.17 -13.15 59.57
C VAL C 201 16.54 -13.03 58.89
N SER C 202 16.64 -13.65 57.71
CA SER C 202 17.83 -13.85 56.87
C SER C 202 17.31 -14.19 55.47
N PRO C 203 18.09 -14.01 54.39
CA PRO C 203 17.54 -14.20 53.04
C PRO C 203 16.86 -15.57 52.86
N GLY C 204 15.59 -15.55 52.44
CA GLY C 204 14.76 -16.76 52.27
C GLY C 204 14.35 -17.45 53.59
N LYS C 205 14.47 -16.75 54.72
CA LYS C 205 13.92 -17.21 56.01
C LYS C 205 12.98 -16.11 56.50
N ILE C 206 11.70 -16.43 56.58
CA ILE C 206 10.65 -15.41 56.87
C ILE C 206 10.00 -15.82 58.17
N MET C 207 9.80 -14.83 59.02
CA MET C 207 9.18 -15.03 60.34
C MET C 207 7.73 -14.58 60.22
N ALA C 208 6.82 -15.50 60.55
CA ALA C 208 5.36 -15.26 60.57
C ALA C 208 4.95 -15.13 62.02
N HIS C 209 4.57 -13.92 62.44
CA HIS C 209 4.41 -13.58 63.87
C HIS C 209 3.09 -14.10 64.44
N HIS C 210 2.05 -14.31 63.63
CA HIS C 210 0.71 -14.69 64.15
C HIS C 210 0.23 -15.91 63.40
N TRP C 211 0.97 -17.02 63.39
CA TRP C 211 0.55 -18.21 62.61
C TRP C 211 0.49 -19.41 63.55
N LYS C 212 -0.70 -19.95 63.80
CA LYS C 212 -0.82 -20.98 64.87
C LYS C 212 -1.35 -22.25 64.26
N ASN C 213 -0.53 -23.28 64.19
CA ASN C 213 -0.98 -24.55 63.59
C ASN C 213 -0.04 -25.64 64.08
N LYS C 214 -0.48 -26.44 65.03
CA LYS C 214 0.27 -27.56 65.64
C LYS C 214 0.67 -28.61 64.58
N LYS C 215 0.14 -28.52 63.38
CA LYS C 215 0.26 -29.60 62.38
C LYS C 215 1.49 -29.40 61.50
N LEU C 216 1.81 -28.13 61.26
CA LEU C 216 2.96 -27.70 60.45
C LEU C 216 4.26 -27.99 61.22
N VAL C 217 4.55 -29.27 61.50
CA VAL C 217 5.80 -29.68 62.20
C VAL C 217 6.99 -29.26 61.35
N PRO C 218 8.17 -28.98 61.95
CA PRO C 218 9.41 -28.76 61.18
C PRO C 218 9.55 -29.82 60.08
N GLY C 219 9.88 -29.38 58.88
CA GLY C 219 10.08 -30.25 57.72
C GLY C 219 8.92 -30.15 56.75
N THR C 220 7.79 -29.70 57.22
CA THR C 220 6.56 -29.66 56.42
C THR C 220 6.80 -28.66 55.29
N VAL C 221 6.38 -29.06 54.09
CA VAL C 221 6.54 -28.24 52.88
C VAL C 221 5.17 -27.69 52.55
N ILE C 222 5.13 -26.41 52.22
CA ILE C 222 3.82 -25.76 52.05
C ILE C 222 3.81 -25.09 50.71
N ALA C 223 2.76 -25.36 49.96
CA ALA C 223 2.45 -24.71 48.69
C ALA C 223 1.51 -23.55 48.97
N MET C 224 2.06 -22.38 49.09
CA MET C 224 1.27 -21.16 49.32
C MET C 224 0.74 -20.63 47.99
N ARG C 225 -0.53 -20.25 47.99
CA ARG C 225 -1.20 -19.85 46.74
C ARG C 225 -2.33 -18.87 46.99
N SER C 226 -2.89 -18.38 45.89
CA SER C 226 -4.16 -17.63 45.90
C SER C 226 -5.21 -18.47 45.18
N TRP C 227 -6.36 -17.86 44.91
CA TRP C 227 -7.46 -18.61 44.29
C TRP C 227 -7.48 -18.28 42.81
N GLN C 228 -6.51 -17.49 42.36
CA GLN C 228 -6.45 -17.00 40.96
C GLN C 228 -6.09 -18.15 39.99
N ARG C 229 -6.81 -18.20 38.88
CA ARG C 229 -6.58 -19.23 37.84
C ARG C 229 -6.89 -18.60 36.51
N PRO C 230 -6.09 -17.63 35.99
CA PRO C 230 -6.43 -16.95 34.73
C PRO C 230 -6.13 -17.72 33.44
N ALA C 231 -5.24 -18.72 33.43
CA ALA C 231 -4.91 -19.44 32.17
C ALA C 231 -4.45 -20.88 32.44
N PRO C 232 -4.92 -21.82 31.62
CA PRO C 232 -4.49 -23.20 31.77
C PRO C 232 -3.16 -23.36 31.03
N GLY C 233 -2.57 -24.54 31.16
CA GLY C 233 -1.33 -24.91 30.47
C GLY C 233 -1.58 -25.14 28.98
N ILE C 234 -2.55 -25.99 28.68
CA ILE C 234 -3.05 -26.23 27.32
C ILE C 234 -4.57 -25.95 27.33
N PHE C 235 -4.99 -24.98 26.52
CA PHE C 235 -6.39 -24.60 26.33
C PHE C 235 -6.82 -25.13 24.99
N VAL C 236 -7.91 -25.89 24.88
CA VAL C 236 -8.38 -26.43 23.57
C VAL C 236 -9.85 -26.01 23.43
N HIS C 237 -10.18 -25.29 22.36
CA HIS C 237 -11.54 -24.76 22.12
C HIS C 237 -11.98 -25.17 20.73
N LYS C 238 -13.09 -25.90 20.61
CA LYS C 238 -13.75 -26.23 19.31
C LYS C 238 -12.80 -27.04 18.45
N GLY C 239 -12.09 -27.98 19.08
CA GLY C 239 -11.24 -28.94 18.37
C GLY C 239 -12.06 -30.11 17.89
N LYS C 240 -11.61 -30.76 16.83
CA LYS C 240 -12.01 -32.14 16.48
C LYS C 240 -10.72 -32.97 16.36
N ASN C 241 -10.72 -34.16 16.95
CA ASN C 241 -9.62 -35.18 16.88
C ASN C 241 -8.30 -34.60 17.37
N ILE C 242 -8.21 -34.35 18.66
CA ILE C 242 -7.02 -33.77 19.30
C ILE C 242 -6.32 -34.90 20.05
N SER C 243 -4.99 -34.94 19.96
CA SER C 243 -4.14 -36.01 20.52
C SER C 243 -3.02 -35.41 21.36
N PHE C 244 -2.70 -36.06 22.47
CA PHE C 244 -1.58 -35.71 23.35
C PHE C 244 -0.89 -37.04 23.60
N GLU C 245 0.35 -37.16 23.18
CA GLU C 245 1.10 -38.40 23.48
C GLU C 245 2.38 -38.02 24.21
N ASN C 246 2.55 -38.55 25.43
CA ASN C 246 3.72 -38.31 26.28
C ASN C 246 3.95 -36.79 26.36
N VAL C 247 2.98 -36.06 26.86
CA VAL C 247 3.07 -34.60 27.15
C VAL C 247 2.84 -34.40 28.64
N LYS C 248 3.74 -33.68 29.31
CA LYS C 248 3.64 -33.40 30.76
C LYS C 248 3.46 -31.89 30.91
N VAL C 249 2.48 -31.49 31.70
CA VAL C 249 2.41 -30.10 32.21
C VAL C 249 2.83 -30.11 33.68
N HIS C 250 3.92 -29.43 33.98
CA HIS C 250 4.49 -29.45 35.34
C HIS C 250 3.90 -28.29 36.13
N TYR C 251 3.51 -27.18 35.50
CA TYR C 251 2.77 -26.18 36.30
C TYR C 251 2.10 -25.21 35.37
N ALA C 252 0.97 -24.67 35.77
CA ALA C 252 0.37 -23.50 35.08
C ALA C 252 -0.58 -22.77 36.01
N GLU C 253 -0.95 -21.53 35.65
CA GLU C 253 -1.69 -20.66 36.59
C GLU C 253 -3.18 -20.94 36.40
N GLY C 254 -3.56 -22.20 36.57
CA GLY C 254 -4.83 -22.67 36.04
C GLY C 254 -4.71 -24.15 35.79
N MET C 255 -5.54 -24.69 34.92
CA MET C 255 -5.58 -26.14 34.81
C MET C 255 -4.49 -26.60 33.85
N GLY C 256 -4.07 -27.84 33.99
CA GLY C 256 -3.08 -28.39 33.06
C GLY C 256 -3.60 -28.33 31.64
N LEU C 257 -4.67 -29.08 31.39
CA LEU C 257 -5.37 -29.19 30.08
C LEU C 257 -6.84 -28.83 30.31
N LEU C 258 -7.29 -27.76 29.67
CA LEU C 258 -8.72 -27.44 29.67
C LEU C 258 -9.22 -27.51 28.25
N ALA C 259 -10.11 -28.46 27.97
CA ALA C 259 -10.72 -28.68 26.64
C ALA C 259 -12.22 -28.41 26.72
N GLN C 260 -12.75 -27.59 25.81
CA GLN C 260 -14.20 -27.25 25.80
C GLN C 260 -14.75 -27.25 24.38
N LEU C 261 -16.02 -27.63 24.20
CA LEU C 261 -16.68 -27.65 22.86
C LEU C 261 -15.82 -28.41 21.86
N THR C 262 -15.23 -29.51 22.29
CA THR C 262 -14.25 -30.23 21.46
C THR C 262 -14.76 -31.64 21.24
N GLU C 263 -14.63 -32.14 20.03
CA GLU C 263 -15.28 -33.41 19.71
C GLU C 263 -14.47 -34.70 19.85
N ASN C 264 -13.21 -34.91 19.88
CA ASN C 264 -12.72 -36.25 20.26
C ASN C 264 -11.35 -35.95 20.83
N ILE C 265 -10.96 -36.60 21.91
CA ILE C 265 -9.70 -36.23 22.59
C ILE C 265 -9.00 -37.52 22.98
N TYR C 266 -7.77 -37.68 22.52
CA TYR C 266 -7.02 -38.92 22.73
C TYR C 266 -5.76 -38.56 23.47
N MET C 267 -5.51 -39.23 24.60
CA MET C 267 -4.39 -38.91 25.51
C MET C 267 -3.73 -40.22 25.98
N ASP C 268 -2.51 -40.45 25.51
CA ASP C 268 -1.70 -41.58 26.02
C ASP C 268 -0.43 -40.98 26.62
N GLY C 269 -0.13 -41.27 27.88
CA GLY C 269 1.08 -40.76 28.58
C GLY C 269 1.00 -39.28 28.98
N PHE C 270 -0.20 -38.67 28.98
CA PHE C 270 -0.38 -37.30 29.48
C PHE C 270 0.01 -37.36 30.95
N GLY C 271 0.74 -36.35 31.40
CA GLY C 271 1.06 -36.24 32.83
C GLY C 271 0.83 -34.83 33.30
N VAL C 272 0.31 -34.67 34.51
CA VAL C 272 0.52 -33.39 35.23
C VAL C 272 1.23 -33.78 36.50
N CYS C 273 2.53 -33.61 36.51
CA CYS C 273 3.31 -34.32 37.53
C CYS C 273 4.65 -33.66 37.73
N LEU C 274 5.38 -34.22 38.69
CA LEU C 274 6.78 -33.82 39.00
C LEU C 274 7.70 -34.54 38.03
N ARG C 275 8.93 -34.03 37.94
CA ARG C 275 9.97 -34.56 37.03
C ARG C 275 10.65 -35.76 37.66
N GLY C 276 10.07 -36.42 38.66
CA GLY C 276 10.69 -37.66 39.20
C GLY C 276 10.98 -37.54 40.68
N LYS C 277 11.53 -38.60 41.24
CA LYS C 277 11.94 -38.69 42.68
C LYS C 277 12.78 -37.49 43.10
N ASN C 278 13.48 -36.84 42.19
CA ASN C 278 14.45 -35.77 42.55
C ASN C 278 13.85 -34.40 42.30
N ASP C 279 12.60 -34.29 41.88
CA ASP C 279 12.03 -32.94 41.68
C ASP C 279 12.05 -32.27 43.06
N PRO C 280 12.70 -31.11 43.22
CA PRO C 280 12.65 -30.39 44.49
C PRO C 280 11.21 -29.93 44.79
N ARG C 281 10.35 -29.81 43.77
CA ARG C 281 8.97 -29.28 43.93
C ARG C 281 8.08 -30.37 44.51
N TYR C 282 7.04 -29.96 45.23
CA TYR C 282 6.01 -30.87 45.83
C TYR C 282 4.64 -30.68 45.14
N PHE C 283 4.56 -29.65 44.31
CA PHE C 283 3.28 -29.11 43.79
C PHE C 283 3.30 -29.12 42.25
N THR C 284 2.14 -29.17 41.59
CA THR C 284 2.05 -29.02 40.11
C THR C 284 1.13 -27.90 39.74
N THR C 285 -0.03 -28.21 39.19
CA THR C 285 -0.90 -27.17 38.65
C THR C 285 -1.66 -26.44 39.77
N GLN C 286 -1.94 -25.18 39.50
CA GLN C 286 -2.71 -24.32 40.41
C GLN C 286 -4.19 -24.75 40.40
N ALA C 287 -4.65 -25.51 39.40
CA ALA C 287 -6.01 -26.06 39.43
C ALA C 287 -6.00 -27.53 38.99
N ASP C 288 -7.09 -27.97 38.36
CA ASP C 288 -7.28 -29.36 37.88
C ASP C 288 -6.19 -29.75 36.92
N ALA C 289 -5.76 -31.02 36.94
CA ALA C 289 -4.79 -31.51 35.94
C ALA C 289 -5.42 -31.41 34.54
N THR C 290 -6.53 -32.12 34.31
CA THR C 290 -7.27 -32.24 33.02
C THR C 290 -8.75 -31.96 33.29
N HIS C 291 -9.35 -31.21 32.39
CA HIS C 291 -10.73 -30.74 32.56
C HIS C 291 -11.40 -30.64 31.19
N PHE C 292 -12.63 -31.12 31.10
CA PHE C 292 -13.40 -31.24 29.82
C PHE C 292 -14.83 -30.74 29.98
N SER C 293 -15.03 -29.53 29.50
CA SER C 293 -16.30 -28.80 29.71
C SER C 293 -17.06 -28.81 28.39
N GLY C 294 -18.13 -29.59 28.31
CA GLY C 294 -19.04 -29.50 27.14
C GLY C 294 -18.40 -30.07 25.88
N CYS C 295 -17.78 -31.22 26.04
CA CYS C 295 -17.12 -31.94 24.97
C CYS C 295 -18.05 -33.05 24.48
N LYS C 296 -17.66 -33.71 23.40
CA LYS C 296 -18.46 -34.83 22.89
C LYS C 296 -17.52 -35.77 22.19
N GLY C 297 -18.08 -36.73 21.51
CA GLY C 297 -17.26 -37.78 20.92
C GLY C 297 -16.71 -38.61 22.03
N GLU C 298 -15.52 -39.14 21.78
CA GLU C 298 -14.87 -40.11 22.66
C GLU C 298 -13.69 -39.38 23.29
N ILE C 299 -13.60 -39.50 24.61
CA ILE C 299 -12.42 -39.09 25.39
C ILE C 299 -11.70 -40.32 25.91
N VAL C 300 -10.49 -40.53 25.43
CA VAL C 300 -9.57 -41.55 25.99
C VAL C 300 -8.49 -40.81 26.78
N SER C 301 -8.37 -41.08 28.08
CA SER C 301 -7.24 -40.65 28.94
C SER C 301 -6.58 -41.88 29.57
N LYS C 302 -5.49 -42.38 28.98
CA LYS C 302 -4.81 -43.59 29.53
C LYS C 302 -3.31 -43.37 29.79
N ASN C 303 -2.83 -44.27 30.65
CA ASN C 303 -1.42 -44.43 31.08
C ASN C 303 -0.83 -43.05 31.44
N GLY C 304 -1.52 -42.27 32.29
CA GLY C 304 -1.05 -40.93 32.65
C GLY C 304 -0.61 -40.90 34.09
N LEU C 305 0.21 -39.91 34.46
CA LEU C 305 0.61 -39.69 35.87
C LEU C 305 0.11 -38.30 36.29
N TYR C 306 -0.70 -38.27 37.35
CA TYR C 306 -1.15 -36.97 37.92
C TYR C 306 -0.74 -36.89 39.37
N GLU C 307 0.05 -35.89 39.73
CA GLU C 307 0.50 -35.77 41.14
C GLU C 307 0.61 -34.31 41.57
N GLY C 308 0.20 -34.09 42.80
CA GLY C 308 0.47 -32.86 43.52
C GLY C 308 -0.30 -31.69 42.97
N MET C 309 -1.41 -31.92 42.31
CA MET C 309 -2.15 -30.78 41.74
C MET C 309 -2.93 -30.14 42.88
N MET C 310 -3.24 -28.85 42.70
CA MET C 310 -4.14 -28.09 43.58
C MET C 310 -5.61 -28.40 43.29
N ASP C 311 -5.92 -29.55 42.68
CA ASP C 311 -7.32 -29.95 42.43
C ASP C 311 -7.38 -31.37 41.87
N ASP C 312 -8.47 -31.70 41.21
CA ASP C 312 -8.68 -33.08 40.73
C ASP C 312 -7.82 -33.36 39.50
N ALA C 313 -7.61 -34.65 39.25
CA ALA C 313 -6.87 -35.12 38.07
C ALA C 313 -7.74 -34.94 36.82
N ILE C 314 -9.02 -35.34 36.88
CA ILE C 314 -9.91 -35.17 35.71
C ILE C 314 -11.26 -34.68 36.22
N ASN C 315 -11.84 -33.75 35.50
CA ASN C 315 -13.24 -33.36 35.74
C ASN C 315 -13.94 -33.28 34.39
N ILE C 316 -14.99 -34.06 34.17
CA ILE C 316 -15.70 -34.15 32.87
C ILE C 316 -17.15 -33.74 33.07
N HIS C 317 -17.59 -32.63 32.49
CA HIS C 317 -18.91 -32.11 32.90
C HIS C 317 -19.45 -31.18 31.83
N GLY C 318 -20.74 -30.85 31.90
CA GLY C 318 -21.34 -29.78 31.09
C GLY C 318 -21.71 -28.57 31.94
N THR C 319 -22.41 -27.62 31.34
CA THR C 319 -22.96 -26.42 32.01
C THR C 319 -24.49 -26.42 31.87
N TYR C 320 -25.22 -26.39 32.99
CA TYR C 320 -26.67 -26.09 33.02
C TYR C 320 -26.83 -24.59 32.78
N LEU C 321 -27.55 -24.14 31.76
CA LEU C 321 -28.01 -22.73 31.74
C LEU C 321 -29.20 -22.62 32.69
N LYS C 322 -29.43 -21.44 33.23
CA LYS C 322 -30.69 -21.21 33.96
C LYS C 322 -31.64 -20.39 33.11
N ILE C 323 -32.88 -20.85 32.98
CA ILE C 323 -33.93 -20.12 32.24
C ILE C 323 -34.30 -18.88 33.01
N THR C 324 -34.25 -17.71 32.40
CA THR C 324 -34.56 -16.46 33.13
C THR C 324 -35.89 -15.90 32.68
N LYS C 325 -36.36 -16.26 31.51
CA LYS C 325 -37.58 -15.65 30.94
C LYS C 325 -38.16 -16.63 29.93
N LYS C 326 -39.47 -16.85 29.92
CA LYS C 326 -40.14 -17.63 28.85
C LYS C 326 -40.87 -16.61 27.98
N LEU C 327 -40.51 -16.50 26.71
CA LEU C 327 -41.11 -15.48 25.83
C LEU C 327 -42.40 -16.01 25.21
N ASP C 328 -42.51 -17.33 24.94
CA ASP C 328 -43.70 -18.01 24.36
C ASP C 328 -43.54 -19.54 24.51
N ASP C 329 -44.38 -20.33 23.85
CA ASP C 329 -44.46 -21.81 24.01
C ASP C 329 -43.17 -22.50 23.60
N HIS C 330 -42.35 -21.83 22.80
CA HIS C 330 -41.22 -22.42 22.05
C HIS C 330 -39.89 -21.72 22.40
N THR C 331 -39.95 -20.54 23.01
CA THR C 331 -38.78 -19.65 23.10
C THR C 331 -38.51 -19.27 24.56
N VAL C 332 -37.28 -19.46 25.00
CA VAL C 332 -36.88 -18.99 26.34
C VAL C 332 -35.60 -18.15 26.21
N ILE C 333 -35.34 -17.29 27.19
CA ILE C 333 -34.00 -16.68 27.41
C ILE C 333 -33.36 -17.46 28.57
N ALA C 334 -32.12 -17.91 28.36
CA ALA C 334 -31.34 -18.70 29.32
C ALA C 334 -29.92 -18.12 29.48
N ASN C 335 -29.37 -18.29 30.67
CA ASN C 335 -28.24 -17.48 31.13
C ASN C 335 -27.15 -18.39 31.70
N TYR C 336 -25.90 -17.96 31.53
CA TYR C 336 -24.71 -18.56 32.18
C TYR C 336 -24.70 -17.97 33.59
N MET C 337 -24.60 -18.78 34.61
CA MET C 337 -24.86 -18.27 35.99
C MET C 337 -23.57 -18.05 36.80
N HIS C 338 -22.49 -18.77 36.52
CA HIS C 338 -21.28 -18.80 37.36
C HIS C 338 -20.25 -17.81 36.82
N GLU C 339 -19.40 -17.23 37.67
CA GLU C 339 -18.45 -16.17 37.19
C GLU C 339 -17.29 -16.77 36.40
N GLN C 340 -17.03 -18.06 36.58
CA GLN C 340 -15.88 -18.76 35.95
C GLN C 340 -16.31 -19.56 34.72
N SER C 341 -17.58 -19.68 34.35
CA SER C 341 -17.92 -20.37 33.07
C SER C 341 -18.92 -19.51 32.30
N TYR C 342 -18.45 -18.60 31.47
CA TYR C 342 -19.29 -17.80 30.54
C TYR C 342 -18.47 -17.46 29.31
N GLY C 343 -19.09 -17.07 28.20
CA GLY C 343 -18.42 -16.30 27.12
C GLY C 343 -18.16 -17.12 25.87
N PHE C 344 -18.43 -18.41 25.98
CA PHE C 344 -18.35 -19.40 24.90
C PHE C 344 -19.73 -20.00 24.61
N ASP C 345 -19.91 -20.51 23.40
CA ASP C 345 -21.18 -21.12 22.95
C ASP C 345 -21.53 -22.33 23.81
N TRP C 346 -22.82 -22.67 23.78
CA TRP C 346 -23.44 -23.70 24.64
C TRP C 346 -24.08 -24.76 23.75
N GLY C 347 -24.62 -24.36 22.59
CA GLY C 347 -25.29 -25.33 21.72
C GLY C 347 -25.48 -24.90 20.28
N ASN C 348 -26.00 -25.82 19.49
CA ASN C 348 -26.27 -25.62 18.03
C ASN C 348 -27.61 -26.23 17.67
N ILE C 349 -28.13 -25.76 16.53
CA ILE C 349 -29.36 -26.29 15.90
C ILE C 349 -29.28 -27.81 15.89
N ARG C 350 -30.34 -28.45 16.38
CA ARG C 350 -30.55 -29.92 16.34
C ARG C 350 -29.97 -30.55 17.59
N ASP C 351 -29.45 -29.77 18.53
CA ASP C 351 -28.95 -30.36 19.79
C ASP C 351 -30.15 -30.86 20.59
N THR C 352 -30.04 -32.06 21.16
CA THR C 352 -30.97 -32.61 22.17
C THR C 352 -30.75 -31.85 23.50
N VAL C 353 -31.82 -31.35 24.12
CA VAL C 353 -31.80 -30.68 25.45
C VAL C 353 -32.81 -31.38 26.36
N GLN C 354 -32.57 -31.43 27.66
CA GLN C 354 -33.59 -31.81 28.68
C GLN C 354 -33.66 -30.68 29.69
N PHE C 355 -34.78 -30.58 30.42
CA PHE C 355 -34.96 -29.54 31.46
C PHE C 355 -34.96 -30.16 32.86
N ILE C 356 -34.53 -29.33 33.81
CA ILE C 356 -34.33 -29.72 35.23
C ILE C 356 -35.00 -28.73 36.18
N GLN C 357 -35.69 -29.30 37.16
CA GLN C 357 -36.31 -28.61 38.30
C GLN C 357 -35.20 -28.40 39.33
N SER C 358 -34.60 -27.23 39.29
CA SER C 358 -33.34 -26.96 40.00
C SER C 358 -33.52 -27.34 41.48
N LYS C 359 -34.67 -27.06 42.09
CA LYS C 359 -34.74 -27.10 43.56
C LYS C 359 -34.71 -28.56 44.04
N THR C 360 -35.28 -29.51 43.32
CA THR C 360 -35.31 -30.93 43.75
C THR C 360 -34.42 -31.78 42.85
N MET C 361 -33.72 -31.15 41.89
CA MET C 361 -32.85 -31.84 40.91
C MET C 361 -33.66 -32.98 40.20
N GLU C 362 -34.75 -32.56 39.58
CA GLU C 362 -35.65 -33.51 38.90
C GLU C 362 -35.73 -33.12 37.45
N LEU C 363 -35.53 -34.12 36.63
CA LEU C 363 -35.64 -34.00 35.17
C LEU C 363 -37.10 -34.09 34.74
N TRP C 364 -37.46 -33.27 33.76
CA TRP C 364 -38.63 -33.54 32.91
C TRP C 364 -38.23 -34.51 31.78
N ASP C 365 -39.01 -35.59 31.67
CA ASP C 365 -38.83 -36.72 30.72
C ASP C 365 -38.91 -36.18 29.29
N ALA C 366 -39.70 -35.11 29.10
CA ALA C 366 -39.88 -34.41 27.81
C ALA C 366 -38.56 -33.76 27.41
N LYS C 367 -37.88 -34.35 26.45
CA LYS C 367 -36.72 -33.75 25.80
C LYS C 367 -37.15 -32.81 24.68
N ASN C 368 -36.20 -32.04 24.18
CA ASN C 368 -36.50 -31.06 23.14
C ASN C 368 -35.29 -30.97 22.23
N THR C 369 -35.35 -30.05 21.28
CA THR C 369 -34.41 -29.96 20.17
C THR C 369 -34.24 -28.48 19.90
N ILE C 370 -33.01 -28.03 19.76
CA ILE C 370 -32.82 -26.58 19.54
C ILE C 370 -33.15 -26.30 18.09
N ALA C 371 -34.03 -25.34 17.86
CA ALA C 371 -34.43 -24.94 16.51
C ALA C 371 -33.60 -23.72 16.10
N SER C 372 -33.38 -22.84 17.06
CA SER C 372 -32.67 -21.56 16.88
C SER C 372 -31.92 -21.29 18.18
N ILE C 373 -30.72 -20.72 18.08
CA ILE C 373 -30.00 -20.28 19.30
C ILE C 373 -29.11 -19.10 18.92
N LYS C 374 -29.28 -18.00 19.62
CA LYS C 374 -28.51 -16.77 19.36
C LYS C 374 -28.07 -16.19 20.69
N PRO C 375 -26.77 -15.88 20.89
CA PRO C 375 -26.41 -15.08 22.06
C PRO C 375 -27.03 -13.68 21.96
N ILE C 376 -27.30 -13.08 23.11
CA ILE C 376 -27.86 -11.70 23.20
C ILE C 376 -26.74 -10.76 23.63
N LEU C 377 -26.46 -9.78 22.78
CA LEU C 377 -25.19 -9.03 22.72
C LEU C 377 -25.50 -7.64 22.18
N ARG C 378 -25.10 -6.57 22.87
CA ARG C 378 -25.23 -5.17 22.36
C ARG C 378 -24.17 -4.93 21.27
N ASN C 379 -22.99 -5.54 21.45
CA ASN C 379 -21.83 -5.41 20.54
C ASN C 379 -21.29 -6.81 20.26
N SER C 380 -20.89 -7.08 19.02
CA SER C 380 -20.21 -8.35 18.64
C SER C 380 -19.13 -8.71 19.66
N THR C 381 -18.41 -7.71 20.20
CA THR C 381 -17.24 -7.92 21.09
C THR C 381 -17.68 -8.25 22.52
N ASP C 382 -18.90 -7.87 22.95
CA ASP C 382 -19.43 -8.24 24.30
C ASP C 382 -19.33 -9.75 24.49
N PRO C 383 -19.18 -10.22 25.74
CA PRO C 383 -19.07 -11.65 25.98
C PRO C 383 -20.43 -12.32 26.09
N ILE C 384 -20.45 -13.60 25.75
CA ILE C 384 -21.72 -14.37 25.73
C ILE C 384 -22.10 -14.71 27.16
N LYS C 385 -23.14 -14.07 27.70
CA LYS C 385 -23.65 -14.38 29.06
C LYS C 385 -25.04 -15.02 28.96
N GLU C 386 -25.74 -14.78 27.85
CA GLU C 386 -27.22 -14.88 27.71
C GLU C 386 -27.60 -15.34 26.30
N PHE C 387 -28.32 -16.44 26.16
CA PHE C 387 -28.88 -16.90 24.86
C PHE C 387 -30.39 -16.71 24.76
N ARG C 388 -30.90 -16.59 23.54
CA ARG C 388 -32.31 -16.85 23.18
C ARG C 388 -32.41 -18.19 22.47
N ILE C 389 -32.96 -19.22 23.11
CA ILE C 389 -33.09 -20.59 22.54
C ILE C 389 -34.53 -20.85 22.10
N GLU C 390 -34.73 -21.33 20.88
CA GLU C 390 -36.05 -21.77 20.37
C GLU C 390 -36.06 -23.29 20.21
N PHE C 391 -37.12 -23.94 20.67
CA PHE C 391 -37.19 -25.41 20.62
C PHE C 391 -38.15 -25.82 19.49
N THR C 392 -37.97 -27.00 18.90
CA THR C 392 -38.86 -27.50 17.82
C THR C 392 -40.21 -27.86 18.42
N LYS C 393 -40.25 -28.54 19.57
CA LYS C 393 -41.48 -28.92 20.31
C LYS C 393 -41.87 -27.81 21.30
N ALA C 394 -43.17 -27.73 21.62
CA ALA C 394 -43.72 -26.69 22.52
C ALA C 394 -43.51 -27.19 23.94
N LEU C 395 -43.31 -26.26 24.89
CA LEU C 395 -42.96 -26.56 26.29
C LEU C 395 -44.24 -26.65 27.11
N ASP C 396 -44.33 -27.69 27.93
CA ASP C 396 -45.44 -27.87 28.87
C ASP C 396 -45.46 -26.63 29.75
N PRO C 397 -46.59 -25.92 29.96
CA PRO C 397 -46.57 -24.69 30.77
C PRO C 397 -45.97 -24.79 32.17
N VAL C 398 -45.65 -26.01 32.62
CA VAL C 398 -44.97 -26.28 33.91
C VAL C 398 -43.53 -25.78 33.82
N ILE C 399 -43.04 -25.60 32.60
CA ILE C 399 -41.68 -25.06 32.35
C ILE C 399 -41.82 -23.55 32.17
N ASP C 400 -41.93 -22.88 33.30
CA ASP C 400 -41.97 -21.41 33.38
C ASP C 400 -41.03 -20.99 34.51
N PRO C 401 -40.03 -20.13 34.22
CA PRO C 401 -39.08 -19.63 35.22
C PRO C 401 -39.78 -18.92 36.40
N SER C 402 -40.96 -18.34 36.17
CA SER C 402 -41.69 -17.61 37.23
C SER C 402 -42.51 -18.59 38.08
N LYS C 403 -42.51 -19.89 37.77
CA LYS C 403 -43.09 -20.89 38.70
C LYS C 403 -42.00 -21.47 39.58
N GLN C 404 -40.80 -21.73 39.06
CA GLN C 404 -39.71 -22.28 39.91
C GLN C 404 -38.37 -22.05 39.23
N ASP C 405 -37.31 -22.53 39.86
CA ASP C 405 -35.97 -22.40 39.25
C ASP C 405 -35.79 -23.56 38.27
N ILE C 406 -35.57 -23.25 36.99
CA ILE C 406 -35.43 -24.26 35.89
C ILE C 406 -34.08 -24.13 35.17
N GLY C 407 -33.43 -25.28 34.95
CA GLY C 407 -32.15 -25.38 34.23
C GLY C 407 -32.27 -26.26 32.99
N ILE C 408 -31.32 -26.11 32.04
CA ILE C 408 -31.24 -26.81 30.73
C ILE C 408 -29.88 -27.52 30.63
N GLU C 409 -29.87 -28.82 30.37
CA GLU C 409 -28.63 -29.61 30.13
C GLU C 409 -28.62 -29.87 28.63
N ASN C 410 -27.47 -29.66 27.95
CA ASN C 410 -27.34 -30.02 26.51
C ASN C 410 -26.83 -31.45 26.41
N LEU C 411 -27.71 -32.39 26.12
CA LEU C 411 -27.37 -33.82 26.08
C LEU C 411 -26.54 -34.15 24.83
N SER C 412 -26.37 -33.23 23.89
CA SER C 412 -25.61 -33.48 22.64
C SER C 412 -24.12 -33.30 22.90
N TRP C 413 -23.77 -32.24 23.61
CA TRP C 413 -22.37 -32.00 24.03
C TRP C 413 -22.06 -32.81 25.28
N THR C 414 -22.05 -34.13 25.19
CA THR C 414 -21.69 -35.01 26.32
C THR C 414 -20.73 -36.06 25.77
N PRO C 415 -19.53 -36.23 26.33
CA PRO C 415 -18.60 -37.23 25.78
C PRO C 415 -18.72 -38.61 26.42
N SER C 416 -18.35 -39.63 25.67
CA SER C 416 -18.12 -40.97 26.25
C SER C 416 -16.68 -41.01 26.78
N VAL C 417 -16.36 -41.91 27.71
CA VAL C 417 -15.10 -41.75 28.46
C VAL C 417 -14.43 -43.10 28.69
N VAL C 418 -13.14 -43.16 28.41
CA VAL C 418 -12.25 -44.25 28.85
C VAL C 418 -11.14 -43.59 29.67
N PHE C 419 -11.05 -43.94 30.93
CA PHE C 419 -10.05 -43.38 31.86
C PHE C 419 -9.37 -44.58 32.46
N THR C 420 -8.26 -45.04 31.86
CA THR C 420 -7.65 -46.32 32.28
C THR C 420 -6.14 -46.20 32.51
N GLY C 421 -5.65 -47.11 33.36
CA GLY C 421 -4.25 -47.28 33.74
C GLY C 421 -3.54 -45.99 34.16
N ASN C 422 -4.23 -45.03 34.79
CA ASN C 422 -3.60 -43.78 35.21
C ASN C 422 -3.16 -43.92 36.68
N THR C 423 -2.29 -43.02 37.15
CA THR C 423 -1.87 -42.95 38.57
C THR C 423 -2.21 -41.56 39.08
N ILE C 424 -3.08 -41.51 40.09
CA ILE C 424 -3.37 -40.21 40.76
C ILE C 424 -2.90 -40.24 42.22
N ARG C 425 -2.19 -39.20 42.60
CA ARG C 425 -1.64 -39.21 43.96
C ARG C 425 -1.35 -37.80 44.46
N ASN C 426 -1.41 -37.70 45.79
CA ASN C 426 -0.86 -36.58 46.58
C ASN C 426 -1.46 -35.28 46.03
N ASN C 427 -2.79 -35.22 45.86
CA ASN C 427 -3.42 -34.03 45.23
C ASN C 427 -4.53 -33.52 46.11
N ARG C 428 -4.81 -32.24 45.98
CA ARG C 428 -5.86 -31.56 46.75
C ARG C 428 -7.22 -31.94 46.18
N ALA C 429 -8.23 -31.88 47.01
CA ALA C 429 -9.64 -32.10 46.62
C ALA C 429 -9.79 -33.59 46.28
N ARG C 430 -10.65 -33.92 45.34
CA ARG C 430 -10.95 -35.29 44.90
C ARG C 430 -9.94 -35.78 43.84
N GLY C 431 -9.96 -37.07 43.55
CA GLY C 431 -9.14 -37.67 42.48
C GLY C 431 -9.72 -37.36 41.11
N ALA C 432 -11.00 -37.67 40.92
CA ALA C 432 -11.64 -37.74 39.59
C ALA C 432 -13.12 -37.39 39.71
N LEU C 433 -13.59 -36.49 38.86
CA LEU C 433 -15.03 -36.13 38.76
C LEU C 433 -15.55 -36.59 37.43
N PHE C 434 -16.64 -37.35 37.42
CA PHE C 434 -17.34 -37.77 36.18
C PHE C 434 -18.80 -37.35 36.25
N SER C 435 -19.26 -36.62 35.23
CA SER C 435 -20.65 -36.14 35.13
C SER C 435 -21.13 -36.35 33.70
N THR C 436 -21.21 -37.58 33.23
CA THR C 436 -21.70 -37.69 31.84
C THR C 436 -22.70 -38.82 31.72
N PRO C 437 -23.81 -38.51 31.02
CA PRO C 437 -24.83 -39.52 30.72
C PRO C 437 -24.27 -40.64 29.83
N LYS C 438 -23.17 -40.35 29.10
CA LYS C 438 -22.62 -41.26 28.09
C LYS C 438 -21.84 -42.37 28.76
N PRO C 439 -21.61 -43.49 28.08
CA PRO C 439 -20.90 -44.61 28.68
C PRO C 439 -19.50 -44.20 29.15
N THR C 440 -19.11 -44.71 30.31
CA THR C 440 -17.88 -44.26 31.00
C THR C 440 -17.21 -45.49 31.61
N LEU C 441 -15.94 -45.72 31.25
CA LEU C 441 -15.12 -46.77 31.89
C LEU C 441 -13.99 -46.12 32.70
N VAL C 442 -13.86 -46.50 33.97
CA VAL C 442 -12.84 -46.00 34.92
C VAL C 442 -12.17 -47.27 35.46
N ALA C 443 -11.02 -47.64 34.91
CA ALA C 443 -10.45 -49.00 35.12
C ALA C 443 -8.93 -49.01 35.20
N ASN C 444 -8.42 -49.99 35.95
CA ASN C 444 -6.98 -50.15 36.32
C ASN C 444 -6.31 -48.84 36.58
N ASN C 445 -6.95 -47.95 37.34
CA ASN C 445 -6.28 -46.74 37.87
C ASN C 445 -5.77 -47.00 39.28
N LEU C 446 -4.71 -46.29 39.67
CA LEU C 446 -4.15 -46.21 41.05
C LEU C 446 -4.42 -44.82 41.62
N PHE C 447 -5.20 -44.82 42.69
CA PHE C 447 -5.48 -43.64 43.52
C PHE C 447 -4.67 -43.75 44.81
N ASP C 448 -3.44 -43.22 44.79
CA ASP C 448 -2.44 -43.44 45.88
C ASP C 448 -2.39 -42.17 46.73
N HIS C 449 -3.06 -42.18 47.87
CA HIS C 449 -3.09 -41.02 48.81
C HIS C 449 -3.54 -39.77 48.08
N THR C 450 -4.71 -39.80 47.46
CA THR C 450 -5.42 -38.54 47.12
C THR C 450 -5.83 -37.93 48.45
N SER C 451 -5.94 -36.61 48.52
CA SER C 451 -6.16 -35.98 49.84
C SER C 451 -7.60 -36.27 50.21
N GLY C 452 -8.50 -36.03 49.26
CA GLY C 452 -9.95 -36.20 49.45
C GLY C 452 -10.45 -37.55 48.95
N CYS C 453 -11.62 -37.55 48.35
CA CYS C 453 -12.22 -38.82 47.90
C CYS C 453 -11.66 -39.16 46.52
N ALA C 454 -11.58 -40.46 46.24
CA ALA C 454 -11.02 -40.95 44.98
C ALA C 454 -11.87 -40.48 43.81
N ILE C 455 -13.19 -40.68 43.87
CA ILE C 455 -14.11 -40.45 42.73
C ILE C 455 -15.33 -39.69 43.21
N LEU C 456 -15.75 -38.72 42.45
CA LEU C 456 -16.96 -37.95 42.77
C LEU C 456 -17.87 -37.81 41.53
N LEU C 457 -19.12 -38.30 41.64
CA LEU C 457 -20.19 -38.04 40.65
C LEU C 457 -21.11 -37.03 41.28
N CYS C 458 -21.20 -35.82 40.78
CA CYS C 458 -21.93 -34.74 41.48
C CYS C 458 -22.60 -33.80 40.51
N GLY C 459 -23.88 -33.59 40.34
CA GLY C 459 -24.31 -32.44 39.53
C GLY C 459 -24.86 -31.32 40.39
N ASP C 460 -24.97 -30.12 39.85
CA ASP C 460 -25.48 -28.97 40.61
C ASP C 460 -26.02 -27.93 39.64
N SER C 461 -27.28 -27.50 39.80
CA SER C 461 -27.93 -26.41 39.02
C SER C 461 -28.30 -25.22 39.92
N ASN C 462 -27.50 -24.97 40.95
CA ASN C 462 -27.82 -23.90 41.93
C ASN C 462 -26.57 -23.07 42.22
N GLY C 463 -25.40 -23.69 42.28
CA GLY C 463 -24.19 -22.93 42.61
C GLY C 463 -23.16 -22.96 41.52
N TRP C 464 -22.61 -24.14 41.24
CA TRP C 464 -21.55 -24.31 40.24
C TRP C 464 -22.14 -24.48 38.83
N TYR C 465 -23.42 -24.88 38.70
CA TYR C 465 -24.13 -24.99 37.41
C TYR C 465 -23.35 -25.93 36.49
N GLU C 466 -22.92 -27.06 37.02
CA GLU C 466 -22.16 -28.09 36.27
C GLU C 466 -23.01 -29.34 36.12
N THR C 467 -23.26 -29.76 34.89
CA THR C 467 -24.22 -30.85 34.59
C THR C 467 -23.54 -32.17 34.89
N GLY C 468 -24.38 -33.16 35.13
CA GLY C 468 -23.87 -34.53 35.21
C GLY C 468 -24.83 -35.54 35.78
N SER C 469 -26.09 -35.62 35.34
CA SER C 469 -26.81 -36.88 35.66
C SER C 469 -26.14 -38.00 34.84
N CYS C 470 -25.46 -38.92 35.53
CA CYS C 470 -24.80 -40.13 34.99
C CYS C 470 -25.80 -41.24 34.69
N ARG C 471 -25.58 -42.00 33.63
CA ARG C 471 -26.53 -43.08 33.27
C ARG C 471 -25.79 -44.37 32.95
N ASP C 472 -24.47 -44.35 32.91
CA ASP C 472 -23.76 -45.56 32.47
C ASP C 472 -22.28 -45.43 32.81
N ILE C 473 -21.84 -46.13 33.84
CA ILE C 473 -20.48 -45.90 34.39
C ILE C 473 -20.02 -47.15 35.12
N THR C 474 -18.89 -47.69 34.66
CA THR C 474 -18.25 -48.84 35.30
C THR C 474 -16.94 -48.38 35.93
N ILE C 475 -16.83 -48.54 37.24
CA ILE C 475 -15.60 -48.30 38.02
C ILE C 475 -15.10 -49.68 38.40
N ARG C 476 -14.10 -50.19 37.67
CA ARG C 476 -13.67 -51.59 37.83
C ARG C 476 -12.16 -51.72 37.86
N ASP C 477 -11.70 -52.72 38.61
CA ASP C 477 -10.27 -53.12 38.70
C ASP C 477 -9.38 -51.92 39.06
N ASN C 478 -9.84 -51.05 39.94
CA ASN C 478 -9.02 -49.92 40.43
C ASN C 478 -8.45 -50.27 41.79
N LYS C 479 -7.48 -49.46 42.19
CA LYS C 479 -6.85 -49.62 43.50
C LYS C 479 -6.93 -48.25 44.18
N PHE C 480 -7.53 -48.25 45.34
CA PHE C 480 -7.70 -47.02 46.13
C PHE C 480 -6.95 -47.18 47.45
N VAL C 481 -5.87 -46.43 47.61
CA VAL C 481 -5.00 -46.58 48.81
C VAL C 481 -5.11 -45.31 49.66
N ASN C 482 -5.51 -45.49 50.92
CA ASN C 482 -5.59 -44.42 51.97
C ASN C 482 -6.02 -43.07 51.38
N ALA C 483 -7.17 -43.10 50.72
CA ALA C 483 -7.91 -41.90 50.30
C ALA C 483 -8.64 -41.32 51.50
N LEU C 484 -8.94 -40.03 51.36
CA LEU C 484 -9.68 -39.21 52.33
C LEU C 484 -8.85 -39.12 53.61
N THR C 485 -7.70 -38.49 53.55
CA THR C 485 -6.98 -38.10 54.78
C THR C 485 -7.38 -36.66 55.11
N SER C 486 -8.12 -35.98 54.26
CA SER C 486 -8.48 -34.57 54.49
C SER C 486 -9.86 -34.33 53.90
N MET C 487 -10.63 -33.42 54.47
CA MET C 487 -12.02 -33.13 54.06
C MET C 487 -12.02 -31.94 53.11
N TYR C 488 -12.86 -32.04 52.07
CA TYR C 488 -13.18 -31.01 51.06
C TYR C 488 -14.67 -31.16 50.70
N GLN C 489 -15.22 -30.16 50.02
CA GLN C 489 -16.61 -30.27 49.54
C GLN C 489 -16.86 -31.70 49.08
N PHE C 490 -17.92 -32.32 49.58
CA PHE C 490 -18.45 -33.60 49.07
C PHE C 490 -17.61 -34.83 49.42
N THR C 491 -16.59 -34.73 50.26
CA THR C 491 -15.71 -35.90 50.51
C THR C 491 -16.29 -36.77 51.62
N SER C 492 -17.33 -37.52 51.29
CA SER C 492 -18.11 -38.32 52.27
C SER C 492 -17.64 -39.78 52.35
N ALA C 493 -17.01 -40.29 51.29
CA ALA C 493 -16.47 -41.67 51.25
C ALA C 493 -15.41 -41.79 50.15
N ILE C 494 -14.67 -42.88 50.13
CA ILE C 494 -13.64 -43.00 49.09
C ILE C 494 -14.31 -42.77 47.74
N ILE C 495 -15.43 -43.44 47.47
CA ILE C 495 -16.30 -43.12 46.31
C ILE C 495 -17.53 -42.39 46.83
N SER C 496 -17.72 -41.15 46.40
CA SER C 496 -18.85 -40.29 46.81
C SER C 496 -19.77 -40.03 45.62
N ILE C 497 -21.02 -40.47 45.71
CA ILE C 497 -22.01 -40.11 44.66
C ILE C 497 -22.91 -39.04 45.27
N TYR C 498 -22.58 -37.78 45.03
CA TYR C 498 -23.10 -36.64 45.83
C TYR C 498 -23.52 -35.52 44.88
N PRO C 499 -24.72 -35.61 44.31
CA PRO C 499 -25.30 -34.46 43.64
C PRO C 499 -25.76 -33.39 44.64
N GLU C 500 -25.66 -32.13 44.23
CA GLU C 500 -26.14 -30.97 45.01
C GLU C 500 -27.63 -30.76 44.79
N ILE C 501 -28.36 -31.22 45.80
CA ILE C 501 -29.84 -31.21 45.90
C ILE C 501 -30.29 -30.37 47.08
N PRO C 502 -30.71 -29.09 46.85
CA PRO C 502 -31.33 -28.26 47.89
C PRO C 502 -32.49 -28.91 48.67
N ASP C 503 -33.45 -29.56 48.00
CA ASP C 503 -34.63 -30.15 48.71
C ASP C 503 -34.69 -31.65 48.48
N LEU C 504 -33.92 -32.44 49.21
CA LEU C 504 -33.94 -33.89 49.03
C LEU C 504 -35.24 -34.52 49.55
N THR C 505 -35.89 -34.03 50.62
CA THR C 505 -37.00 -34.87 51.17
C THR C 505 -38.17 -34.92 50.18
N ASN C 506 -38.35 -33.89 49.34
CA ASN C 506 -39.43 -33.84 48.33
C ASN C 506 -39.08 -34.39 46.95
N GLN C 507 -37.85 -34.85 46.75
CA GLN C 507 -37.43 -35.41 45.44
C GLN C 507 -38.09 -36.77 45.26
N LYS C 508 -38.72 -36.99 44.09
CA LYS C 508 -39.40 -38.26 43.71
C LYS C 508 -38.51 -39.02 42.73
N LYS C 509 -37.80 -38.29 41.87
CA LYS C 509 -37.01 -38.83 40.75
C LYS C 509 -35.56 -38.96 41.18
N TYR C 510 -34.93 -40.08 40.85
CA TYR C 510 -33.49 -40.30 41.10
C TYR C 510 -32.67 -39.56 40.04
N PHE C 511 -31.61 -38.88 40.44
CA PHE C 511 -30.77 -38.06 39.54
C PHE C 511 -29.81 -38.91 38.71
N HIS C 512 -29.07 -39.82 39.36
CA HIS C 512 -28.08 -40.72 38.73
C HIS C 512 -28.65 -42.11 38.57
N SER C 513 -28.21 -42.83 37.55
CA SER C 513 -28.61 -44.24 37.36
C SER C 513 -27.47 -45.02 36.70
N GLY C 514 -27.50 -46.34 36.89
CA GLY C 514 -26.66 -47.29 36.15
C GLY C 514 -25.21 -47.15 36.55
N ILE C 515 -24.96 -47.16 37.85
CA ILE C 515 -23.58 -47.07 38.34
C ILE C 515 -23.14 -48.47 38.72
N ARG C 516 -21.99 -48.90 38.18
CA ARG C 516 -21.44 -50.23 38.50
C ARG C 516 -20.04 -50.10 39.10
N ILE C 517 -19.84 -50.68 40.28
CA ILE C 517 -18.56 -50.63 41.01
C ILE C 517 -18.15 -52.08 41.22
N LEU C 518 -17.24 -52.57 40.40
CA LEU C 518 -16.93 -54.03 40.42
C LEU C 518 -15.44 -54.28 40.49
N ASN C 519 -15.07 -55.25 41.33
CA ASN C 519 -13.72 -55.85 41.39
C ASN C 519 -12.68 -54.76 41.65
N ASN C 520 -12.87 -53.96 42.69
CA ASN C 520 -11.92 -52.91 43.11
C ASN C 520 -11.28 -53.33 44.42
N GLN C 521 -10.16 -52.70 44.71
CA GLN C 521 -9.46 -52.88 45.98
C GLN C 521 -9.41 -51.52 46.69
N PHE C 522 -9.88 -51.57 47.93
CA PHE C 522 -9.91 -50.44 48.87
C PHE C 522 -8.95 -50.76 50.01
N ASP C 523 -7.80 -50.10 50.01
CA ASP C 523 -6.91 -50.10 51.19
C ASP C 523 -7.27 -48.84 51.96
N THR C 524 -7.79 -49.01 53.18
CA THR C 524 -8.25 -47.88 54.01
C THR C 524 -7.96 -48.19 55.48
N PHE C 525 -7.80 -47.07 56.21
CA PHE C 525 -7.52 -46.94 57.65
C PHE C 525 -8.82 -46.56 58.36
N ASP C 526 -9.73 -45.91 57.62
CA ASP C 526 -11.04 -45.40 58.09
C ASP C 526 -12.18 -46.30 57.61
N GLN C 527 -13.41 -45.82 57.75
CA GLN C 527 -14.65 -46.60 57.52
C GLN C 527 -15.31 -46.30 56.16
N PRO C 528 -15.66 -45.04 55.79
CA PRO C 528 -16.46 -44.76 54.59
C PRO C 528 -15.88 -45.23 53.23
N ILE C 529 -16.60 -46.11 52.53
CA ILE C 529 -16.19 -46.72 51.22
C ILE C 529 -17.03 -46.11 50.10
N LEU C 530 -18.36 -46.13 50.28
CA LEU C 530 -19.32 -45.64 49.28
C LEU C 530 -20.39 -44.80 49.97
N TYR C 531 -20.55 -43.57 49.50
CA TYR C 531 -21.69 -42.70 49.86
C TYR C 531 -22.50 -42.44 48.61
N ALA C 532 -23.82 -42.58 48.67
CA ALA C 532 -24.65 -42.53 47.44
C ALA C 532 -25.96 -41.82 47.70
N LYS C 533 -26.17 -40.70 47.01
CA LYS C 533 -27.37 -39.86 47.16
C LYS C 533 -28.05 -39.71 45.79
N SER C 534 -29.31 -40.12 45.69
CA SER C 534 -30.23 -39.94 44.54
C SER C 534 -29.78 -40.84 43.37
N VAL C 535 -29.77 -42.13 43.61
CA VAL C 535 -29.37 -43.11 42.58
C VAL C 535 -30.42 -44.18 42.40
N ASP C 536 -30.72 -44.43 41.15
CA ASP C 536 -31.53 -45.61 40.75
C ASP C 536 -30.65 -46.58 39.99
N GLY C 537 -30.26 -47.70 40.61
CA GLY C 537 -29.34 -48.68 40.00
C GLY C 537 -27.91 -48.46 40.46
N LEU C 538 -27.46 -49.25 41.42
CA LEU C 538 -26.13 -49.14 42.03
C LEU C 538 -25.59 -50.55 42.27
N VAL C 539 -24.60 -50.96 41.49
CA VAL C 539 -24.00 -52.32 41.63
C VAL C 539 -22.68 -52.18 42.36
N PHE C 540 -22.51 -52.97 43.41
CA PHE C 540 -21.27 -53.03 44.19
C PHE C 540 -20.93 -54.50 44.36
N THR C 541 -20.03 -55.03 43.56
CA THR C 541 -19.78 -56.50 43.57
C THR C 541 -18.30 -56.82 43.39
N GLY C 542 -17.91 -57.91 44.04
CA GLY C 542 -16.58 -58.54 43.96
C GLY C 542 -15.47 -57.60 44.42
N ASN C 543 -15.76 -56.67 45.33
CA ASN C 543 -14.76 -55.68 45.80
C ASN C 543 -14.09 -56.21 47.06
N LYS C 544 -12.88 -55.71 47.30
CA LYS C 544 -12.01 -56.16 48.40
C LYS C 544 -11.67 -54.95 49.27
N ILE C 545 -11.97 -55.05 50.54
CA ILE C 545 -11.61 -53.96 51.46
C ILE C 545 -10.61 -54.52 52.44
N GLN C 546 -9.47 -53.84 52.46
CA GLN C 546 -8.30 -54.22 53.26
C GLN C 546 -8.00 -53.07 54.23
N THR C 547 -7.99 -53.39 55.52
CA THR C 547 -7.81 -52.39 56.59
C THR C 547 -6.30 -52.22 56.82
N ASN C 548 -5.89 -51.01 57.16
CA ASN C 548 -4.52 -50.73 57.64
C ASN C 548 -4.60 -49.67 58.76
N LYS C 549 -3.51 -49.37 59.46
CA LYS C 549 -3.53 -48.32 60.51
C LYS C 549 -2.51 -47.22 60.23
N GLU C 550 -2.20 -46.92 58.97
CA GLU C 550 -1.15 -45.93 58.60
C GLU C 550 -1.58 -44.55 59.10
N TYR C 551 -2.86 -44.37 59.38
CA TYR C 551 -3.41 -43.14 60.01
C TYR C 551 -4.62 -43.50 60.88
N PRO C 552 -4.98 -42.62 61.83
CA PRO C 552 -6.18 -42.82 62.64
C PRO C 552 -7.49 -42.65 61.86
N ALA C 553 -8.45 -43.54 62.08
CA ALA C 553 -9.85 -43.31 61.62
C ALA C 553 -10.31 -41.94 62.13
N PHE C 554 -11.00 -41.12 61.35
CA PHE C 554 -11.51 -39.83 61.90
C PHE C 554 -12.85 -39.34 61.30
N HIS C 555 -13.32 -39.94 60.21
CA HIS C 555 -14.39 -39.33 59.38
C HIS C 555 -15.69 -39.34 60.17
N SER C 556 -16.47 -38.27 60.06
CA SER C 556 -17.75 -38.15 60.81
C SER C 556 -18.69 -39.27 60.38
N ASN C 557 -18.68 -39.64 59.10
CA ASN C 557 -19.44 -40.79 58.57
C ASN C 557 -18.72 -42.07 58.97
N LYS C 558 -19.21 -42.81 59.97
CA LYS C 558 -18.53 -44.05 60.46
C LYS C 558 -19.16 -45.30 59.83
N LYS C 559 -19.83 -45.14 58.71
CA LYS C 559 -20.49 -46.28 58.02
C LYS C 559 -19.76 -46.60 56.73
N ARG C 560 -19.41 -47.87 56.51
CA ARG C 560 -18.82 -48.29 55.21
C ARG C 560 -19.77 -47.85 54.06
N PHE C 561 -21.05 -48.14 54.17
CA PHE C 561 -22.03 -47.78 53.13
C PHE C 561 -23.11 -46.86 53.74
N LEU C 562 -23.31 -45.73 53.09
CA LEU C 562 -24.30 -44.71 53.45
C LEU C 562 -25.11 -44.40 52.19
N PHE C 563 -26.38 -44.79 52.13
CA PHE C 563 -27.27 -44.56 50.97
C PHE C 563 -28.39 -43.60 51.36
N GLU C 564 -28.65 -42.56 50.58
CA GLU C 564 -29.78 -41.63 50.78
C GLU C 564 -30.51 -41.47 49.45
N ARG C 565 -31.75 -41.97 49.39
CA ARG C 565 -32.64 -41.88 48.20
C ARG C 565 -32.00 -42.73 47.11
N VAL C 566 -31.78 -43.99 47.44
CA VAL C 566 -31.11 -44.97 46.56
C VAL C 566 -32.01 -46.19 46.45
N ILE C 567 -32.41 -46.49 45.22
CA ILE C 567 -33.01 -47.82 44.91
C ILE C 567 -32.10 -48.53 43.93
N GLY C 568 -32.37 -49.82 43.78
CA GLY C 568 -31.77 -50.65 42.73
C GLY C 568 -30.39 -51.10 43.13
N VAL C 569 -30.23 -51.47 44.39
CA VAL C 569 -28.87 -51.81 44.90
C VAL C 569 -28.66 -53.29 44.75
N ASP C 570 -27.52 -53.62 44.16
CA ASP C 570 -27.03 -55.00 43.95
C ASP C 570 -25.66 -55.12 44.61
N PHE C 571 -25.54 -56.02 45.55
CA PHE C 571 -24.41 -56.01 46.48
C PHE C 571 -24.08 -57.45 46.83
N SER C 572 -23.05 -57.99 46.18
CA SER C 572 -22.61 -59.39 46.39
C SER C 572 -21.11 -59.54 46.18
N ASP C 573 -20.59 -60.62 46.77
CA ASP C 573 -19.20 -61.10 46.61
C ASP C 573 -18.21 -60.04 47.13
N ASN C 574 -18.62 -59.16 48.05
CA ASN C 574 -17.68 -58.21 48.64
C ASN C 574 -17.06 -58.79 49.91
N LYS C 575 -15.86 -58.33 50.25
CA LYS C 575 -15.15 -58.79 51.47
C LYS C 575 -14.48 -57.63 52.22
N VAL C 576 -14.32 -57.83 53.52
CA VAL C 576 -13.49 -56.94 54.35
C VAL C 576 -12.51 -57.83 55.08
N ASP C 577 -11.22 -57.63 54.80
CA ASP C 577 -10.11 -58.40 55.41
C ASP C 577 -10.41 -59.88 55.19
N GLY C 578 -10.90 -60.20 54.00
CA GLY C 578 -11.14 -61.58 53.53
C GLY C 578 -12.40 -62.21 54.11
N LYS C 579 -13.18 -61.45 54.90
CA LYS C 579 -14.48 -61.93 55.43
C LYS C 579 -15.59 -61.31 54.59
N PRO C 580 -16.62 -62.10 54.19
CA PRO C 580 -17.78 -61.60 53.46
C PRO C 580 -18.60 -60.57 54.24
N ILE C 581 -19.07 -59.54 53.55
CA ILE C 581 -20.02 -58.54 54.07
C ILE C 581 -21.25 -58.62 53.17
N GLU C 582 -22.37 -59.09 53.71
CA GLU C 582 -23.59 -59.25 52.89
C GLU C 582 -24.69 -58.32 53.42
N MET C 583 -25.58 -57.90 52.53
CA MET C 583 -26.80 -57.11 52.81
C MET C 583 -27.78 -58.01 53.56
N LEU C 584 -28.05 -59.20 53.04
CA LEU C 584 -28.90 -60.19 53.74
C LEU C 584 -27.92 -61.03 54.55
N SER D 1 11.68 31.09 -23.47
CA SER D 1 11.38 31.17 -24.95
C SER D 1 11.96 29.96 -25.72
N GLU D 2 13.26 29.99 -26.05
CA GLU D 2 14.06 28.82 -26.47
C GLU D 2 14.39 27.97 -25.24
N PHE D 3 13.89 28.36 -24.06
CA PHE D 3 14.15 27.72 -22.76
C PHE D 3 12.86 27.19 -22.14
N ASN D 4 12.88 26.01 -21.54
CA ASN D 4 11.68 25.53 -20.81
C ASN D 4 11.50 26.42 -19.58
N VAL D 5 12.57 26.65 -18.83
CA VAL D 5 12.62 27.57 -17.65
C VAL D 5 13.75 28.57 -17.88
N LYS D 6 13.55 29.84 -17.59
CA LYS D 6 14.67 30.82 -17.55
C LYS D 6 15.20 30.88 -16.12
N ILE D 7 16.46 30.53 -15.88
CA ILE D 7 16.98 30.48 -14.48
C ILE D 7 17.91 31.68 -14.29
N TYR D 8 17.63 32.57 -13.34
CA TYR D 8 18.54 33.70 -13.03
C TYR D 8 19.31 33.33 -11.76
N LYS D 9 20.57 32.92 -11.92
CA LYS D 9 21.52 32.82 -10.79
C LYS D 9 21.78 34.26 -10.34
N LEU D 10 21.51 34.62 -9.09
CA LEU D 10 21.38 36.06 -8.76
C LEU D 10 22.77 36.71 -8.85
N SER D 11 23.80 35.95 -8.48
CA SER D 11 25.21 36.42 -8.49
C SER D 11 25.66 36.84 -9.91
N ALA D 12 25.08 36.27 -10.96
CA ALA D 12 25.42 36.69 -12.33
C ALA D 12 24.79 38.06 -12.61
N TYR D 13 23.90 38.55 -11.74
CA TYR D 13 23.11 39.78 -12.00
C TYR D 13 23.38 40.76 -10.86
N GLY D 14 24.59 40.73 -10.29
CA GLY D 14 25.04 41.77 -9.35
C GLY D 14 24.51 41.58 -7.94
N ILE D 15 24.06 40.38 -7.58
CA ILE D 15 23.45 40.15 -6.24
C ILE D 15 24.09 38.93 -5.57
N LYS D 16 25.09 39.25 -4.73
CA LYS D 16 26.03 38.26 -4.17
C LYS D 16 25.74 38.06 -2.69
N PRO D 17 26.07 36.88 -2.12
CA PRO D 17 25.97 36.63 -0.69
C PRO D 17 27.14 37.22 0.11
N ASN D 18 26.90 37.60 1.35
CA ASN D 18 27.95 37.96 2.33
C ASN D 18 28.58 39.29 1.92
N SER D 19 27.93 40.07 1.08
CA SER D 19 28.48 41.36 0.63
C SER D 19 28.26 42.38 1.72
N GLY D 20 27.30 42.10 2.60
CA GLY D 20 26.84 43.08 3.60
C GLY D 20 26.14 44.28 2.96
N LYS D 21 25.86 44.30 1.66
CA LYS D 21 25.15 45.46 1.07
C LYS D 21 23.63 45.26 1.11
N ASN D 22 22.94 46.36 0.85
CA ASN D 22 21.46 46.41 0.87
C ASN D 22 21.00 45.70 -0.38
N THR D 23 20.42 44.50 -0.25
CA THR D 23 20.02 43.68 -1.41
C THR D 23 18.66 44.16 -1.91
N THR D 24 17.95 44.99 -1.13
CA THR D 24 16.54 45.31 -1.39
C THR D 24 16.40 46.02 -2.72
N PRO D 25 17.10 47.15 -2.96
CA PRO D 25 16.84 47.94 -4.17
C PRO D 25 17.23 47.22 -5.46
N LEU D 26 18.20 46.29 -5.33
CA LEU D 26 18.77 45.45 -6.43
C LEU D 26 17.76 44.36 -6.83
N LEU D 27 17.30 43.52 -5.89
CA LEU D 27 16.38 42.42 -6.20
C LEU D 27 15.06 43.01 -6.71
N THR D 28 14.60 44.10 -6.10
CA THR D 28 13.44 44.89 -6.56
C THR D 28 13.65 45.35 -8.01
N SER D 29 14.71 46.07 -8.35
CA SER D 29 14.92 46.50 -9.76
C SER D 29 14.98 45.29 -10.72
N LEU D 30 15.61 44.19 -10.28
CA LEU D 30 15.85 43.01 -11.14
C LEU D 30 14.54 42.25 -11.42
N LEU D 31 13.76 41.92 -10.38
CA LEU D 31 12.42 41.28 -10.52
C LEU D 31 11.52 42.16 -11.38
N LYS D 32 11.57 43.48 -11.26
CA LYS D 32 10.72 44.37 -12.08
C LYS D 32 11.02 44.10 -13.55
N GLU D 33 12.30 44.01 -13.91
CA GLU D 33 12.73 43.76 -15.29
C GLU D 33 12.33 42.34 -15.74
N ILE D 34 12.63 41.31 -14.94
CA ILE D 34 12.30 39.91 -15.30
C ILE D 34 10.80 39.79 -15.56
N LYS D 35 10.00 40.49 -14.77
CA LYS D 35 8.54 40.47 -14.90
C LYS D 35 8.14 41.17 -16.20
N SER D 36 8.70 42.35 -16.49
CA SER D 36 8.27 43.16 -17.65
C SER D 36 8.53 42.41 -18.94
N LYS D 37 9.27 41.29 -18.90
CA LYS D 37 9.54 40.44 -20.09
C LYS D 37 8.69 39.16 -19.99
N THR D 38 8.86 38.39 -18.92
CA THR D 38 8.17 37.08 -18.76
C THR D 38 6.64 37.28 -18.73
N SER D 39 5.88 36.40 -19.37
CA SER D 39 4.40 36.50 -19.46
C SER D 39 3.79 35.13 -19.70
N ASP D 40 2.47 35.07 -19.63
CA ASP D 40 1.73 33.82 -19.93
C ASP D 40 2.32 32.65 -19.14
N LEU D 41 2.74 31.63 -19.88
CA LEU D 41 3.18 30.32 -19.36
C LEU D 41 4.71 30.34 -19.27
N ASP D 42 5.35 31.51 -19.47
CA ASP D 42 6.81 31.70 -19.22
C ASP D 42 7.14 31.33 -17.77
N LYS D 43 8.02 30.34 -17.58
CA LYS D 43 8.44 29.85 -16.25
C LYS D 43 9.79 30.50 -15.89
N VAL D 44 9.91 30.96 -14.64
CA VAL D 44 11.05 31.77 -14.12
C VAL D 44 11.57 31.08 -12.87
N ILE D 45 12.88 31.08 -12.64
CA ILE D 45 13.50 30.72 -11.33
C ILE D 45 14.47 31.84 -10.96
N ILE D 46 14.42 32.30 -9.70
CA ILE D 46 15.38 33.25 -9.07
C ILE D 46 16.24 32.45 -8.09
N GLN D 47 17.57 32.39 -8.30
CA GLN D 47 18.45 31.49 -7.50
C GLN D 47 19.50 32.25 -6.68
N PHE D 48 19.37 32.06 -5.37
CA PHE D 48 20.24 32.55 -4.27
C PHE D 48 21.31 31.48 -3.98
N GLU D 49 22.49 31.90 -3.53
CA GLU D 49 23.62 31.00 -3.21
C GLU D 49 23.73 30.84 -1.69
N LYS D 50 24.55 29.86 -1.29
CA LYS D 50 25.03 29.69 0.10
C LYS D 50 25.53 31.04 0.61
N GLY D 51 25.01 31.44 1.77
CA GLY D 51 25.44 32.64 2.49
C GLY D 51 24.28 33.57 2.81
N ARG D 52 24.62 34.79 3.16
CA ARG D 52 23.73 35.76 3.79
C ARG D 52 23.46 36.94 2.86
N TYR D 53 22.21 37.31 2.71
CA TYR D 53 21.77 38.50 1.95
C TYR D 53 21.05 39.40 2.96
N ASP D 54 21.44 40.65 3.04
CA ASP D 54 20.83 41.57 4.02
C ASP D 54 19.91 42.49 3.24
N PHE D 55 18.70 42.70 3.78
CA PHE D 55 17.68 43.60 3.22
C PHE D 55 17.39 44.67 4.24
N TYR D 56 17.32 45.91 3.78
CA TYR D 56 16.99 47.06 4.66
C TYR D 56 15.75 47.75 4.10
N PRO D 57 15.06 48.56 4.91
CA PRO D 57 13.96 49.36 4.40
C PRO D 57 14.29 50.21 3.16
N GLU D 58 15.55 50.66 2.98
CA GLU D 58 15.83 51.61 1.87
C GLU D 58 15.66 50.90 0.55
N GLY D 59 14.90 51.52 -0.35
CA GLY D 59 14.66 51.05 -1.72
C GLY D 59 13.60 49.95 -1.78
N ALA D 60 12.98 49.59 -0.66
CA ALA D 60 11.88 48.61 -0.58
C ALA D 60 10.64 49.23 -1.20
N ILE D 61 9.74 48.39 -1.69
CA ILE D 61 8.44 48.90 -2.17
C ILE D 61 7.60 49.20 -0.94
N LYS D 62 6.80 50.27 -1.01
CA LYS D 62 5.76 50.60 0.00
C LYS D 62 4.38 50.22 -0.55
N ARG D 63 3.86 49.08 -0.08
CA ARG D 63 2.48 48.61 -0.41
C ARG D 63 1.51 48.85 0.76
N GLU D 64 0.31 49.29 0.43
CA GLU D 64 -0.82 49.33 1.37
C GLU D 64 -1.47 47.94 1.33
N TYR D 65 -1.25 47.12 2.36
CA TYR D 65 -1.82 45.75 2.41
C TYR D 65 -2.75 45.65 3.60
N TYR D 66 -3.85 44.94 3.38
CA TYR D 66 -4.76 44.57 4.47
C TYR D 66 -4.53 43.10 4.73
N ILE D 67 -4.15 42.81 5.96
CA ILE D 67 -3.66 41.45 6.32
C ILE D 67 -4.53 40.92 7.44
N SER D 68 -5.18 39.80 7.19
CA SER D 68 -5.99 39.12 8.22
C SER D 68 -5.13 38.89 9.46
N ASN D 69 -5.72 39.17 10.60
CA ASN D 69 -5.30 38.76 11.97
C ASN D 69 -4.04 39.51 12.36
N HIS D 70 -3.87 40.75 11.89
CA HIS D 70 -2.67 41.59 12.10
C HIS D 70 -3.07 43.07 12.28
N ASP D 71 -2.24 43.88 12.89
CA ASP D 71 -2.41 45.35 12.89
C ASP D 71 -2.43 45.85 11.45
N GLN D 72 -3.24 46.88 11.19
CA GLN D 72 -3.40 47.46 9.84
C GLN D 72 -2.64 48.78 9.79
N ASP D 73 -1.36 48.72 10.06
CA ASP D 73 -0.49 49.91 9.97
C ASP D 73 -0.05 50.03 8.52
N ASN D 74 -0.27 51.15 7.85
CA ASN D 74 0.14 51.26 6.41
C ASN D 74 0.95 52.53 6.21
N PRO D 75 1.84 52.57 5.20
CA PRO D 75 2.07 51.44 4.30
C PRO D 75 2.90 50.32 4.97
N LYS D 76 3.03 49.17 4.32
CA LYS D 76 4.00 48.14 4.76
C LYS D 76 5.26 48.31 3.93
N THR D 77 6.40 48.10 4.58
CA THR D 77 7.76 48.10 4.00
C THR D 77 8.07 46.66 3.57
N VAL D 78 8.04 46.44 2.27
CA VAL D 78 8.04 45.09 1.69
C VAL D 78 9.41 44.85 1.07
N GLY D 79 10.07 43.80 1.57
CA GLY D 79 11.41 43.39 1.14
C GLY D 79 11.38 42.80 -0.25
N ILE D 80 10.64 41.73 -0.41
CA ILE D 80 10.48 41.08 -1.74
C ILE D 80 9.00 41.02 -2.11
N GLY D 81 8.59 41.78 -3.12
CA GLY D 81 7.20 41.82 -3.62
C GLY D 81 7.02 41.01 -4.90
N ILE D 82 6.49 39.79 -4.76
CA ILE D 82 6.07 38.95 -5.91
C ILE D 82 4.59 39.31 -6.16
N GLU D 83 4.32 40.20 -7.10
CA GLU D 83 2.96 40.72 -7.37
C GLU D 83 2.47 40.43 -8.80
N LYS D 84 1.45 39.59 -8.97
CA LYS D 84 0.84 39.33 -10.31
C LYS D 84 1.94 38.79 -11.22
N PHE D 85 2.60 37.76 -10.72
CA PHE D 85 3.84 37.19 -11.30
C PHE D 85 3.70 35.68 -11.15
N ASN D 86 3.55 34.94 -12.25
CA ASN D 86 3.23 33.50 -12.12
C ASN D 86 4.39 32.63 -12.59
N ASN D 87 4.35 31.40 -12.08
CA ASN D 87 5.23 30.27 -12.45
C ASN D 87 6.65 30.61 -12.05
N ILE D 88 6.78 31.24 -10.91
CA ILE D 88 8.08 31.79 -10.45
C ILE D 88 8.47 31.01 -9.21
N THR D 89 9.71 30.56 -9.16
CA THR D 89 10.27 29.81 -8.01
C THR D 89 11.40 30.63 -7.44
N LEU D 90 11.40 30.93 -6.14
CA LEU D 90 12.59 31.46 -5.42
C LEU D 90 13.26 30.29 -4.74
N ILE D 91 14.49 30.02 -5.10
CA ILE D 91 15.21 28.89 -4.48
C ILE D 91 16.51 29.42 -3.91
N GLY D 92 16.95 28.78 -2.82
CA GLY D 92 18.24 29.09 -2.18
C GLY D 92 19.03 27.80 -2.01
N LYS D 93 20.18 27.92 -1.40
CA LYS D 93 21.06 26.76 -1.17
C LYS D 93 21.66 27.02 0.21
N GLY D 94 21.00 26.59 1.28
CA GLY D 94 21.25 27.11 2.65
C GLY D 94 21.36 28.64 2.66
N THR D 95 20.31 29.33 2.23
CA THR D 95 20.35 30.79 2.05
C THR D 95 19.76 31.42 3.29
N ASP D 96 20.37 32.52 3.72
CA ASP D 96 19.93 33.30 4.90
C ASP D 96 19.53 34.67 4.40
N LEU D 97 18.22 34.93 4.27
CA LEU D 97 17.70 36.29 3.97
C LEU D 97 17.54 36.98 5.32
N MET D 98 18.31 38.03 5.55
CA MET D 98 18.40 38.70 6.86
C MET D 98 17.77 40.08 6.73
N PHE D 99 16.75 40.38 7.53
CA PHE D 99 16.04 41.67 7.37
C PHE D 99 16.38 42.60 8.52
N HIS D 100 16.23 43.87 8.22
CA HIS D 100 16.52 44.95 9.17
C HIS D 100 15.28 45.84 9.31
N GLY D 101 15.00 46.30 10.53
CA GLY D 101 13.99 47.34 10.76
C GLY D 101 12.61 46.75 10.92
N ARG D 102 11.59 47.51 10.55
CA ARG D 102 10.20 47.00 10.45
C ARG D 102 9.89 46.73 8.99
N MET D 103 9.88 45.46 8.61
CA MET D 103 9.69 45.05 7.21
C MET D 103 8.71 43.88 7.13
N LEU D 104 8.04 43.79 5.99
CA LEU D 104 7.37 42.57 5.50
C LEU D 104 8.37 41.80 4.62
N PRO D 105 9.03 40.72 5.10
CA PRO D 105 10.02 40.00 4.28
C PRO D 105 9.53 39.69 2.87
N LEU D 106 8.59 38.76 2.72
CA LEU D 106 8.14 38.20 1.43
C LEU D 106 6.61 38.33 1.28
N ALA D 107 6.16 38.98 0.22
CA ALA D 107 4.74 39.20 -0.12
C ALA D 107 4.42 38.54 -1.48
N LEU D 108 3.48 37.58 -1.48
CA LEU D 108 2.98 36.91 -2.70
C LEU D 108 1.54 37.33 -2.94
N ILE D 109 1.32 38.21 -3.91
CA ILE D 109 0.05 38.93 -4.16
C ILE D 109 -0.50 38.50 -5.51
N GLU D 110 -1.66 37.81 -5.55
CA GLU D 110 -2.45 37.68 -6.82
C GLU D 110 -1.55 36.98 -7.83
N SER D 111 -0.91 35.90 -7.37
CA SER D 111 0.07 35.13 -8.17
C SER D 111 -0.29 33.66 -8.09
N SER D 112 -0.13 32.96 -9.20
CA SER D 112 -0.35 31.50 -9.25
C SER D 112 0.93 30.74 -9.56
N ASN D 113 0.98 29.52 -9.03
CA ASN D 113 2.08 28.54 -9.23
C ASN D 113 3.40 29.17 -8.81
N VAL D 114 3.47 29.64 -7.57
CA VAL D 114 4.67 30.23 -6.95
C VAL D 114 5.21 29.21 -5.97
N LYS D 115 6.48 28.85 -6.12
CA LYS D 115 7.15 27.88 -5.23
C LYS D 115 8.29 28.63 -4.55
N ILE D 116 8.48 28.42 -3.25
CA ILE D 116 9.57 29.02 -2.43
C ILE D 116 10.32 27.87 -1.80
N LYS D 117 11.65 27.79 -1.96
CA LYS D 117 12.40 26.55 -1.64
C LYS D 117 13.78 26.82 -1.02
N ASP D 118 14.16 26.01 -0.04
CA ASP D 118 15.54 25.94 0.56
C ASP D 118 16.03 27.34 0.92
N LEU D 119 15.26 28.10 1.67
CA LEU D 119 15.56 29.52 1.99
C LEU D 119 15.13 29.78 3.42
N ASN D 120 15.80 30.68 4.12
CA ASN D 120 15.50 30.96 5.56
C ASN D 120 15.31 32.44 5.75
N ILE D 121 14.24 32.83 6.44
CA ILE D 121 13.96 34.26 6.72
C ILE D 121 14.17 34.56 8.22
N ASP D 122 14.91 35.63 8.51
CA ASP D 122 15.19 36.06 9.90
C ASP D 122 15.40 37.58 9.90
N PHE D 123 15.22 38.20 11.07
CA PHE D 123 15.67 39.59 11.32
C PHE D 123 16.89 39.55 12.22
N GLU D 124 17.80 40.51 12.00
CA GLU D 124 19.03 40.65 12.83
C GLU D 124 18.61 41.10 14.22
N LYS D 125 17.71 42.10 14.28
CA LYS D 125 17.24 42.65 15.57
C LYS D 125 15.74 42.42 15.75
N PRO D 126 15.35 41.22 16.27
CA PRO D 126 13.96 40.96 16.67
C PRO D 126 13.42 42.03 17.65
N GLN D 127 12.18 42.44 17.41
CA GLN D 127 11.45 43.38 18.29
C GLN D 127 11.25 42.69 19.62
N ILE D 128 11.12 41.38 19.62
CA ILE D 128 11.17 40.61 20.89
C ILE D 128 12.56 40.75 21.51
N THR D 129 12.57 40.99 22.83
CA THR D 129 13.78 41.20 23.66
C THR D 129 14.03 40.00 24.55
N GLN D 130 15.13 39.29 24.32
CA GLN D 130 15.52 38.14 25.15
C GLN D 130 16.37 38.68 26.31
N VAL D 131 16.08 38.20 27.52
CA VAL D 131 16.79 38.60 28.76
C VAL D 131 16.94 37.37 29.65
N LYS D 132 17.91 37.41 30.54
CA LYS D 132 18.17 36.26 31.42
C LYS D 132 18.16 36.77 32.86
N ILE D 133 17.43 36.06 33.70
CA ILE D 133 17.36 36.40 35.13
C ILE D 133 18.72 36.11 35.73
N ILE D 134 19.31 37.13 36.34
CA ILE D 134 20.64 37.10 37.01
C ILE D 134 20.40 36.92 38.50
N SER D 135 19.62 37.83 39.04
CA SER D 135 19.28 37.87 40.49
C SER D 135 17.81 38.24 40.66
N ASN D 136 17.15 37.47 41.51
CA ASN D 136 15.74 37.72 41.89
C ASN D 136 15.67 37.73 43.42
N ASP D 137 15.45 38.92 43.99
CA ASP D 137 15.17 39.20 45.41
C ASP D 137 13.63 39.24 45.59
N THR D 138 13.07 38.12 46.03
CA THR D 138 11.61 37.90 46.03
C THR D 138 10.98 38.89 47.03
N THR D 139 11.58 39.03 48.20
CA THR D 139 11.14 39.97 49.27
C THR D 139 11.08 41.43 48.78
N ALA D 140 12.13 41.97 48.18
CA ALA D 140 12.15 43.40 47.83
C ALA D 140 11.50 43.60 46.46
N GLY D 141 11.32 42.50 45.73
CA GLY D 141 10.94 42.56 44.32
C GLY D 141 11.97 43.31 43.49
N ASN D 142 13.22 42.92 43.62
CA ASN D 142 14.30 43.43 42.72
C ASN D 142 14.79 42.28 41.86
N ILE D 143 14.73 42.49 40.54
CA ILE D 143 15.20 41.52 39.55
C ILE D 143 16.28 42.19 38.71
N VAL D 144 17.43 41.55 38.61
CA VAL D 144 18.46 42.00 37.66
C VAL D 144 18.40 41.05 36.46
N PHE D 145 18.25 41.59 35.25
CA PHE D 145 18.16 40.75 34.03
C PHE D 145 19.30 41.16 33.13
N GLU D 146 19.80 40.19 32.37
CA GLU D 146 20.90 40.36 31.41
C GLU D 146 20.27 40.37 30.03
N THR D 147 20.46 41.44 29.28
CA THR D 147 20.07 41.48 27.86
C THR D 147 21.01 40.49 27.16
N ALA D 148 20.48 39.76 26.20
CA ALA D 148 21.28 38.90 25.32
C ALA D 148 22.20 39.74 24.42
N PRO D 149 23.28 39.12 23.88
CA PRO D 149 24.38 39.85 23.24
C PRO D 149 23.95 40.77 22.08
N TRP D 150 22.92 40.33 21.35
CA TRP D 150 22.49 40.95 20.06
C TRP D 150 21.57 42.13 20.33
N VAL D 151 21.18 42.33 21.58
CA VAL D 151 20.09 43.27 21.95
C VAL D 151 20.69 44.65 22.15
N LYS D 152 20.16 45.63 21.45
CA LYS D 152 20.52 47.04 21.67
C LYS D 152 19.33 47.75 22.30
N TYR D 153 19.46 48.16 23.56
CA TYR D 153 18.39 48.84 24.32
C TYR D 153 18.70 50.32 24.53
N LYS D 154 17.74 51.02 25.08
CA LYS D 154 17.86 52.42 25.48
C LYS D 154 16.96 52.59 26.69
N LEU D 155 17.48 53.15 27.79
CA LEU D 155 16.61 53.59 28.91
C LEU D 155 16.22 55.07 28.69
N LYS D 156 14.92 55.39 28.80
CA LYS D 156 14.44 56.78 28.84
C LYS D 156 13.46 56.85 29.99
N ASP D 157 13.60 57.86 30.87
CA ASP D 157 12.69 58.05 32.02
C ASP D 157 12.46 56.71 32.72
N SER D 158 13.55 56.00 33.02
CA SER D 158 13.56 54.73 33.80
C SER D 158 12.66 53.68 33.12
N THR D 159 12.55 53.76 31.79
CA THR D 159 11.72 52.85 30.99
C THR D 159 12.65 52.13 30.01
N PHE D 160 12.49 50.82 29.91
CA PHE D 160 13.37 49.99 29.06
C PHE D 160 12.78 49.91 27.66
N TYR D 161 13.52 50.41 26.69
CA TYR D 161 13.14 50.31 25.26
C TYR D 161 14.07 49.32 24.55
N ASN D 162 13.51 48.47 23.69
CA ASN D 162 14.32 47.67 22.74
C ASN D 162 14.39 48.46 21.44
N THR D 163 15.51 48.36 20.74
CA THR D 163 15.72 49.15 19.51
C THR D 163 16.24 48.28 18.36
N GLY D 164 15.91 48.78 17.17
CA GLY D 164 16.47 48.38 15.88
C GLY D 164 16.45 49.56 14.93
N GLU D 165 16.63 49.26 13.63
CA GLU D 165 16.84 50.26 12.54
C GLU D 165 15.51 51.01 12.43
N GLY D 166 15.46 52.27 12.84
CA GLY D 166 14.28 53.14 12.71
C GLY D 166 13.13 52.75 13.65
N TRP D 167 13.36 51.90 14.65
CA TRP D 167 12.30 51.52 15.63
C TRP D 167 12.84 51.47 17.04
N GLU D 168 11.92 51.65 17.99
CA GLU D 168 12.14 51.71 19.45
C GLU D 168 10.83 51.27 20.12
N MET D 169 10.81 50.17 20.85
CA MET D 169 9.54 49.58 21.36
C MET D 169 9.72 49.15 22.82
N GLN D 170 8.84 49.64 23.70
CA GLN D 170 8.85 49.24 25.12
C GLN D 170 8.04 47.95 25.28
N PRO D 171 8.69 46.86 25.72
CA PRO D 171 7.98 45.63 26.05
C PRO D 171 7.04 45.78 27.24
N THR D 172 5.89 45.09 27.19
CA THR D 172 4.78 45.20 28.16
C THR D 172 4.40 43.81 28.68
N SER D 173 4.73 42.72 28.01
CA SER D 173 4.50 41.37 28.60
C SER D 173 5.65 40.45 28.24
N GLY D 174 5.60 39.21 28.69
CA GLY D 174 6.58 38.25 28.16
C GLY D 174 6.19 36.84 28.39
N ILE D 175 7.04 35.97 27.87
CA ILE D 175 6.96 34.49 28.06
C ILE D 175 8.24 34.09 28.73
N ALA D 176 8.16 33.36 29.84
CA ALA D 176 9.38 32.87 30.52
C ALA D 176 9.64 31.41 30.15
N PHE D 177 10.91 31.08 29.95
CA PHE D 177 11.34 29.73 29.54
C PHE D 177 12.29 29.16 30.59
N GLU D 178 12.14 27.86 30.80
CA GLU D 178 13.12 27.01 31.53
C GLU D 178 14.48 27.09 30.81
N ASN D 179 15.54 27.31 31.55
CA ASN D 179 16.91 27.20 31.01
C ASN D 179 17.12 25.77 30.49
N GLY D 180 17.78 25.61 29.35
CA GLY D 180 18.12 24.26 28.88
C GLY D 180 16.96 23.65 28.09
N THR D 181 15.94 23.14 28.78
CA THR D 181 14.78 22.47 28.11
C THR D 181 14.17 23.42 27.08
N LYS D 182 14.20 24.73 27.33
CA LYS D 182 13.51 25.77 26.52
C LYS D 182 11.99 25.62 26.62
N HIS D 183 11.48 24.83 27.59
CA HIS D 183 10.03 24.69 27.87
C HIS D 183 9.52 26.03 28.41
N ILE D 184 8.22 26.29 28.38
CA ILE D 184 7.69 27.51 29.06
C ILE D 184 7.38 27.17 30.52
N ILE D 185 7.81 28.05 31.40
CA ILE D 185 7.73 27.87 32.88
C ILE D 185 6.30 27.53 33.29
N PHE D 186 6.19 26.50 34.11
CA PHE D 186 4.92 25.91 34.60
C PHE D 186 4.02 27.02 35.21
N ASN D 187 2.76 27.10 34.81
CA ASN D 187 1.78 28.08 35.34
C ASN D 187 2.29 29.49 35.14
N SER D 188 2.85 29.81 33.98
CA SER D 188 3.38 31.18 33.77
C SER D 188 2.39 31.89 32.85
N GLY D 189 2.26 31.36 31.65
CA GLY D 189 1.65 32.04 30.51
C GLY D 189 2.20 33.43 30.35
N ASP D 190 1.33 34.30 29.88
CA ASP D 190 1.60 35.74 29.80
C ASP D 190 1.84 36.26 31.20
N ILE D 191 2.94 36.97 31.38
CA ILE D 191 3.35 37.55 32.69
C ILE D 191 3.71 39.00 32.42
N GLY D 192 3.65 39.81 33.47
CA GLY D 192 4.06 41.21 33.40
C GLY D 192 5.56 41.20 33.43
N VAL D 193 6.14 42.26 32.90
CA VAL D 193 7.63 42.40 32.85
C VAL D 193 8.05 43.75 33.44
N GLY D 194 9.25 43.80 34.01
CA GLY D 194 9.73 44.97 34.73
C GLY D 194 10.45 45.88 33.77
N THR D 195 9.72 46.58 32.94
CA THR D 195 10.34 47.45 31.94
C THR D 195 10.10 48.89 32.36
N LYS D 196 9.33 49.06 33.43
CA LYS D 196 9.08 50.38 34.05
C LYS D 196 9.87 50.43 35.35
N SER D 197 10.25 51.62 35.80
CA SER D 197 11.11 51.72 37.01
C SER D 197 12.32 50.78 36.81
N VAL D 198 13.25 51.19 35.93
CA VAL D 198 14.51 50.44 35.67
C VAL D 198 15.66 51.41 35.68
N SER D 199 16.85 50.85 35.81
CA SER D 199 18.14 51.59 35.83
C SER D 199 19.26 50.59 35.51
N GLU D 200 20.27 51.09 34.80
CA GLU D 200 21.42 50.29 34.31
C GLU D 200 22.44 50.11 35.45
N VAL D 201 22.74 48.87 35.77
CA VAL D 201 23.78 48.39 36.72
C VAL D 201 25.14 48.52 36.04
N SER D 202 25.22 47.89 34.86
CA SER D 202 26.41 47.70 34.00
C SER D 202 25.89 47.34 32.61
N PRO D 203 26.65 47.52 31.52
CA PRO D 203 26.08 47.34 30.18
C PRO D 203 25.43 45.95 30.00
N GLY D 204 24.17 45.96 29.59
CA GLY D 204 23.32 44.75 29.43
C GLY D 204 22.95 44.07 30.75
N LYS D 205 23.06 44.76 31.88
CA LYS D 205 22.50 44.32 33.18
C LYS D 205 21.56 45.40 33.67
N ILE D 206 20.27 45.10 33.73
CA ILE D 206 19.24 46.11 34.04
C ILE D 206 18.58 45.69 35.34
N MET D 207 18.37 46.67 36.21
CA MET D 207 17.74 46.46 37.50
C MET D 207 16.29 46.90 37.41
N ALA D 208 15.38 45.99 37.74
CA ALA D 208 13.94 46.23 37.78
C ALA D 208 13.53 46.35 39.23
N HIS D 209 13.15 47.55 39.65
CA HIS D 209 12.99 47.90 41.10
C HIS D 209 11.66 47.36 41.67
N HIS D 210 10.63 47.15 40.83
CA HIS D 210 9.29 46.75 41.33
C HIS D 210 8.84 45.54 40.55
N TRP D 211 9.58 44.44 40.58
CA TRP D 211 9.16 43.25 39.80
C TRP D 211 9.08 42.04 40.72
N LYS D 212 7.89 41.50 40.97
CA LYS D 212 7.80 40.46 42.02
C LYS D 212 7.25 39.20 41.39
N ASN D 213 8.08 38.18 41.29
CA ASN D 213 7.62 36.91 40.72
C ASN D 213 8.57 35.83 41.21
N LYS D 214 8.11 35.03 42.17
CA LYS D 214 8.89 33.92 42.77
C LYS D 214 9.29 32.87 41.73
N LYS D 215 8.75 32.96 40.52
CA LYS D 215 8.88 31.87 39.53
C LYS D 215 10.07 32.09 38.62
N LEU D 216 10.39 33.35 38.38
CA LEU D 216 11.55 33.79 37.57
C LEU D 216 12.84 33.49 38.33
N VAL D 217 13.12 32.23 38.62
CA VAL D 217 14.38 31.79 39.31
C VAL D 217 15.57 32.21 38.46
N PRO D 218 16.77 32.45 39.06
CA PRO D 218 18.00 32.69 38.29
C PRO D 218 18.15 31.66 37.16
N GLY D 219 18.43 32.12 35.96
CA GLY D 219 18.64 31.26 34.79
C GLY D 219 17.48 31.36 33.82
N THR D 220 16.34 31.83 34.31
CA THR D 220 15.11 31.86 33.50
C THR D 220 15.34 32.86 32.38
N VAL D 221 14.90 32.48 31.19
CA VAL D 221 15.06 33.30 29.97
C VAL D 221 13.71 33.85 29.64
N ILE D 222 13.66 35.13 29.34
CA ILE D 222 12.35 35.78 29.19
C ILE D 222 12.33 36.49 27.86
N ALA D 223 11.28 36.21 27.09
CA ALA D 223 10.98 36.87 25.82
C ALA D 223 10.03 38.03 26.10
N MET D 224 10.58 39.21 26.25
CA MET D 224 9.80 40.42 26.49
C MET D 224 9.28 40.97 25.16
N ARG D 225 8.02 41.35 25.16
CA ARG D 225 7.35 41.76 23.91
C ARG D 225 6.23 42.75 24.17
N SER D 226 5.69 43.26 23.09
CA SER D 226 4.42 44.02 23.11
C SER D 226 3.37 43.18 22.37
N TRP D 227 2.23 43.78 22.10
CA TRP D 227 1.11 43.05 21.47
C TRP D 227 1.08 43.40 20.00
N GLN D 228 2.05 44.20 19.56
CA GLN D 228 2.12 44.70 18.16
C GLN D 228 2.47 43.55 17.20
N ARG D 229 1.75 43.50 16.07
CA ARG D 229 1.99 42.47 15.04
C ARG D 229 1.68 43.11 13.70
N PRO D 230 2.47 44.08 13.19
CA PRO D 230 2.13 44.77 11.94
C PRO D 230 2.44 44.01 10.63
N ALA D 231 3.31 43.00 10.62
CA ALA D 231 3.65 42.30 9.36
C ALA D 231 4.11 40.87 9.59
N PRO D 232 3.64 39.92 8.78
CA PRO D 232 4.07 38.54 8.92
C PRO D 232 5.38 38.38 8.18
N GLY D 233 5.96 37.20 8.30
CA GLY D 233 7.20 36.82 7.60
C GLY D 233 6.95 36.63 6.12
N ILE D 234 5.98 35.78 5.80
CA ILE D 234 5.46 35.56 4.43
C ILE D 234 3.96 35.83 4.42
N PHE D 235 3.55 36.82 3.65
CA PHE D 235 2.15 37.22 3.46
C PHE D 235 1.71 36.70 2.10
N VAL D 236 0.63 35.95 1.99
CA VAL D 236 0.15 35.42 0.67
C VAL D 236 -1.31 35.85 0.54
N HIS D 237 -1.65 36.58 -0.52
CA HIS D 237 -3.01 37.10 -0.75
C HIS D 237 -3.46 36.70 -2.16
N LYS D 238 -4.56 35.97 -2.27
CA LYS D 238 -5.24 35.65 -3.54
C LYS D 238 -4.29 34.84 -4.42
N GLY D 239 -3.58 33.90 -3.81
CA GLY D 239 -2.73 32.94 -4.52
C GLY D 239 -3.56 31.79 -5.01
N LYS D 240 -3.11 31.16 -6.08
CA LYS D 240 -3.53 29.78 -6.46
C LYS D 240 -2.25 28.94 -6.59
N ASN D 241 -2.27 27.74 -6.02
CA ASN D 241 -1.18 26.71 -6.11
C ASN D 241 0.14 27.26 -5.59
N ILE D 242 0.22 27.50 -4.29
CA ILE D 242 1.41 28.06 -3.63
C ILE D 242 2.14 26.92 -2.92
N SER D 243 3.47 26.88 -3.01
CA SER D 243 4.33 25.81 -2.49
C SER D 243 5.45 26.39 -1.65
N PHE D 244 5.78 25.73 -0.54
CA PHE D 244 6.91 26.08 0.35
C PHE D 244 7.61 24.75 0.60
N GLU D 245 8.86 24.64 0.19
CA GLU D 245 9.61 23.40 0.49
C GLU D 245 10.88 23.78 1.23
N ASN D 246 11.05 23.23 2.43
CA ASN D 246 12.22 23.48 3.30
C ASN D 246 12.46 24.99 3.40
N VAL D 247 11.48 25.73 3.88
CA VAL D 247 11.56 27.19 4.17
C VAL D 247 11.34 27.39 5.67
N LYS D 248 12.23 28.11 6.33
CA LYS D 248 12.14 28.37 7.77
C LYS D 248 11.97 29.86 7.94
N VAL D 249 10.98 30.26 8.74
CA VAL D 249 10.92 31.65 9.24
C VAL D 249 11.33 31.63 10.72
N HIS D 250 12.43 32.30 11.02
CA HIS D 250 12.99 32.27 12.38
C HIS D 250 12.42 33.42 13.19
N TYR D 251 12.03 34.51 12.58
CA TYR D 251 11.31 35.51 13.40
C TYR D 251 10.61 36.48 12.48
N ALA D 252 9.47 37.02 12.91
CA ALA D 252 8.88 38.19 12.23
C ALA D 252 7.95 38.93 13.16
N GLU D 253 7.61 40.17 12.80
CA GLU D 253 6.87 41.04 13.75
C GLU D 253 5.37 40.76 13.56
N GLY D 254 4.98 39.51 13.73
CA GLY D 254 3.70 39.05 13.19
C GLY D 254 3.83 37.58 12.94
N MET D 255 3.00 37.03 12.06
CA MET D 255 2.94 35.58 11.94
C MET D 255 4.03 35.13 10.97
N GLY D 256 4.45 33.88 11.09
CA GLY D 256 5.44 33.32 10.17
C GLY D 256 4.93 33.41 8.75
N LEU D 257 3.85 32.68 8.49
CA LEU D 257 3.15 32.58 7.18
C LEU D 257 1.69 32.96 7.41
N LEU D 258 1.24 34.03 6.77
CA LEU D 258 -0.19 34.36 6.78
C LEU D 258 -0.67 34.30 5.35
N ALA D 259 -1.56 33.35 5.06
CA ALA D 259 -2.16 33.12 3.72
C ALA D 259 -3.67 33.40 3.80
N GLN D 260 -4.19 34.24 2.91
CA GLN D 260 -5.63 34.58 2.92
C GLN D 260 -6.20 34.59 1.50
N LEU D 261 -7.47 34.20 1.33
CA LEU D 261 -8.16 34.21 0.01
C LEU D 261 -7.29 33.47 -1.01
N THR D 262 -6.71 32.35 -0.60
CA THR D 262 -5.73 31.64 -1.45
C THR D 262 -6.24 30.22 -1.68
N GLU D 263 -6.10 29.72 -2.91
CA GLU D 263 -6.78 28.46 -3.24
C GLU D 263 -6.00 27.15 -3.12
N ASN D 264 -4.77 26.91 -3.12
CA ASN D 264 -4.29 25.55 -2.71
C ASN D 264 -2.90 25.83 -2.17
N ILE D 265 -2.49 25.18 -1.11
CA ILE D 265 -1.24 25.55 -0.44
C ILE D 265 -0.53 24.26 -0.03
N TYR D 266 0.69 24.10 -0.50
CA TYR D 266 1.46 22.87 -0.30
C TYR D 266 2.72 23.24 0.46
N MET D 267 2.97 22.56 1.59
CA MET D 267 4.09 22.87 2.50
C MET D 267 4.75 21.58 2.97
N ASP D 268 5.97 21.33 2.49
CA ASP D 268 6.80 20.21 2.98
C ASP D 268 8.06 20.81 3.59
N GLY D 269 8.35 20.52 4.86
CA GLY D 269 9.55 21.02 5.56
C GLY D 269 9.47 22.49 5.97
N PHE D 270 8.28 23.10 5.97
CA PHE D 270 8.11 24.47 6.48
C PHE D 270 8.52 24.42 7.95
N GLY D 271 9.25 25.41 8.41
CA GLY D 271 9.59 25.50 9.84
C GLY D 271 9.34 26.90 10.32
N VAL D 272 8.81 27.06 11.52
CA VAL D 272 9.01 28.33 12.26
C VAL D 272 9.73 27.95 13.53
N CYS D 273 11.04 28.10 13.54
CA CYS D 273 11.81 27.38 14.55
C CYS D 273 13.15 28.04 14.75
N LEU D 274 13.89 27.48 15.70
CA LEU D 274 15.28 27.87 15.99
C LEU D 274 16.20 27.17 15.01
N ARG D 275 17.42 27.66 14.94
CA ARG D 275 18.46 27.14 14.03
C ARG D 275 19.10 25.89 14.62
N GLY D 276 18.50 25.24 15.60
CA GLY D 276 19.02 23.97 16.13
C GLY D 276 19.46 24.08 17.57
N LYS D 277 20.08 23.02 18.06
CA LYS D 277 20.48 22.84 19.48
C LYS D 277 21.34 24.04 19.94
N ASN D 278 21.98 24.74 19.02
CA ASN D 278 22.97 25.78 19.41
C ASN D 278 22.34 27.16 19.33
N ASP D 279 21.08 27.29 18.90
CA ASP D 279 20.53 28.65 18.72
C ASP D 279 20.55 29.30 20.11
N PRO D 280 21.22 30.46 20.27
CA PRO D 280 21.17 31.18 21.54
C PRO D 280 19.74 31.65 21.86
N ARG D 281 18.87 31.76 20.84
CA ARG D 281 17.51 32.33 21.02
C ARG D 281 16.61 31.25 21.58
N TYR D 282 15.57 31.65 22.31
CA TYR D 282 14.56 30.74 22.88
C TYR D 282 13.19 30.95 22.19
N PHE D 283 13.09 32.00 21.39
CA PHE D 283 11.84 32.55 20.86
C PHE D 283 11.86 32.57 19.33
N THR D 284 10.69 32.52 18.66
CA THR D 284 10.60 32.66 17.19
C THR D 284 9.67 33.78 16.82
N THR D 285 8.52 33.47 16.28
CA THR D 285 7.66 34.53 15.73
C THR D 285 6.90 35.23 16.86
N GLN D 286 6.63 36.51 16.63
CA GLN D 286 5.83 37.35 17.53
C GLN D 286 4.37 36.91 17.52
N ALA D 287 3.91 36.17 16.53
CA ALA D 287 2.54 35.63 16.56
C ALA D 287 2.54 34.17 16.09
N ASP D 288 1.42 33.74 15.46
CA ASP D 288 1.22 32.36 14.98
C ASP D 288 2.31 31.96 14.00
N ALA D 289 2.73 30.70 14.02
CA ALA D 289 3.71 30.21 13.02
C ALA D 289 3.08 30.32 11.62
N THR D 290 1.97 29.62 11.39
CA THR D 290 1.24 29.49 10.09
C THR D 290 -0.23 29.79 10.36
N HIS D 291 -0.84 30.54 9.47
CA HIS D 291 -2.20 31.03 9.63
C HIS D 291 -2.86 31.13 8.26
N PHE D 292 -4.11 30.66 8.17
CA PHE D 292 -4.86 30.55 6.91
C PHE D 292 -6.27 31.10 7.08
N SER D 293 -6.45 32.32 6.63
CA SER D 293 -7.71 33.05 6.81
C SER D 293 -8.50 33.03 5.49
N GLY D 294 -9.56 32.26 5.42
CA GLY D 294 -10.48 32.32 4.27
C GLY D 294 -9.85 31.75 3.00
N CYS D 295 -9.24 30.59 3.16
CA CYS D 295 -8.59 29.88 2.07
C CYS D 295 -9.53 28.80 1.54
N LYS D 296 -9.17 28.15 0.45
CA LYS D 296 -9.99 27.03 -0.05
C LYS D 296 -9.05 26.08 -0.76
N GLY D 297 -9.62 25.14 -1.47
CA GLY D 297 -8.80 24.08 -2.05
C GLY D 297 -8.24 23.24 -0.94
N GLU D 298 -7.08 22.71 -1.19
CA GLU D 298 -6.43 21.72 -0.32
C GLU D 298 -5.24 22.43 0.30
N ILE D 299 -5.13 22.34 1.60
CA ILE D 299 -3.93 22.71 2.36
C ILE D 299 -3.23 21.46 2.88
N VAL D 300 -2.02 21.24 2.38
CA VAL D 300 -1.10 20.22 2.97
C VAL D 300 -0.01 20.95 3.75
N SER D 301 0.11 20.66 5.05
CA SER D 301 1.24 21.10 5.92
C SER D 301 1.89 19.87 6.54
N LYS D 302 3.00 19.39 5.96
CA LYS D 302 3.67 18.17 6.49
C LYS D 302 5.17 18.38 6.75
N ASN D 303 5.66 17.49 7.61
CA ASN D 303 7.06 17.33 8.04
C ASN D 303 7.65 18.70 8.40
N GLY D 304 6.97 19.47 9.25
CA GLY D 304 7.44 20.81 9.62
C GLY D 304 7.90 20.82 11.06
N LEU D 305 8.71 21.80 11.43
CA LEU D 305 9.10 22.03 12.84
C LEU D 305 8.60 23.41 13.27
N TYR D 306 7.79 23.45 14.33
CA TYR D 306 7.36 24.72 14.91
C TYR D 306 7.77 24.79 16.37
N GLU D 307 8.56 25.80 16.74
CA GLU D 307 9.01 25.91 18.15
C GLU D 307 9.13 27.36 18.60
N GLY D 308 8.74 27.58 19.84
CA GLY D 308 9.02 28.81 20.58
C GLY D 308 8.25 29.97 20.03
N MET D 309 7.12 29.75 19.37
CA MET D 309 6.40 30.89 18.80
C MET D 309 5.60 31.51 19.93
N MET D 310 5.31 32.80 19.77
CA MET D 310 4.42 33.56 20.67
C MET D 310 2.94 33.27 20.39
N ASP D 311 2.62 32.12 19.77
CA ASP D 311 1.22 31.73 19.54
C ASP D 311 1.15 30.32 18.96
N ASP D 312 0.06 29.99 18.30
CA ASP D 312 -0.15 28.61 17.80
C ASP D 312 0.70 28.34 16.57
N ALA D 313 0.91 27.06 16.32
CA ALA D 313 1.63 26.59 15.12
C ALA D 313 0.76 26.78 13.88
N ILE D 314 -0.51 26.39 13.94
CA ILE D 314 -1.41 26.57 12.77
C ILE D 314 -2.75 27.06 13.28
N ASN D 315 -3.32 28.00 12.57
CA ASN D 315 -4.71 28.41 12.82
C ASN D 315 -5.40 28.51 11.46
N ILE D 316 -6.46 27.74 11.24
CA ILE D 316 -7.18 27.66 9.93
C ILE D 316 -8.61 28.09 10.15
N HIS D 317 -9.04 29.21 9.59
CA HIS D 317 -10.36 29.74 10.01
C HIS D 317 -10.90 30.68 8.93
N GLY D 318 -12.19 31.03 9.00
CA GLY D 318 -12.78 32.12 8.20
C GLY D 318 -13.13 33.32 9.07
N THR D 319 -13.86 34.26 8.49
CA THR D 319 -14.39 35.46 9.14
C THR D 319 -15.92 35.47 9.01
N TYR D 320 -16.66 35.49 10.12
CA TYR D 320 -18.12 35.79 10.17
C TYR D 320 -18.27 37.30 9.94
N LEU D 321 -18.99 37.75 8.93
CA LEU D 321 -19.45 39.16 8.91
C LEU D 321 -20.64 39.25 9.85
N LYS D 322 -20.87 40.44 10.40
CA LYS D 322 -22.12 40.66 11.15
C LYS D 322 -23.07 41.49 10.30
N ILE D 323 -24.30 41.03 10.18
CA ILE D 323 -25.36 41.76 9.45
C ILE D 323 -25.71 43.00 10.24
N THR D 324 -25.64 44.18 9.63
CA THR D 324 -25.95 45.41 10.38
C THR D 324 -27.29 45.98 9.93
N LYS D 325 -27.74 45.65 8.74
CA LYS D 325 -28.95 46.27 8.19
C LYS D 325 -29.56 45.32 7.17
N LYS D 326 -30.88 45.11 7.15
CA LYS D 326 -31.56 44.35 6.07
C LYS D 326 -32.27 45.38 5.21
N LEU D 327 -31.87 45.50 3.95
CA LEU D 327 -32.47 46.55 3.08
C LEU D 327 -33.75 46.02 2.42
N ASP D 328 -33.85 44.71 2.14
CA ASP D 328 -35.05 44.02 1.59
C ASP D 328 -34.92 42.49 1.72
N ASP D 329 -35.77 41.72 1.05
CA ASP D 329 -35.85 40.24 1.20
C ASP D 329 -34.56 39.53 0.79
N HIS D 330 -33.74 40.21 0.00
CA HIS D 330 -32.63 39.63 -0.78
C HIS D 330 -31.29 40.32 -0.42
N THR D 331 -31.34 41.50 0.18
CA THR D 331 -30.17 42.39 0.28
C THR D 331 -29.90 42.74 1.75
N VAL D 332 -28.67 42.52 2.19
CA VAL D 332 -28.27 42.98 3.54
C VAL D 332 -27.01 43.83 3.41
N ILE D 333 -26.74 44.68 4.41
CA ILE D 333 -25.41 45.27 4.66
C ILE D 333 -24.78 44.46 5.80
N ALA D 334 -23.54 44.01 5.59
CA ALA D 334 -22.76 43.21 6.55
C ALA D 334 -21.35 43.80 6.70
N ASN D 335 -20.79 43.61 7.89
CA ASN D 335 -19.64 44.42 8.33
C ASN D 335 -18.56 43.51 8.90
N TYR D 336 -17.30 43.93 8.73
CA TYR D 336 -16.11 43.32 9.37
C TYR D 336 -16.08 43.88 10.78
N MET D 337 -16.00 43.02 11.80
CA MET D 337 -16.26 43.50 13.17
C MET D 337 -14.97 43.72 13.99
N HIS D 338 -13.89 43.01 13.71
CA HIS D 338 -12.68 42.99 14.55
C HIS D 338 -11.65 43.99 14.02
N GLU D 339 -10.79 44.55 14.88
CA GLU D 339 -9.83 45.60 14.42
C GLU D 339 -8.70 44.99 13.59
N GLN D 340 -8.44 43.70 13.77
CA GLN D 340 -7.29 43.02 13.14
C GLN D 340 -7.72 42.23 11.90
N SER D 341 -8.99 42.11 11.53
CA SER D 341 -9.34 41.46 10.23
C SER D 341 -10.34 42.32 9.48
N TYR D 342 -9.86 43.25 8.67
CA TYR D 342 -10.71 44.06 7.75
C TYR D 342 -9.88 44.40 6.51
N GLY D 343 -10.50 44.82 5.40
CA GLY D 343 -9.83 45.62 4.33
C GLY D 343 -9.59 44.81 3.08
N PHE D 344 -9.89 43.51 3.18
CA PHE D 344 -9.81 42.53 2.10
C PHE D 344 -11.20 41.95 1.81
N ASP D 345 -11.38 41.46 0.60
CA ASP D 345 -12.63 40.85 0.13
C ASP D 345 -13.00 39.64 0.98
N TRP D 346 -14.29 39.31 0.94
CA TRP D 346 -14.91 38.28 1.80
C TRP D 346 -15.54 37.20 0.92
N GLY D 347 -16.04 37.59 -0.25
CA GLY D 347 -16.73 36.62 -1.12
C GLY D 347 -16.91 37.07 -2.56
N ASN D 348 -17.44 36.16 -3.36
CA ASN D 348 -17.70 36.38 -4.79
C ASN D 348 -19.05 35.78 -5.16
N ILE D 349 -19.59 36.27 -6.27
CA ILE D 349 -20.83 35.76 -6.89
C ILE D 349 -20.75 34.24 -6.95
N ARG D 350 -21.78 33.59 -6.45
CA ARG D 350 -22.00 32.12 -6.50
C ARG D 350 -21.37 31.47 -5.26
N ASP D 351 -20.88 32.24 -4.32
CA ASP D 351 -20.39 31.64 -3.05
C ASP D 351 -21.61 31.12 -2.27
N THR D 352 -21.50 29.93 -1.73
CA THR D 352 -22.44 29.36 -0.73
C THR D 352 -22.24 30.09 0.62
N VAL D 353 -23.32 30.58 1.21
CA VAL D 353 -23.29 31.25 2.54
C VAL D 353 -24.31 30.54 3.45
N GLN D 354 -24.04 30.49 4.76
CA GLN D 354 -25.05 30.10 5.78
C GLN D 354 -25.12 31.24 6.79
N PHE D 355 -26.23 31.33 7.53
CA PHE D 355 -26.42 32.37 8.58
C PHE D 355 -26.43 31.73 9.96
N ILE D 356 -25.97 32.54 10.93
CA ILE D 356 -25.78 32.15 12.35
C ILE D 356 -26.45 33.13 13.30
N GLN D 357 -27.16 32.54 14.26
CA GLN D 357 -27.75 33.22 15.42
C GLN D 357 -26.64 33.43 16.43
N SER D 358 -26.05 34.62 16.40
CA SER D 358 -24.82 34.91 17.15
C SER D 358 -25.01 34.51 18.61
N LYS D 359 -26.16 34.78 19.20
CA LYS D 359 -26.22 34.73 20.67
C LYS D 359 -26.19 33.28 21.17
N THR D 360 -26.76 32.33 20.45
CA THR D 360 -26.79 30.91 20.88
C THR D 360 -25.90 30.06 19.96
N MET D 361 -25.20 30.70 19.01
CA MET D 361 -24.33 30.01 18.02
C MET D 361 -25.12 28.87 17.31
N GLU D 362 -26.20 29.27 16.69
CA GLU D 362 -27.09 28.32 16.00
C GLU D 362 -27.16 28.74 14.55
N LEU D 363 -26.94 27.75 13.71
CA LEU D 363 -27.06 27.89 12.25
C LEU D 363 -28.52 27.79 11.84
N TRP D 364 -28.90 28.61 10.87
CA TRP D 364 -30.08 28.33 10.03
C TRP D 364 -29.67 27.37 8.90
N ASP D 365 -30.45 26.27 8.77
CA ASP D 365 -30.23 25.20 7.77
C ASP D 365 -30.36 25.77 6.37
N ALA D 366 -31.15 26.82 6.22
CA ALA D 366 -31.33 27.57 4.96
C ALA D 366 -30.02 28.21 4.52
N LYS D 367 -29.38 27.62 3.54
CA LYS D 367 -28.22 28.20 2.87
C LYS D 367 -28.66 29.17 1.78
N ASN D 368 -27.70 29.93 1.28
CA ASN D 368 -27.99 30.92 0.25
C ASN D 368 -26.79 31.00 -0.67
N THR D 369 -26.84 31.93 -1.61
CA THR D 369 -25.87 32.04 -2.70
C THR D 369 -25.69 33.52 -2.95
N ILE D 370 -24.47 33.97 -3.09
CA ILE D 370 -24.27 35.42 -3.30
C ILE D 370 -24.58 35.73 -4.74
N ALA D 371 -25.44 36.69 -4.98
CA ALA D 371 -25.85 37.13 -6.33
C ALA D 371 -25.01 38.33 -6.73
N SER D 372 -24.73 39.18 -5.76
CA SER D 372 -24.02 40.47 -5.93
C SER D 372 -23.28 40.72 -4.62
N ILE D 373 -22.11 41.32 -4.68
CA ILE D 373 -21.39 41.75 -3.45
C ILE D 373 -20.46 42.89 -3.82
N LYS D 374 -20.63 44.02 -3.16
CA LYS D 374 -19.86 45.23 -3.47
C LYS D 374 -19.50 45.91 -2.15
N PRO D 375 -18.22 46.24 -1.89
CA PRO D 375 -17.90 47.00 -0.69
C PRO D 375 -18.51 48.40 -0.74
N ILE D 376 -18.89 48.95 0.41
CA ILE D 376 -19.48 50.32 0.51
C ILE D 376 -18.42 51.23 1.11
N LEU D 377 -18.07 52.29 0.38
CA LEU D 377 -16.97 53.20 0.76
C LEU D 377 -17.36 54.65 0.47
N ARG D 378 -17.25 55.55 1.45
CA ARG D 378 -17.47 57.00 1.26
C ARG D 378 -16.29 57.65 0.51
N ASN D 379 -15.22 56.92 0.24
CA ASN D 379 -14.02 57.43 -0.48
C ASN D 379 -13.38 56.26 -1.22
N SER D 380 -13.10 56.36 -2.52
CA SER D 380 -12.51 55.22 -3.27
C SER D 380 -11.31 54.63 -2.49
N THR D 381 -10.54 55.48 -1.80
CA THR D 381 -9.30 55.08 -1.10
C THR D 381 -9.57 54.39 0.22
N ASP D 382 -10.73 54.59 0.86
CA ASP D 382 -11.14 53.90 2.11
C ASP D 382 -10.91 52.41 1.99
N PRO D 383 -10.60 51.75 3.11
CA PRO D 383 -10.49 50.30 3.14
C PRO D 383 -11.84 49.61 3.30
N ILE D 384 -11.88 48.35 2.93
CA ILE D 384 -13.15 47.56 2.93
C ILE D 384 -13.51 47.20 4.38
N LYS D 385 -14.55 47.84 4.94
CA LYS D 385 -15.05 47.52 6.30
C LYS D 385 -16.46 46.91 6.21
N GLU D 386 -17.17 47.18 5.12
CA GLU D 386 -18.64 47.06 4.98
C GLU D 386 -19.03 46.64 3.57
N PHE D 387 -19.75 45.53 3.40
CA PHE D 387 -20.30 45.11 2.09
C PHE D 387 -21.83 45.28 1.98
N ARG D 388 -22.31 45.40 0.75
CA ARG D 388 -23.73 45.15 0.39
C ARG D 388 -23.84 43.83 -0.34
N ILE D 389 -24.39 42.80 0.30
CA ILE D 389 -24.51 41.44 -0.29
C ILE D 389 -25.95 41.18 -0.75
N GLU D 390 -26.14 40.70 -1.98
CA GLU D 390 -27.46 40.24 -2.49
C GLU D 390 -27.48 38.72 -2.63
N PHE D 391 -28.55 38.10 -2.20
CA PHE D 391 -28.62 36.62 -2.24
C PHE D 391 -29.59 36.23 -3.37
N THR D 392 -29.40 35.05 -3.97
CA THR D 392 -30.30 34.56 -5.06
C THR D 392 -31.66 34.22 -4.45
N LYS D 393 -31.70 33.53 -3.30
CA LYS D 393 -32.92 33.13 -2.56
C LYS D 393 -33.31 34.23 -1.55
N ALA D 394 -34.60 34.32 -1.22
CA ALA D 394 -35.14 35.36 -0.32
C ALA D 394 -34.95 34.84 1.09
N LEU D 395 -34.76 35.75 2.05
CA LEU D 395 -34.40 35.45 3.45
C LEU D 395 -35.68 35.32 4.27
N ASP D 396 -35.76 34.27 5.07
CA ASP D 396 -36.87 34.08 6.02
C ASP D 396 -36.89 35.32 6.92
N PRO D 397 -38.02 36.02 7.15
CA PRO D 397 -38.00 37.26 7.95
C PRO D 397 -37.40 37.14 9.37
N VAL D 398 -37.09 35.92 9.80
CA VAL D 398 -36.39 35.66 11.10
C VAL D 398 -34.94 36.14 11.01
N ILE D 399 -34.47 36.33 9.77
CA ILE D 399 -33.11 36.88 9.51
C ILE D 399 -33.26 38.38 9.33
N ASP D 400 -33.39 39.05 10.47
CA ASP D 400 -33.43 40.52 10.55
C ASP D 400 -32.50 40.94 11.68
N PRO D 401 -31.48 41.78 11.40
CA PRO D 401 -30.54 42.27 12.41
C PRO D 401 -31.24 42.99 13.58
N SER D 402 -32.42 43.57 13.34
CA SER D 402 -33.15 44.32 14.39
C SER D 402 -33.97 43.34 15.25
N LYS D 403 -33.99 42.05 14.94
CA LYS D 403 -34.58 41.05 15.86
C LYS D 403 -33.50 40.46 16.76
N GLN D 404 -32.29 40.20 16.23
CA GLN D 404 -31.21 39.62 17.06
C GLN D 404 -29.87 39.78 16.37
N ASP D 405 -28.83 39.28 17.00
CA ASP D 405 -27.49 39.42 16.40
C ASP D 405 -27.30 38.27 15.42
N ILE D 406 -27.03 38.61 14.15
CA ILE D 406 -26.90 37.62 13.05
C ILE D 406 -25.52 37.75 12.35
N GLY D 407 -24.90 36.60 12.10
CA GLY D 407 -23.62 36.50 11.37
C GLY D 407 -23.74 35.63 10.13
N ILE D 408 -22.80 35.77 9.19
CA ILE D 408 -22.71 35.07 7.88
C ILE D 408 -21.35 34.37 7.78
N GLU D 409 -21.35 33.05 7.53
CA GLU D 409 -20.11 32.27 7.26
C GLU D 409 -20.10 32.06 5.74
N ASN D 410 -18.96 32.26 5.08
CA ASN D 410 -18.77 31.91 3.65
C ASN D 410 -18.27 30.47 3.55
N LEU D 411 -19.16 29.55 3.25
CA LEU D 411 -18.83 28.11 3.20
C LEU D 411 -17.99 27.79 1.95
N SER D 412 -17.83 28.72 1.01
CA SER D 412 -17.10 28.46 -0.25
C SER D 412 -15.60 28.63 0.00
N TRP D 413 -15.23 29.69 0.70
CA TRP D 413 -13.83 29.89 1.13
C TRP D 413 -13.53 29.08 2.37
N THR D 414 -13.52 27.75 2.29
CA THR D 414 -13.18 26.86 3.41
C THR D 414 -12.23 25.81 2.84
N PRO D 415 -11.02 25.62 3.40
CA PRO D 415 -10.11 24.63 2.82
C PRO D 415 -10.24 23.25 3.47
N SER D 416 -9.88 22.22 2.72
CA SER D 416 -9.66 20.87 3.29
C SER D 416 -8.21 20.84 3.81
N VAL D 417 -7.89 19.94 4.74
CA VAL D 417 -6.61 20.08 5.47
C VAL D 417 -5.99 18.73 5.71
N VAL D 418 -4.69 18.64 5.40
CA VAL D 418 -3.81 17.54 5.86
C VAL D 418 -2.68 18.20 6.66
N PHE D 419 -2.60 17.86 7.91
CA PHE D 419 -1.57 18.40 8.83
C PHE D 419 -0.91 17.18 9.44
N THR D 420 0.19 16.72 8.84
CA THR D 420 0.81 15.44 9.25
C THR D 420 2.32 15.55 9.46
N GLY D 421 2.80 14.64 10.31
CA GLY D 421 4.22 14.45 10.68
C GLY D 421 4.93 15.73 11.08
N ASN D 422 4.26 16.69 11.72
CA ASN D 422 4.90 17.95 12.17
C ASN D 422 5.35 17.77 13.64
N THR D 423 6.23 18.66 14.11
CA THR D 423 6.62 18.73 15.53
C THR D 423 6.28 20.12 16.04
N ILE D 424 5.42 20.19 17.06
CA ILE D 424 5.14 21.48 17.74
C ILE D 424 5.61 21.43 19.19
N ARG D 425 6.33 22.49 19.58
CA ARG D 425 6.88 22.46 20.95
C ARG D 425 7.18 23.86 21.46
N ASN D 426 7.12 23.94 22.78
CA ASN D 426 7.66 25.05 23.59
C ASN D 426 7.06 26.35 23.05
N ASN D 427 5.73 26.41 22.89
CA ASN D 427 5.10 27.61 22.26
C ASN D 427 4.00 28.12 23.16
N ARG D 428 3.73 29.39 23.03
CA ARG D 428 2.68 30.07 23.82
C ARG D 428 1.31 29.71 23.26
N ALA D 429 0.30 29.75 24.10
CA ALA D 429 -1.11 29.54 23.72
C ALA D 429 -1.27 28.07 23.33
N ARG D 430 -2.17 27.80 22.40
CA ARG D 430 -2.49 26.44 21.92
C ARG D 430 -1.44 25.94 20.90
N GLY D 431 -1.47 24.65 20.59
CA GLY D 431 -0.66 24.05 19.51
C GLY D 431 -1.25 24.34 18.14
N ALA D 432 -2.52 24.03 17.95
CA ALA D 432 -3.16 23.96 16.61
C ALA D 432 -4.64 24.32 16.72
N LEU D 433 -5.11 25.25 15.90
CA LEU D 433 -6.53 25.63 15.82
C LEU D 433 -7.05 25.19 14.47
N PHE D 434 -8.15 24.42 14.47
CA PHE D 434 -8.84 24.01 13.22
C PHE D 434 -10.29 24.44 13.29
N SER D 435 -10.71 25.20 12.29
CA SER D 435 -12.10 25.69 12.20
C SER D 435 -12.60 25.49 10.78
N THR D 436 -12.68 24.25 10.31
CA THR D 436 -13.14 24.14 8.90
C THR D 436 -14.16 23.02 8.79
N PRO D 437 -15.26 23.34 8.10
CA PRO D 437 -16.29 22.33 7.81
C PRO D 437 -15.73 21.22 6.90
N LYS D 438 -14.65 21.51 6.17
CA LYS D 438 -14.13 20.60 5.12
C LYS D 438 -13.33 19.47 5.79
N PRO D 439 -13.10 18.35 5.11
CA PRO D 439 -12.42 17.23 5.73
C PRO D 439 -11.02 17.60 6.17
N THR D 440 -10.63 17.11 7.34
CA THR D 440 -9.40 17.56 8.05
C THR D 440 -8.73 16.35 8.65
N LEU D 441 -7.49 16.11 8.28
CA LEU D 441 -6.67 15.03 8.87
C LEU D 441 -5.52 15.65 9.68
N VAL D 442 -5.38 15.25 10.94
CA VAL D 442 -4.36 15.76 11.90
C VAL D 442 -3.70 14.50 12.43
N ALA D 443 -2.54 14.12 11.88
CA ALA D 443 -1.99 12.77 12.10
C ALA D 443 -0.46 12.76 12.17
N ASN D 444 0.05 11.79 12.91
CA ASN D 444 1.48 11.61 13.28
C ASN D 444 2.17 12.92 13.56
N ASN D 445 1.53 13.81 14.32
CA ASN D 445 2.20 15.01 14.84
C ASN D 445 2.70 14.72 16.26
N LEU D 446 3.78 15.43 16.64
CA LEU D 446 4.34 15.49 18.01
C LEU D 446 4.06 16.87 18.59
N PHE D 447 3.27 16.87 19.65
CA PHE D 447 3.01 18.05 20.49
C PHE D 447 3.83 17.93 21.78
N ASP D 448 5.08 18.44 21.75
CA ASP D 448 6.08 18.22 22.82
C ASP D 448 6.12 19.47 23.67
N HIS D 449 5.45 19.47 24.82
CA HIS D 449 5.41 20.60 25.77
C HIS D 449 4.95 21.86 25.05
N THR D 450 3.79 21.86 24.43
CA THR D 450 3.09 23.11 24.12
C THR D 450 2.68 23.71 25.46
N SER D 451 2.60 25.03 25.56
CA SER D 451 2.38 25.66 26.88
C SER D 451 0.92 25.35 27.24
N GLY D 452 0.02 25.63 26.31
CA GLY D 452 -1.43 25.46 26.50
C GLY D 452 -1.93 24.12 26.00
N CYS D 453 -3.11 24.13 25.39
CA CYS D 453 -3.71 22.86 24.93
C CYS D 453 -3.15 22.52 23.54
N ALA D 454 -3.08 21.23 23.25
CA ALA D 454 -2.51 20.75 22.00
C ALA D 454 -3.38 21.24 20.82
N ILE D 455 -4.70 21.04 20.90
CA ILE D 455 -5.61 21.28 19.75
C ILE D 455 -6.83 22.03 20.21
N LEU D 456 -7.26 23.02 19.47
CA LEU D 456 -8.46 23.80 19.81
C LEU D 456 -9.37 23.97 18.58
N LEU D 457 -10.61 23.47 18.69
CA LEU D 457 -11.68 23.74 17.71
C LEU D 457 -12.59 24.75 18.36
N CYS D 458 -12.70 25.96 17.86
CA CYS D 458 -13.38 27.07 18.58
C CYS D 458 -14.10 27.96 17.59
N GLY D 459 -15.38 28.21 17.46
CA GLY D 459 -15.79 29.38 16.66
C GLY D 459 -16.31 30.50 17.53
N ASP D 460 -16.40 31.70 16.99
CA ASP D 460 -16.92 32.85 17.76
C ASP D 460 -17.47 33.90 16.79
N SER D 461 -18.74 34.33 16.97
CA SER D 461 -19.39 35.42 16.19
C SER D 461 -19.79 36.59 17.09
N ASN D 462 -19.00 36.84 18.12
CA ASN D 462 -19.34 37.91 19.07
C ASN D 462 -18.09 38.74 19.37
N GLY D 463 -16.91 38.12 19.45
CA GLY D 463 -15.71 38.88 19.79
C GLY D 463 -14.71 38.90 18.67
N TRP D 464 -14.16 37.74 18.36
CA TRP D 464 -13.08 37.65 17.36
C TRP D 464 -13.64 37.37 15.96
N TYR D 465 -14.90 36.95 15.85
CA TYR D 465 -15.61 36.82 14.57
C TYR D 465 -14.82 35.90 13.64
N GLU D 466 -14.37 34.77 14.18
CA GLU D 466 -13.61 33.76 13.42
C GLU D 466 -14.44 32.50 13.25
N THR D 467 -14.69 32.09 12.01
CA THR D 467 -15.64 31.01 11.71
C THR D 467 -14.96 29.69 12.00
N GLY D 468 -15.80 28.70 12.23
CA GLY D 468 -15.29 27.34 12.31
C GLY D 468 -16.25 26.34 12.90
N SER D 469 -17.50 26.28 12.45
CA SER D 469 -18.26 25.03 12.74
C SER D 469 -17.59 23.91 11.92
N CYS D 470 -16.95 22.97 12.60
CA CYS D 470 -16.29 21.76 12.05
C CYS D 470 -17.33 20.68 11.74
N ARG D 471 -17.07 19.90 10.72
CA ARG D 471 -18.01 18.82 10.34
C ARG D 471 -17.28 17.51 10.07
N ASP D 472 -15.97 17.55 9.94
CA ASP D 472 -15.29 16.32 9.51
C ASP D 472 -13.81 16.43 9.83
N ILE D 473 -13.37 15.71 10.86
CA ILE D 473 -12.01 15.92 11.42
C ILE D 473 -11.55 14.65 12.12
N THR D 474 -10.43 14.10 11.66
CA THR D 474 -9.79 12.94 12.28
C THR D 474 -8.47 13.39 12.90
N ILE D 475 -8.37 13.23 14.21
CA ILE D 475 -7.12 13.48 14.99
C ILE D 475 -6.63 12.10 15.39
N ARG D 476 -5.64 11.59 14.66
CA ARG D 476 -5.22 10.17 14.83
C ARG D 476 -3.70 10.05 14.84
N ASP D 477 -3.24 9.04 15.58
CA ASP D 477 -1.81 8.65 15.65
C ASP D 477 -0.92 9.84 16.02
N ASN D 478 -1.38 10.70 16.91
CA ASN D 478 -0.55 11.81 17.40
C ASN D 478 0.03 11.45 18.76
N LYS D 479 1.01 12.23 19.15
CA LYS D 479 1.66 12.06 20.46
C LYS D 479 1.59 13.42 21.15
N PHE D 480 1.00 13.42 22.32
CA PHE D 480 0.82 14.65 23.13
C PHE D 480 1.61 14.45 24.42
N VAL D 481 2.69 15.21 24.59
CA VAL D 481 3.56 15.07 25.78
C VAL D 481 3.43 16.34 26.63
N ASN D 482 3.02 16.15 27.89
CA ASN D 482 2.92 17.20 28.94
C ASN D 482 2.47 18.55 28.35
N ALA D 483 1.32 18.51 27.68
CA ALA D 483 0.57 19.71 27.27
C ALA D 483 -0.15 20.29 28.48
N LEU D 484 -0.45 21.57 28.35
CA LEU D 484 -1.18 22.39 29.34
C LEU D 484 -0.34 22.47 30.62
N THR D 485 0.81 23.10 30.56
CA THR D 485 1.54 23.48 31.78
C THR D 485 1.18 24.91 32.13
N SER D 486 0.43 25.61 31.28
CA SER D 486 0.07 27.01 31.54
C SER D 486 -1.32 27.25 30.97
N MET D 487 -2.08 28.16 31.56
CA MET D 487 -3.46 28.48 31.16
C MET D 487 -3.44 29.68 30.22
N TYR D 488 -4.29 29.59 29.19
CA TYR D 488 -4.62 30.66 28.19
C TYR D 488 -6.10 30.52 27.82
N GLN D 489 -6.63 31.52 27.14
CA GLN D 489 -8.03 31.43 26.68
C GLN D 489 -8.28 30.00 26.21
N PHE D 490 -9.36 29.39 26.69
CA PHE D 490 -9.91 28.12 26.16
C PHE D 490 -9.08 26.89 26.52
N THR D 491 -8.07 26.97 27.36
CA THR D 491 -7.20 25.79 27.57
C THR D 491 -7.78 24.91 28.67
N SER D 492 -8.81 24.14 28.34
CA SER D 492 -9.59 23.35 29.32
C SER D 492 -9.11 21.90 29.39
N ALA D 493 -8.49 21.38 28.33
CA ALA D 493 -7.96 19.99 28.28
C ALA D 493 -6.93 19.88 27.15
N ILE D 494 -6.19 18.79 27.12
CA ILE D 494 -5.16 18.64 26.07
C ILE D 494 -5.84 18.91 24.73
N ILE D 495 -6.96 18.25 24.47
CA ILE D 495 -7.83 18.60 23.30
C ILE D 495 -9.06 19.32 23.85
N SER D 496 -9.23 20.57 23.42
CA SER D 496 -10.35 21.44 23.84
C SER D 496 -11.26 21.71 22.65
N ILE D 497 -12.52 21.29 22.74
CA ILE D 497 -13.51 21.68 21.71
C ILE D 497 -14.38 22.74 22.35
N TYR D 498 -14.05 24.01 22.13
CA TYR D 498 -14.60 25.13 22.93
C TYR D 498 -15.02 26.26 22.00
N PRO D 499 -16.20 26.19 21.42
CA PRO D 499 -16.78 27.35 20.75
C PRO D 499 -17.24 28.41 21.75
N GLU D 500 -17.12 29.68 21.36
CA GLU D 500 -17.60 30.84 22.15
C GLU D 500 -19.09 31.07 21.90
N ILE D 501 -19.85 30.59 22.88
CA ILE D 501 -21.32 30.60 22.97
C ILE D 501 -21.77 31.43 24.17
N PRO D 502 -22.15 32.72 23.97
CA PRO D 502 -22.75 33.55 25.03
C PRO D 502 -23.92 32.91 25.79
N ASP D 503 -24.89 32.27 25.12
CA ASP D 503 -26.07 31.71 25.83
C ASP D 503 -26.15 30.20 25.60
N LEU D 504 -25.38 29.41 26.34
CA LEU D 504 -25.39 27.94 26.13
C LEU D 504 -26.71 27.34 26.65
N THR D 505 -27.35 27.84 27.71
CA THR D 505 -28.43 26.99 28.28
C THR D 505 -29.61 26.94 27.31
N ASN D 506 -29.79 27.97 26.49
CA ASN D 506 -30.89 28.02 25.47
C ASN D 506 -30.56 27.46 24.09
N GLN D 507 -29.34 26.99 23.87
CA GLN D 507 -28.91 26.46 22.55
C GLN D 507 -29.55 25.09 22.36
N LYS D 508 -30.18 24.87 21.18
CA LYS D 508 -30.87 23.61 20.79
C LYS D 508 -30.00 22.85 19.80
N LYS D 509 -29.28 23.58 18.96
CA LYS D 509 -28.49 23.03 17.84
C LYS D 509 -27.03 22.90 18.28
N TYR D 510 -26.41 21.78 17.95
CA TYR D 510 -24.97 21.58 18.20
C TYR D 510 -24.15 22.29 17.13
N PHE D 511 -23.08 22.98 17.55
CA PHE D 511 -22.25 23.82 16.66
C PHE D 511 -21.27 22.97 15.82
N HIS D 512 -20.55 22.05 16.47
CA HIS D 512 -19.55 21.17 15.81
C HIS D 512 -20.13 19.76 15.62
N SER D 513 -19.66 19.06 14.61
CA SER D 513 -20.06 17.66 14.37
C SER D 513 -18.92 16.88 13.73
N GLY D 514 -18.96 15.56 13.89
CA GLY D 514 -18.12 14.62 13.14
C GLY D 514 -16.66 14.75 13.55
N ILE D 515 -16.44 14.70 14.85
CA ILE D 515 -15.06 14.74 15.36
C ILE D 515 -14.66 13.32 15.71
N ARG D 516 -13.54 12.87 15.16
CA ARG D 516 -12.99 11.53 15.45
C ARG D 516 -11.58 11.66 16.06
N ILE D 517 -11.40 11.09 17.23
CA ILE D 517 -10.11 11.14 17.97
C ILE D 517 -9.72 9.68 18.18
N LEU D 518 -8.81 9.19 17.37
CA LEU D 518 -8.50 7.73 17.38
C LEU D 518 -6.99 7.47 17.46
N ASN D 519 -6.64 6.50 18.29
CA ASN D 519 -5.28 5.90 18.37
C ASN D 519 -4.25 7.00 18.60
N ASN D 520 -4.44 7.80 19.65
CA ASN D 520 -3.48 8.83 20.07
C ASN D 520 -2.83 8.38 21.38
N GLN D 521 -1.70 9.02 21.66
CA GLN D 521 -0.99 8.81 22.93
C GLN D 521 -0.94 10.16 23.65
N PHE D 522 -1.42 10.12 24.88
CA PHE D 522 -1.43 11.25 25.84
C PHE D 522 -0.49 10.90 26.98
N ASP D 523 0.68 11.53 26.99
CA ASP D 523 1.57 11.50 28.17
C ASP D 523 1.25 12.78 28.93
N THR D 524 0.72 12.60 30.14
CA THR D 524 0.25 13.74 30.97
C THR D 524 0.51 13.43 32.45
N PHE D 525 0.66 14.52 33.18
CA PHE D 525 0.93 14.64 34.64
C PHE D 525 -0.35 15.02 35.36
N ASP D 526 -1.25 15.68 34.63
CA ASP D 526 -2.54 16.22 35.13
C ASP D 526 -3.69 15.28 34.73
N GLN D 527 -4.91 15.80 34.74
CA GLN D 527 -6.16 15.01 34.50
C GLN D 527 -6.79 15.33 33.14
N PRO D 528 -7.10 16.59 32.78
CA PRO D 528 -7.91 16.90 31.60
C PRO D 528 -7.36 16.44 30.22
N ILE D 529 -8.11 15.56 29.52
CA ILE D 529 -7.71 14.95 28.21
C ILE D 529 -8.56 15.58 27.11
N LEU D 530 -9.88 15.55 27.28
CA LEU D 530 -10.84 16.06 26.29
C LEU D 530 -11.90 16.92 27.00
N TYR D 531 -12.06 18.15 26.54
CA TYR D 531 -13.18 19.03 26.89
C TYR D 531 -14.00 19.29 25.63
N ALA D 532 -15.32 19.18 25.70
CA ALA D 532 -16.15 19.27 24.50
C ALA D 532 -17.43 20.03 24.81
N LYS D 533 -17.66 21.12 24.10
CA LYS D 533 -18.87 21.95 24.25
C LYS D 533 -19.55 22.12 22.89
N SER D 534 -20.82 21.70 22.80
CA SER D 534 -21.73 21.88 21.64
C SER D 534 -21.29 20.99 20.47
N VAL D 535 -21.27 19.69 20.71
CA VAL D 535 -20.84 18.73 19.67
C VAL D 535 -21.90 17.67 19.46
N ASP D 536 -22.21 17.43 18.20
CA ASP D 536 -23.00 16.26 17.81
C ASP D 536 -22.11 15.31 17.02
N GLY D 537 -21.73 14.17 17.62
CA GLY D 537 -20.83 13.20 16.97
C GLY D 537 -19.40 13.39 17.42
N LEU D 538 -18.99 12.57 18.38
CA LEU D 538 -17.66 12.67 19.02
C LEU D 538 -17.15 11.25 19.24
N VAL D 539 -16.17 10.82 18.44
CA VAL D 539 -15.58 9.46 18.58
C VAL D 539 -14.25 9.58 19.32
N PHE D 540 -14.08 8.79 20.36
CA PHE D 540 -12.84 8.72 21.15
C PHE D 540 -12.51 7.26 21.32
N THR D 541 -11.62 6.72 20.50
CA THR D 541 -11.37 5.25 20.51
C THR D 541 -9.88 4.93 20.32
N GLY D 542 -9.50 3.84 20.98
CA GLY D 542 -8.17 3.22 20.91
C GLY D 542 -7.06 4.15 21.36
N ASN D 543 -7.35 5.08 22.26
CA ASN D 543 -6.35 6.07 22.75
C ASN D 543 -5.70 5.56 24.03
N LYS D 544 -4.50 6.02 24.27
CA LYS D 544 -3.62 5.55 25.36
C LYS D 544 -3.24 6.75 26.21
N ILE D 545 -3.54 6.64 27.50
CA ILE D 545 -3.18 7.72 28.42
C ILE D 545 -2.19 7.14 29.40
N GLN D 546 -1.03 7.80 29.42
CA GLN D 546 0.13 7.41 30.23
C GLN D 546 0.44 8.56 31.19
N THR D 547 0.44 8.23 32.49
CA THR D 547 0.63 9.23 33.55
C THR D 547 2.13 9.38 33.79
N ASN D 548 2.55 10.58 34.14
CA ASN D 548 3.92 10.84 34.62
C ASN D 548 3.85 11.88 35.74
N LYS D 549 4.94 12.18 36.44
CA LYS D 549 4.93 13.21 37.51
C LYS D 549 5.93 14.32 37.25
N GLU D 550 6.26 14.62 35.97
CA GLU D 550 7.32 15.61 35.62
C GLU D 550 6.91 16.99 36.13
N TYR D 551 5.62 17.18 36.37
CA TYR D 551 5.10 18.41 36.99
C TYR D 551 3.90 18.08 37.88
N PRO D 552 3.59 18.96 38.84
CA PRO D 552 2.38 18.77 39.66
C PRO D 552 1.07 18.95 38.89
N ALA D 553 0.11 18.07 39.12
CA ALA D 553 -1.28 18.30 38.65
C ALA D 553 -1.73 19.68 39.14
N PHE D 554 -2.42 20.49 38.35
CA PHE D 554 -2.92 21.77 38.91
C PHE D 554 -4.26 22.26 38.32
N HIS D 555 -4.75 21.66 37.25
CA HIS D 555 -5.81 22.25 36.40
C HIS D 555 -7.09 22.26 37.20
N SER D 556 -7.85 23.35 37.10
CA SER D 556 -9.12 23.47 37.88
C SER D 556 -10.09 22.37 37.44
N ASN D 557 -10.10 22.02 36.16
CA ASN D 557 -10.88 20.88 35.63
C ASN D 557 -10.15 19.59 36.01
N LYS D 558 -10.63 18.83 37.00
CA LYS D 558 -10.00 17.58 37.49
C LYS D 558 -10.67 16.36 36.86
N LYS D 559 -11.32 16.54 35.71
CA LYS D 559 -11.99 15.41 35.01
C LYS D 559 -11.24 15.10 33.73
N ARG D 560 -10.89 13.83 33.51
CA ARG D 560 -10.33 13.41 32.20
C ARG D 560 -11.26 13.86 31.06
N PHE D 561 -12.56 13.57 31.16
CA PHE D 561 -13.53 13.94 30.12
C PHE D 561 -14.61 14.85 30.71
N LEU D 562 -14.80 16.00 30.08
CA LEU D 562 -15.77 17.02 30.49
C LEU D 562 -16.59 17.39 29.24
N PHE D 563 -17.87 17.02 29.22
CA PHE D 563 -18.77 17.27 28.07
C PHE D 563 -19.87 18.25 28.50
N GLU D 564 -20.13 19.28 27.70
CA GLU D 564 -21.25 20.23 27.88
C GLU D 564 -22.00 20.36 26.56
N ARG D 565 -23.24 19.87 26.50
CA ARG D 565 -24.14 19.92 25.30
C ARG D 565 -23.49 19.08 24.21
N VAL D 566 -23.27 17.82 24.54
CA VAL D 566 -22.60 16.86 23.66
C VAL D 566 -23.49 15.63 23.53
N ILE D 567 -23.90 15.33 22.30
CA ILE D 567 -24.48 14.01 21.97
C ILE D 567 -23.55 13.32 20.98
N GLY D 568 -23.84 12.04 20.77
CA GLY D 568 -23.29 11.24 19.67
C GLY D 568 -21.94 10.71 20.06
N VAL D 569 -21.78 10.33 21.31
CA VAL D 569 -20.44 9.97 21.82
C VAL D 569 -20.24 8.48 21.67
N ASP D 570 -19.08 8.16 21.09
CA ASP D 570 -18.59 6.78 20.89
C ASP D 570 -17.25 6.66 21.57
N PHE D 571 -17.15 5.75 22.52
CA PHE D 571 -16.00 5.73 23.43
C PHE D 571 -15.67 4.28 23.76
N SER D 572 -14.66 3.75 23.10
CA SER D 572 -14.23 2.35 23.30
C SER D 572 -12.71 2.20 23.09
N ASP D 573 -12.19 1.13 23.69
CA ASP D 573 -10.79 0.65 23.51
C ASP D 573 -9.80 1.70 24.06
N ASN D 574 -10.22 2.57 24.97
CA ASN D 574 -9.28 3.55 25.57
C ASN D 574 -8.68 2.96 26.85
N LYS D 575 -7.49 3.43 27.21
CA LYS D 575 -6.77 2.93 28.40
C LYS D 575 -6.09 4.07 29.16
N VAL D 576 -5.94 3.85 30.46
CA VAL D 576 -5.10 4.74 31.31
C VAL D 576 -4.11 3.82 32.01
N ASP D 577 -2.83 4.05 31.73
CA ASP D 577 -1.70 3.28 32.31
C ASP D 577 -1.99 1.80 32.03
N GLY D 578 -2.48 1.51 30.82
CA GLY D 578 -2.71 0.15 30.32
C GLY D 578 -3.97 -0.50 30.89
N LYS D 579 -4.74 0.21 31.70
CA LYS D 579 -6.02 -0.30 32.23
C LYS D 579 -7.17 0.34 31.45
N PRO D 580 -8.20 -0.44 31.04
CA PRO D 580 -9.35 0.10 30.33
C PRO D 580 -10.19 1.11 31.13
N ILE D 581 -10.66 2.14 30.47
CA ILE D 581 -11.62 3.14 31.02
C ILE D 581 -12.86 3.07 30.14
N GLU D 582 -13.98 2.59 30.66
CA GLU D 582 -15.20 2.42 29.84
C GLU D 582 -16.32 3.34 30.37
N MET D 583 -17.20 3.76 29.47
CA MET D 583 -18.41 4.56 29.75
C MET D 583 -19.41 3.65 30.45
N LEU D 584 -19.65 2.48 29.86
CA LEU D 584 -20.56 1.46 30.44
C LEU D 584 -19.63 0.55 31.23
C1 EDO E . 29.82 -9.69 -32.52
O1 EDO E . 28.77 -10.34 -31.81
C2 EDO E . 29.42 -9.13 -33.87
O2 EDO E . 28.22 -8.38 -33.93
H11 EDO E . 30.54 -10.34 -32.66
H12 EDO E . 30.18 -8.97 -31.97
HO1 EDO E . 29.09 -10.63 -31.07
H21 EDO E . 29.35 -9.87 -34.51
H22 EDO E . 30.16 -8.55 -34.18
HO2 EDO E . 28.14 -7.93 -33.22
#